data_2GRX
#
_entry.id   2GRX
#
_cell.length_a   234.32
_cell.length_b   91.84
_cell.length_c   138.51
_cell.angle_alpha   90.000
_cell.angle_beta   118.86
_cell.angle_gamma   90.000
#
_symmetry.space_group_name_H-M   'C 1 2 1'
#
loop_
_entity.id
_entity.type
_entity.pdbx_description
1 polymer 'Ferrichrome-iron receptor'
2 polymer 'Protein tonB'
3 branched '3-deoxy-alpha-D-manno-oct-2-ulopyranosonic acid-(2-4)-[L-glycero-alpha-D-manno-heptopyranose-(1-5)]3-deoxy-alpha-D-manno-oct-2-ulopyranosonic acid-(2-6)-2-amino-2,3-dideoxy-alpha-D-glucoyranose-(1-6)-2-amino-2,3-dideoxy-alpha-D-glucoyranose'
4 non-polymer 'PHOSPHATE ION'
5 non-polymer '3-HYDROXY-TETRADECANOIC ACID'
6 non-polymer DIPHOSPHATE
7 non-polymer 'LAURIC ACID'
8 non-polymer 2-AMINO-VINYL-PHOSPHATE
9 non-polymer FERRICROCIN-IRON
10 non-polymer 'MYRISTIC ACID'
#
loop_
_entity_poly.entity_id
_entity_poly.type
_entity_poly.pdbx_seq_one_letter_code
_entity_poly.pdbx_strand_id
1 'polypeptide(L)'
;AVEPKEDTITVTAAPAPQESAWGPAATIAARQSATGTKTDTPIQKVPQSISVVTAEEMALHQPKSVKEALSYTPGVSVGT
RGASNTYDHLIIRGFAAEGQSQNNYLNGLKLQGNFYNDAVIDPYMLERAEIMRGPVSVLYGKSSPGGLLNMVSKRPTTEP
LKEVQFKAGTDSLFQTGFDFSDSLDDDGVYSYRLTGLARSANAQQKGSEEQRYAIAPAFTWRPDDKTNFTFLSYFQNEPE
TGYYGWLPKEGTVEPLPNGKRLPTDFNEGAKNNTYSRNEKMVGYSFDHEFNDTFTVRQNLRFAENKTSQNSVYGYGVCSD
PANAYSKQCAALAPADKGHYLARKYVVDDEKLQNFSVDTQLQSKFATGDIDHTLLTGVDFMRMRNDINAWFGYDDSVPLL
NLYNPSSHHHHHHGSSVNTDFDFNAKDPANSGPYRILNKQKQTGVYVQDQAQWDKVLVTLGGRYDWADQESLNRVAGTTD
KRDDKQFTWRGGVNYLFDNGVTPYFSYSESFEPSSQVGKDGNIFAPSKGKQYEVGVKYVPEDRPIVVTGAVYNLTKTNNL
MADPEGSFFSVEGGEIRARGVEIEAKAALSASVNVVGSYTYTDAEYTTDTTYKGNTPAQVPKHMASLWADYTFFDGPLSG
LTLGTGGRYTGSSYGDPANSFKVGSYTVVDALVRYDLARVGMAGSNVALHVNNLFDREYVASCFNTYGCFWGAERQVVAT
ATFRF
;
A,B
2 'polypeptide(L)'
;GSSHHHHHHSSGLVPRGSHMSVHQVIELPAPAQPISVTMVTPADLEPPQAVQPPPEPVVEPEPEPEPIPEPPKEAPVVIE
KPKPKPKPKPKPVKKVQEQPKRDVKPVESRPASPFENTAPARLTSSTATAATSKPVTSVASGPRALSRNQPQYPARAQAL
RIEGQVKVKFDVTPDGRVDNVQILSAKPANMFEREVKNAMRRWRYEPGKPGSGIVVNILFKINGTTEIQ
;
C,D
#
# COMPACT_ATOMS: atom_id res chain seq x y z
N THR A 8 -54.87 -19.62 19.36
CA THR A 8 -55.43 -19.34 17.98
C THR A 8 -54.66 -20.04 16.84
N ILE A 9 -53.84 -19.28 16.11
CA ILE A 9 -53.10 -19.85 14.99
C ILE A 9 -51.83 -20.54 15.48
N THR A 10 -50.83 -20.70 14.61
CA THR A 10 -49.56 -21.37 14.98
C THR A 10 -48.53 -21.34 13.83
N VAL A 11 -47.24 -21.44 14.20
CA VAL A 11 -46.14 -21.47 13.22
C VAL A 11 -45.23 -22.61 13.67
N THR A 12 -44.25 -22.99 12.84
CA THR A 12 -43.34 -24.08 13.19
C THR A 12 -41.98 -23.92 12.47
N ALA A 13 -40.86 -24.12 13.19
CA ALA A 13 -39.49 -23.96 12.64
C ALA A 13 -38.63 -25.24 12.32
N ALA A 14 -37.49 -25.05 11.62
CA ALA A 14 -36.60 -26.17 11.22
C ALA A 14 -35.06 -25.95 11.41
N PRO A 15 -34.22 -26.93 10.99
CA PRO A 15 -32.74 -26.85 11.11
C PRO A 15 -31.82 -26.75 9.85
N ALA A 16 -30.50 -26.91 10.09
CA ALA A 16 -29.37 -26.87 9.12
C ALA A 16 -28.35 -25.73 9.41
N PRO A 17 -27.36 -25.96 10.32
CA PRO A 17 -26.22 -25.19 10.91
C PRO A 17 -25.10 -24.49 10.11
N GLN A 18 -24.13 -23.90 10.86
CA GLN A 18 -22.95 -23.20 10.31
C GLN A 18 -22.39 -22.01 11.12
N GLU A 19 -21.29 -22.20 11.88
CA GLU A 19 -20.68 -21.11 12.69
C GLU A 19 -19.50 -20.38 12.02
N SER A 20 -19.21 -19.16 12.46
CA SER A 20 -18.10 -18.39 11.89
C SER A 20 -16.90 -18.27 12.82
N ALA A 21 -15.73 -18.10 12.22
CA ALA A 21 -14.50 -17.98 12.98
C ALA A 21 -14.40 -16.59 13.57
N TRP A 22 -15.07 -15.66 12.91
CA TRP A 22 -15.07 -14.26 13.34
C TRP A 22 -16.37 -13.86 13.98
N GLY A 23 -17.34 -14.75 13.95
CA GLY A 23 -18.62 -14.45 14.55
C GLY A 23 -18.64 -15.02 15.94
N PRO A 24 -19.78 -15.03 16.62
CA PRO A 24 -19.86 -15.58 17.98
C PRO A 24 -19.98 -17.09 17.86
N ALA A 25 -19.71 -17.80 18.93
CA ALA A 25 -19.82 -19.25 18.89
C ALA A 25 -21.16 -19.71 19.44
N ALA A 26 -21.72 -20.77 18.84
CA ALA A 26 -23.02 -21.31 19.28
C ALA A 26 -23.07 -21.56 20.78
N THR A 27 -21.98 -22.09 21.34
CA THR A 27 -21.93 -22.36 22.77
C THR A 27 -20.58 -21.94 23.28
N ILE A 28 -20.21 -22.35 24.48
CA ILE A 28 -18.90 -21.97 25.00
C ILE A 28 -17.80 -22.79 24.37
N ALA A 29 -18.20 -23.78 23.57
CA ALA A 29 -17.24 -24.63 22.90
C ALA A 29 -17.12 -24.21 21.46
N ALA A 30 -16.17 -23.33 21.16
CA ALA A 30 -15.96 -22.85 19.80
C ALA A 30 -15.77 -24.04 18.87
N ARG A 31 -16.22 -23.92 17.63
CA ARG A 31 -16.04 -25.01 16.71
C ARG A 31 -15.10 -24.61 15.58
N GLN A 32 -15.09 -23.33 15.23
CA GLN A 32 -14.21 -22.88 14.16
C GLN A 32 -13.42 -21.64 14.50
N SER A 33 -12.12 -21.69 14.25
CA SER A 33 -11.21 -20.58 14.50
C SER A 33 -10.54 -20.24 13.22
N ALA A 34 -9.73 -19.21 13.23
CA ALA A 34 -9.02 -18.82 12.02
C ALA A 34 -7.68 -18.21 12.35
N THR A 35 -7.33 -18.19 13.63
CA THR A 35 -6.08 -17.59 14.04
C THR A 35 -4.94 -18.56 14.17
N GLY A 36 -4.97 -19.62 13.36
CA GLY A 36 -3.92 -20.61 13.39
C GLY A 36 -3.55 -20.99 11.97
N THR A 37 -4.35 -20.49 11.03
CA THR A 37 -4.18 -20.76 9.61
C THR A 37 -4.69 -19.61 8.75
N LYS A 38 -5.25 -18.59 9.39
CA LYS A 38 -5.78 -17.45 8.66
C LYS A 38 -6.87 -17.85 7.68
N THR A 39 -7.61 -18.88 8.04
CA THR A 39 -8.71 -19.36 7.24
C THR A 39 -9.81 -19.93 8.14
N ASP A 40 -11.07 -19.66 7.78
CA ASP A 40 -12.21 -20.16 8.54
C ASP A 40 -11.98 -21.65 8.52
N THR A 41 -11.67 -22.24 9.66
CA THR A 41 -11.38 -23.67 9.72
C THR A 41 -11.79 -24.33 11.01
N PRO A 42 -12.45 -25.49 10.93
CA PRO A 42 -12.88 -26.21 12.14
C PRO A 42 -11.65 -26.60 12.93
N ILE A 43 -11.69 -26.38 14.25
CA ILE A 43 -10.54 -26.67 15.10
C ILE A 43 -9.78 -27.97 14.84
N GLN A 44 -10.50 -29.08 14.70
CA GLN A 44 -9.83 -30.34 14.46
C GLN A 44 -8.88 -30.28 13.27
N LYS A 45 -9.32 -29.65 12.18
CA LYS A 45 -8.47 -29.58 10.99
C LYS A 45 -7.23 -28.71 11.12
N VAL A 46 -7.01 -28.13 12.31
CA VAL A 46 -5.84 -27.28 12.52
C VAL A 46 -4.70 -28.12 13.01
N PRO A 47 -3.60 -28.13 12.25
CA PRO A 47 -2.38 -28.88 12.53
C PRO A 47 -1.64 -28.45 13.78
N GLN A 48 -2.17 -27.46 14.49
CA GLN A 48 -1.49 -26.96 15.68
C GLN A 48 -2.43 -26.71 16.84
N SER A 49 -1.87 -26.60 18.03
CA SER A 49 -2.69 -26.37 19.22
C SER A 49 -3.40 -25.00 19.22
N ILE A 50 -4.66 -24.99 19.66
CA ILE A 50 -5.45 -23.76 19.70
C ILE A 50 -6.35 -23.73 20.94
N SER A 51 -6.91 -22.56 21.21
CA SER A 51 -7.82 -22.36 22.35
C SER A 51 -8.70 -21.16 22.02
N VAL A 52 -9.95 -21.20 22.47
CA VAL A 52 -10.86 -20.13 22.20
C VAL A 52 -11.77 -19.84 23.37
N VAL A 53 -11.46 -18.78 24.11
CA VAL A 53 -12.31 -18.41 25.22
C VAL A 53 -13.45 -17.56 24.67
N THR A 54 -14.66 -18.09 24.72
CA THR A 54 -15.83 -17.39 24.23
C THR A 54 -16.31 -16.25 25.13
N ALA A 55 -16.96 -15.29 24.47
CA ALA A 55 -17.54 -14.15 25.13
C ALA A 55 -18.53 -14.74 26.11
N GLU A 56 -19.33 -15.69 25.63
CA GLU A 56 -20.30 -16.36 26.49
C GLU A 56 -19.58 -16.84 27.75
N GLU A 57 -18.42 -17.45 27.58
CA GLU A 57 -17.67 -17.95 28.73
C GLU A 57 -17.22 -16.80 29.61
N MET A 58 -16.53 -15.83 29.02
CA MET A 58 -16.04 -14.66 29.74
C MET A 58 -17.09 -14.00 30.59
N ALA A 59 -18.17 -13.57 29.94
CA ALA A 59 -19.25 -12.90 30.65
C ALA A 59 -19.92 -13.88 31.60
N LEU A 60 -19.11 -14.54 32.41
CA LEU A 60 -19.59 -15.52 33.37
C LEU A 60 -18.68 -15.46 34.57
N HIS A 61 -17.53 -14.86 34.38
CA HIS A 61 -16.58 -14.69 35.46
C HIS A 61 -16.40 -13.19 35.60
N GLN A 62 -16.98 -12.46 34.66
CA GLN A 62 -16.92 -11.00 34.63
C GLN A 62 -15.49 -10.58 34.91
N PRO A 63 -14.57 -11.01 34.04
CA PRO A 63 -13.14 -10.70 34.17
C PRO A 63 -12.85 -9.23 33.88
N LYS A 64 -11.95 -8.65 34.65
CA LYS A 64 -11.62 -7.26 34.43
C LYS A 64 -10.62 -7.11 33.30
N SER A 65 -10.17 -8.22 32.73
CA SER A 65 -9.21 -8.18 31.63
C SER A 65 -9.05 -9.51 30.92
N VAL A 66 -8.39 -9.46 29.77
CA VAL A 66 -8.18 -10.67 28.98
C VAL A 66 -7.27 -11.66 29.69
N LYS A 67 -6.45 -11.16 30.59
CA LYS A 67 -5.58 -12.04 31.32
C LYS A 67 -6.42 -12.91 32.28
N GLU A 68 -7.28 -12.30 33.09
CA GLU A 68 -8.12 -13.06 34.03
C GLU A 68 -9.12 -13.88 33.24
N ALA A 69 -9.08 -13.75 31.91
CA ALA A 69 -10.00 -14.49 31.06
C ALA A 69 -9.33 -15.74 30.57
N LEU A 70 -8.01 -15.80 30.72
CA LEU A 70 -7.26 -16.94 30.27
C LEU A 70 -6.91 -17.82 31.43
N SER A 71 -7.54 -17.61 32.58
CA SER A 71 -7.23 -18.43 33.74
C SER A 71 -7.55 -19.92 33.58
N TYR A 72 -8.54 -20.27 32.78
CA TYR A 72 -8.86 -21.67 32.59
C TYR A 72 -8.32 -22.17 31.25
N THR A 73 -7.16 -21.66 30.86
CA THR A 73 -6.55 -22.04 29.59
C THR A 73 -5.13 -22.58 29.80
N PRO A 74 -4.86 -23.79 29.29
CA PRO A 74 -3.59 -24.52 29.36
C PRO A 74 -2.36 -23.93 28.66
N GLY A 75 -1.23 -24.01 29.37
CA GLY A 75 0.02 -23.53 28.83
C GLY A 75 0.09 -22.02 28.84
N VAL A 76 -0.59 -21.43 29.79
CA VAL A 76 -0.63 -19.99 29.90
C VAL A 76 -0.72 -19.58 31.35
N SER A 77 0.32 -18.97 31.88
CA SER A 77 0.28 -18.51 33.27
C SER A 77 -0.20 -17.08 33.24
N VAL A 78 -1.27 -16.80 33.97
CA VAL A 78 -1.81 -15.46 33.98
C VAL A 78 -1.39 -14.79 35.27
N GLY A 79 -0.24 -15.19 35.79
CA GLY A 79 0.25 -14.61 37.05
C GLY A 79 1.61 -13.94 37.02
N THR A 80 2.14 -13.72 35.82
CA THR A 80 3.42 -13.08 35.67
C THR A 80 3.58 -11.82 36.50
N ARG A 81 2.50 -11.07 36.66
CA ARG A 81 2.55 -9.84 37.45
C ARG A 81 1.55 -9.96 38.58
N GLY A 82 1.01 -11.16 38.74
CA GLY A 82 0.08 -11.44 39.81
C GLY A 82 -1.29 -10.80 39.73
N ALA A 83 -1.52 -9.83 40.61
CA ALA A 83 -2.80 -9.14 40.69
C ALA A 83 -2.82 -7.82 39.99
N SER A 84 -1.79 -7.50 39.23
CA SER A 84 -1.78 -6.26 38.48
C SER A 84 -2.40 -6.54 37.12
N ASN A 85 -3.09 -5.56 36.55
CA ASN A 85 -3.69 -5.75 35.25
C ASN A 85 -3.28 -4.65 34.30
N THR A 86 -2.18 -3.98 34.64
CA THR A 86 -1.67 -2.90 33.81
C THR A 86 -1.47 -3.44 32.39
N TYR A 87 -0.95 -4.66 32.30
CA TYR A 87 -0.71 -5.27 31.01
C TYR A 87 -1.27 -6.68 30.92
N ASP A 88 -1.52 -7.13 29.69
CA ASP A 88 -2.01 -8.47 29.42
C ASP A 88 -0.77 -9.20 29.01
N HIS A 89 0.09 -9.47 29.98
CA HIS A 89 1.37 -10.17 29.75
C HIS A 89 1.25 -11.65 30.00
N LEU A 90 1.49 -12.42 28.95
CA LEU A 90 1.36 -13.85 29.08
C LEU A 90 2.66 -14.61 28.90
N ILE A 91 2.75 -15.78 29.53
CA ILE A 91 3.90 -16.65 29.33
C ILE A 91 3.30 -17.94 28.77
N ILE A 92 3.42 -18.18 27.47
CA ILE A 92 2.86 -19.36 26.86
C ILE A 92 3.91 -20.44 26.67
N ARG A 93 3.78 -21.54 27.40
CA ARG A 93 4.74 -22.62 27.34
C ARG A 93 6.11 -22.08 27.77
N GLY A 94 6.18 -21.57 29.01
CA GLY A 94 7.42 -21.05 29.56
C GLY A 94 8.11 -19.96 28.75
N PHE A 95 7.42 -19.40 27.78
CA PHE A 95 8.05 -18.37 26.98
C PHE A 95 7.22 -17.10 26.85
N ALA A 96 7.93 -15.97 26.71
CA ALA A 96 7.32 -14.67 26.57
C ALA A 96 8.15 -13.90 25.57
N ALA A 97 7.67 -12.73 25.13
CA ALA A 97 8.43 -11.92 24.19
C ALA A 97 9.63 -11.48 25.02
N GLU A 98 10.32 -10.43 24.60
CA GLU A 98 11.46 -10.03 25.39
C GLU A 98 11.34 -8.62 25.94
N GLY A 99 11.72 -8.44 27.20
CA GLY A 99 11.68 -7.12 27.80
C GLY A 99 10.32 -6.81 28.33
N GLN A 100 9.80 -7.74 29.12
CA GLN A 100 8.48 -7.66 29.70
C GLN A 100 7.48 -7.12 28.69
N SER A 101 7.77 -7.40 27.43
CA SER A 101 6.90 -6.98 26.34
C SER A 101 5.89 -8.08 26.15
N GLN A 102 4.80 -7.81 25.45
CA GLN A 102 3.81 -8.84 25.24
C GLN A 102 3.66 -9.19 23.77
N ASN A 103 3.13 -10.37 23.48
CA ASN A 103 2.90 -10.86 22.12
C ASN A 103 1.38 -10.98 21.93
N ASN A 104 0.74 -9.88 21.61
CA ASN A 104 -0.70 -9.89 21.46
C ASN A 104 -1.19 -9.34 20.13
N TYR A 105 -2.22 -9.97 19.59
CA TYR A 105 -2.80 -9.55 18.33
C TYR A 105 -4.30 -9.26 18.53
N LEU A 106 -4.84 -8.38 17.69
CA LEU A 106 -6.24 -8.03 17.74
C LEU A 106 -6.80 -8.07 16.32
N ASN A 107 -7.81 -8.89 16.12
CA ASN A 107 -8.45 -9.05 14.81
C ASN A 107 -7.46 -9.43 13.72
N GLY A 108 -6.50 -10.29 14.07
CA GLY A 108 -5.55 -10.76 13.09
C GLY A 108 -4.34 -9.92 12.83
N LEU A 109 -4.20 -8.83 13.58
CA LEU A 109 -3.04 -7.95 13.43
C LEU A 109 -2.34 -7.78 14.76
N LYS A 110 -1.01 -7.80 14.76
CA LYS A 110 -0.27 -7.63 16.00
C LYS A 110 -0.49 -6.25 16.59
N LEU A 111 -0.50 -6.17 17.90
CA LEU A 111 -0.64 -4.89 18.59
C LEU A 111 0.77 -4.61 19.10
N GLN A 112 1.68 -4.35 18.17
CA GLN A 112 3.08 -4.10 18.50
C GLN A 112 3.26 -3.07 19.57
N GLY A 113 3.99 -3.42 20.61
CA GLY A 113 4.22 -2.46 21.67
C GLY A 113 5.71 -2.15 21.80
N ASN A 114 6.08 -1.60 22.93
CA ASN A 114 7.47 -1.32 23.15
C ASN A 114 7.74 -0.72 24.52
N PHE A 115 8.80 -1.21 25.16
CA PHE A 115 9.17 -0.69 26.44
C PHE A 115 7.96 -0.72 27.36
N TYR A 116 7.43 0.44 27.67
CA TYR A 116 6.27 0.52 28.55
C TYR A 116 5.01 0.73 27.76
N ASN A 117 5.14 1.13 26.52
CA ASN A 117 3.96 1.41 25.76
C ASN A 117 3.34 0.17 25.17
N ASP A 118 2.38 -0.41 25.90
CA ASP A 118 1.67 -1.57 25.41
C ASP A 118 0.20 -1.32 25.62
N ALA A 119 -0.61 -1.62 24.61
CA ALA A 119 -2.03 -1.38 24.71
C ALA A 119 -2.81 -2.63 25.03
N VAL A 120 -3.99 -2.44 25.59
CA VAL A 120 -4.85 -3.54 25.96
C VAL A 120 -6.30 -3.29 25.50
N ILE A 121 -7.02 -4.37 25.24
CA ILE A 121 -8.40 -4.27 24.81
C ILE A 121 -9.21 -4.87 25.94
N ASP A 122 -10.28 -4.22 26.36
CA ASP A 122 -11.09 -4.78 27.44
C ASP A 122 -11.85 -5.96 26.86
N PRO A 123 -12.11 -6.97 27.67
CA PRO A 123 -12.82 -8.13 27.14
C PRO A 123 -14.27 -7.88 26.78
N TYR A 124 -14.90 -6.92 27.45
CA TYR A 124 -16.30 -6.60 27.19
C TYR A 124 -16.50 -6.23 25.73
N MET A 125 -15.41 -5.86 25.08
CA MET A 125 -15.47 -5.46 23.69
C MET A 125 -15.13 -6.65 22.85
N LEU A 126 -14.68 -7.72 23.47
CA LEU A 126 -14.29 -8.87 22.67
C LEU A 126 -15.42 -9.85 22.41
N GLU A 127 -15.35 -10.49 21.25
CA GLU A 127 -16.31 -11.50 20.80
C GLU A 127 -15.74 -12.84 21.19
N ARG A 128 -14.42 -12.96 21.11
CA ARG A 128 -13.74 -14.18 21.48
C ARG A 128 -12.24 -13.93 21.65
N ALA A 129 -11.64 -14.62 22.61
CA ALA A 129 -10.23 -14.50 22.93
C ALA A 129 -9.48 -15.81 22.63
N GLU A 130 -8.69 -15.81 21.56
CA GLU A 130 -7.98 -17.02 21.21
C GLU A 130 -6.53 -17.00 21.60
N ILE A 131 -6.02 -18.19 21.93
CA ILE A 131 -4.63 -18.40 22.27
C ILE A 131 -4.10 -19.45 21.32
N MET A 132 -2.95 -19.19 20.68
CA MET A 132 -2.33 -20.14 19.77
C MET A 132 -0.94 -20.44 20.29
N ARG A 133 -0.78 -21.60 20.91
CA ARG A 133 0.48 -22.03 21.49
C ARG A 133 1.46 -22.66 20.48
N GLY A 134 2.74 -22.36 20.62
CA GLY A 134 3.71 -22.90 19.68
C GLY A 134 4.18 -21.84 18.70
N PRO A 135 5.23 -22.10 17.92
CA PRO A 135 5.76 -21.15 16.93
C PRO A 135 4.71 -20.72 15.92
N VAL A 136 4.79 -19.47 15.45
CA VAL A 136 3.83 -18.98 14.48
C VAL A 136 4.37 -18.06 13.39
N SER A 137 5.66 -17.84 13.38
CA SER A 137 6.24 -16.97 12.37
C SER A 137 5.80 -17.44 10.97
N VAL A 138 5.30 -18.66 10.90
CA VAL A 138 4.85 -19.21 9.63
C VAL A 138 3.69 -18.40 9.12
N LEU A 139 3.00 -17.73 10.03
CA LEU A 139 1.85 -16.94 9.63
C LEU A 139 1.87 -15.49 10.07
N TYR A 140 2.50 -15.18 11.20
CA TYR A 140 2.48 -13.81 11.67
C TYR A 140 3.78 -13.02 11.67
N GLY A 141 4.88 -13.67 11.33
CA GLY A 141 6.16 -12.97 11.33
C GLY A 141 6.88 -13.14 12.65
N LYS A 142 7.75 -12.20 12.99
CA LYS A 142 8.50 -12.32 14.22
C LYS A 142 7.59 -12.49 15.42
N SER A 143 8.04 -13.30 16.36
CA SER A 143 7.28 -13.53 17.61
C SER A 143 7.96 -14.52 18.55
N SER A 144 7.54 -14.50 19.81
CA SER A 144 8.11 -15.43 20.76
C SER A 144 7.74 -16.84 20.28
N PRO A 145 8.67 -17.81 20.45
CA PRO A 145 8.36 -19.16 20.02
C PRO A 145 7.28 -19.68 20.95
N GLY A 146 6.30 -20.37 20.40
CA GLY A 146 5.25 -20.89 21.26
C GLY A 146 4.63 -19.81 22.11
N GLY A 147 3.62 -19.14 21.53
CA GLY A 147 2.93 -18.08 22.24
C GLY A 147 2.43 -17.03 21.29
N LEU A 148 1.19 -16.60 21.50
CA LEU A 148 0.55 -15.58 20.69
C LEU A 148 -0.94 -15.46 21.03
N LEU A 149 -1.35 -14.25 21.39
CA LEU A 149 -2.75 -14.00 21.76
C LEU A 149 -3.48 -13.24 20.69
N ASN A 150 -4.56 -13.80 20.17
CA ASN A 150 -5.35 -13.09 19.17
C ASN A 150 -6.77 -12.96 19.67
N MET A 151 -7.28 -11.74 19.68
CA MET A 151 -8.63 -11.46 20.13
C MET A 151 -9.42 -10.84 19.01
N VAL A 152 -10.61 -11.38 18.74
CA VAL A 152 -11.44 -10.84 17.69
C VAL A 152 -12.39 -9.87 18.36
N SER A 153 -12.64 -8.73 17.73
CA SER A 153 -13.55 -7.74 18.31
C SER A 153 -15.03 -8.06 18.03
N LYS A 154 -15.92 -7.57 18.88
CA LYS A 154 -17.34 -7.80 18.66
C LYS A 154 -17.57 -7.09 17.36
N ARG A 155 -18.50 -7.61 16.57
CA ARG A 155 -18.81 -7.03 15.29
C ARG A 155 -20.30 -6.80 15.24
N PRO A 156 -20.78 -6.05 14.23
CA PRO A 156 -22.21 -5.80 14.13
C PRO A 156 -22.94 -7.12 13.99
N THR A 157 -24.25 -7.11 14.19
CA THR A 157 -25.04 -8.32 14.06
C THR A 157 -26.33 -7.96 13.36
N THR A 158 -26.90 -8.91 12.63
CA THR A 158 -28.14 -8.65 11.90
C THR A 158 -29.26 -8.25 12.85
N GLU A 159 -29.56 -9.12 13.81
CA GLU A 159 -30.63 -8.87 14.79
C GLU A 159 -30.26 -7.77 15.79
N PRO A 160 -31.27 -7.04 16.29
CA PRO A 160 -31.11 -5.95 17.26
C PRO A 160 -30.38 -6.39 18.51
N LEU A 161 -29.77 -5.43 19.20
CA LEU A 161 -29.09 -5.70 20.43
C LEU A 161 -29.06 -4.44 21.22
N LYS A 162 -29.77 -4.41 22.34
CA LYS A 162 -29.83 -3.23 23.20
C LYS A 162 -29.59 -3.74 24.62
N GLU A 163 -28.36 -3.61 25.10
CA GLU A 163 -28.00 -4.08 26.43
C GLU A 163 -27.12 -3.15 27.23
N VAL A 164 -27.53 -2.81 28.46
CA VAL A 164 -26.70 -1.98 29.32
C VAL A 164 -26.35 -2.87 30.48
N GLN A 165 -25.14 -2.72 31.02
CA GLN A 165 -24.74 -3.58 32.12
C GLN A 165 -24.20 -2.80 33.30
N PHE A 166 -24.58 -3.24 34.51
CA PHE A 166 -24.15 -2.58 35.75
C PHE A 166 -23.40 -3.57 36.65
N LYS A 167 -22.18 -3.20 37.05
CA LYS A 167 -21.35 -4.06 37.90
C LYS A 167 -20.86 -3.31 39.14
N ALA A 168 -21.11 -3.89 40.30
CA ALA A 168 -20.67 -3.30 41.55
C ALA A 168 -19.96 -4.40 42.33
N GLY A 169 -18.75 -4.13 42.80
CA GLY A 169 -18.02 -5.14 43.53
C GLY A 169 -17.15 -4.63 44.66
N THR A 170 -16.39 -5.55 45.25
CA THR A 170 -15.49 -5.24 46.35
C THR A 170 -14.43 -4.22 45.94
N ASP A 171 -13.61 -3.77 46.90
CA ASP A 171 -12.57 -2.77 46.63
C ASP A 171 -13.10 -1.59 45.79
N SER A 172 -14.32 -1.16 46.12
CA SER A 172 -15.01 -0.04 45.46
C SER A 172 -14.99 -0.05 43.93
N LEU A 173 -15.48 -1.14 43.36
CA LEU A 173 -15.58 -1.31 41.91
C LEU A 173 -16.95 -0.88 41.43
N PHE A 174 -16.94 -0.12 40.34
CA PHE A 174 -18.16 0.40 39.75
C PHE A 174 -18.09 0.32 38.23
N GLN A 175 -18.92 -0.50 37.61
CA GLN A 175 -18.83 -0.54 36.17
C GLN A 175 -20.17 -0.28 35.54
N THR A 176 -20.14 0.30 34.34
CA THR A 176 -21.33 0.63 33.58
C THR A 176 -20.94 0.47 32.14
N GLY A 177 -21.59 -0.47 31.46
CA GLY A 177 -21.29 -0.70 30.07
C GLY A 177 -22.53 -0.84 29.24
N PHE A 178 -22.36 -0.73 27.94
CA PHE A 178 -23.48 -0.87 27.03
C PHE A 178 -23.01 -1.41 25.68
N ASP A 179 -23.80 -2.35 25.17
CA ASP A 179 -23.51 -2.98 23.89
C ASP A 179 -24.79 -2.94 23.04
N PHE A 180 -24.80 -2.04 22.06
CA PHE A 180 -25.91 -1.87 21.14
C PHE A 180 -25.41 -2.20 19.74
N SER A 181 -26.23 -2.92 18.97
CA SER A 181 -25.90 -3.27 17.60
C SER A 181 -27.22 -3.41 16.87
N ASP A 182 -27.25 -3.05 15.58
CA ASP A 182 -28.47 -3.15 14.78
C ASP A 182 -28.27 -2.93 13.28
N SER A 183 -29.35 -3.09 12.51
CA SER A 183 -29.33 -2.90 11.05
C SER A 183 -30.10 -1.63 10.69
N LEU A 184 -29.42 -0.72 10.00
CA LEU A 184 -30.04 0.55 9.62
C LEU A 184 -31.07 0.50 8.49
N ASP A 185 -30.99 -0.50 7.61
CA ASP A 185 -31.93 -0.58 6.51
C ASP A 185 -32.81 -1.82 6.57
N ASP A 186 -33.85 -1.84 5.75
CA ASP A 186 -34.76 -2.98 5.71
C ASP A 186 -34.05 -4.24 5.21
N ASP A 187 -33.37 -4.13 4.08
CA ASP A 187 -32.67 -5.28 3.51
C ASP A 187 -31.43 -5.70 4.29
N GLY A 188 -31.31 -5.21 5.52
CA GLY A 188 -30.19 -5.56 6.38
C GLY A 188 -28.81 -5.57 5.74
N VAL A 189 -28.37 -4.41 5.27
CA VAL A 189 -27.06 -4.31 4.67
C VAL A 189 -26.16 -3.44 5.52
N TYR A 190 -26.61 -2.22 5.83
CA TYR A 190 -25.82 -1.33 6.66
C TYR A 190 -26.11 -1.64 8.11
N SER A 191 -25.12 -2.13 8.83
CA SER A 191 -25.29 -2.46 10.23
C SER A 191 -24.25 -1.69 11.03
N TYR A 192 -24.39 -1.72 12.35
CA TYR A 192 -23.45 -1.02 13.23
C TYR A 192 -23.41 -1.69 14.60
N ARG A 193 -22.48 -1.24 15.44
CA ARG A 193 -22.37 -1.77 16.79
C ARG A 193 -21.56 -0.78 17.57
N LEU A 194 -22.06 -0.46 18.76
CA LEU A 194 -21.41 0.47 19.63
C LEU A 194 -21.26 -0.15 20.97
N THR A 195 -20.02 -0.31 21.41
CA THR A 195 -19.74 -0.92 22.70
C THR A 195 -18.93 0.00 23.60
N GLY A 196 -19.39 0.19 24.82
CA GLY A 196 -18.60 1.06 25.65
C GLY A 196 -18.82 0.80 27.12
N LEU A 197 -17.89 1.29 27.93
CA LEU A 197 -18.02 1.12 29.37
C LEU A 197 -17.12 2.06 30.15
N ALA A 198 -17.51 2.26 31.41
CA ALA A 198 -16.75 3.09 32.34
C ALA A 198 -16.55 2.28 33.64
N ARG A 199 -15.30 2.14 34.05
CA ARG A 199 -15.01 1.40 35.26
C ARG A 199 -14.13 2.19 36.20
N SER A 200 -14.42 2.05 37.49
CA SER A 200 -13.66 2.71 38.53
C SER A 200 -13.47 1.66 39.62
N ALA A 201 -12.29 1.64 40.25
CA ALA A 201 -12.03 0.68 41.33
C ALA A 201 -10.69 0.92 41.97
N ASN A 202 -10.60 0.56 43.24
CA ASN A 202 -9.35 0.73 43.97
C ASN A 202 -8.55 -0.51 43.66
N ALA A 203 -7.24 -0.37 43.47
CA ALA A 203 -6.40 -1.51 43.19
C ALA A 203 -6.35 -2.31 44.49
N GLN A 204 -6.24 -3.63 44.39
CA GLN A 204 -6.21 -4.46 45.58
C GLN A 204 -5.27 -3.85 46.60
N GLN A 205 -4.23 -3.21 46.09
CA GLN A 205 -3.23 -2.56 46.92
C GLN A 205 -3.85 -1.38 47.66
N LYS A 206 -3.02 -0.45 48.11
CA LYS A 206 -3.53 0.72 48.82
C LYS A 206 -3.04 1.97 48.13
N GLY A 207 -3.84 3.03 48.18
CA GLY A 207 -3.46 4.28 47.55
C GLY A 207 -3.49 4.26 46.04
N SER A 208 -3.80 3.10 45.46
CA SER A 208 -3.87 2.98 44.00
C SER A 208 -5.25 2.59 43.50
N GLU A 209 -5.77 3.37 42.55
CA GLU A 209 -7.10 3.17 41.98
C GLU A 209 -6.94 2.90 40.51
N GLU A 210 -8.01 2.51 39.84
CA GLU A 210 -7.94 2.25 38.41
C GLU A 210 -9.27 2.56 37.75
N GLN A 211 -9.26 3.52 36.83
CA GLN A 211 -10.47 3.89 36.10
C GLN A 211 -10.23 3.76 34.60
N ARG A 212 -11.25 3.28 33.88
CA ARG A 212 -11.17 3.09 32.44
C ARG A 212 -12.47 3.39 31.75
N TYR A 213 -12.37 4.02 30.57
CA TYR A 213 -13.50 4.42 29.75
C TYR A 213 -13.12 4.03 28.35
N ALA A 214 -13.90 3.15 27.72
CA ALA A 214 -13.59 2.71 26.35
C ALA A 214 -14.83 2.50 25.48
N ILE A 215 -14.77 3.01 24.26
CA ILE A 215 -15.87 2.89 23.31
C ILE A 215 -15.37 2.26 22.03
N ALA A 216 -15.98 1.13 21.68
CA ALA A 216 -15.62 0.41 20.46
C ALA A 216 -16.71 0.54 19.42
N PRO A 217 -16.60 1.56 18.57
CA PRO A 217 -17.53 1.86 17.48
C PRO A 217 -17.16 1.01 16.27
N ALA A 218 -18.11 0.28 15.70
CA ALA A 218 -17.81 -0.56 14.53
C ALA A 218 -18.95 -0.56 13.51
N PHE A 219 -18.61 -0.35 12.25
CA PHE A 219 -19.60 -0.29 11.17
C PHE A 219 -19.39 -1.42 10.16
N THR A 220 -20.48 -1.95 9.59
CA THR A 220 -20.37 -3.03 8.60
C THR A 220 -21.22 -2.82 7.36
N TRP A 221 -20.57 -2.85 6.20
CA TRP A 221 -21.24 -2.65 4.92
C TRP A 221 -21.23 -3.96 4.13
N ARG A 222 -22.39 -4.34 3.59
CA ARG A 222 -22.49 -5.58 2.83
C ARG A 222 -23.35 -5.43 1.59
N PRO A 223 -22.83 -4.72 0.57
CA PRO A 223 -23.51 -4.45 -0.71
C PRO A 223 -24.24 -5.65 -1.30
N ASP A 224 -23.64 -6.82 -1.20
CA ASP A 224 -24.25 -8.04 -1.70
C ASP A 224 -24.15 -9.11 -0.63
N ASP A 225 -23.88 -10.35 -1.03
CA ASP A 225 -23.75 -11.43 -0.05
C ASP A 225 -22.40 -12.13 -0.19
N LYS A 226 -21.54 -11.56 -1.02
CA LYS A 226 -20.21 -12.08 -1.25
C LYS A 226 -19.23 -10.96 -0.90
N THR A 227 -19.67 -10.03 -0.06
CA THR A 227 -18.83 -8.91 0.31
C THR A 227 -19.15 -8.26 1.64
N ASN A 228 -18.10 -8.01 2.40
CA ASN A 228 -18.21 -7.39 3.70
C ASN A 228 -17.10 -6.37 3.85
N PHE A 229 -17.37 -5.34 4.66
CA PHE A 229 -16.38 -4.33 4.93
C PHE A 229 -16.71 -3.78 6.31
N THR A 230 -15.91 -4.13 7.31
CA THR A 230 -16.22 -3.65 8.63
C THR A 230 -15.22 -2.73 9.34
N PHE A 231 -15.65 -1.50 9.56
CA PHE A 231 -14.85 -0.50 10.22
C PHE A 231 -14.79 -0.87 11.68
N LEU A 232 -13.58 -1.04 12.19
CA LEU A 232 -13.36 -1.40 13.59
C LEU A 232 -12.43 -0.38 14.21
N SER A 233 -12.99 0.44 15.07
CA SER A 233 -12.26 1.48 15.75
C SER A 233 -12.35 1.13 17.20
N TYR A 234 -11.46 1.72 17.98
CA TYR A 234 -11.43 1.48 19.40
C TYR A 234 -10.65 2.61 20.04
N PHE A 235 -11.26 3.24 21.05
CA PHE A 235 -10.61 4.33 21.75
C PHE A 235 -10.76 4.07 23.22
N GLN A 236 -9.66 3.93 23.92
CA GLN A 236 -9.72 3.66 25.34
C GLN A 236 -8.84 4.57 26.13
N ASN A 237 -9.42 5.22 27.13
CA ASN A 237 -8.67 6.12 27.99
C ASN A 237 -8.71 5.69 29.45
N GLU A 238 -7.54 5.71 30.08
CA GLU A 238 -7.39 5.31 31.47
C GLU A 238 -6.57 6.32 32.24
N PRO A 239 -7.21 7.12 33.10
CA PRO A 239 -6.39 8.07 33.83
C PRO A 239 -5.55 7.36 34.89
N GLU A 240 -5.91 6.14 35.22
CA GLU A 240 -5.19 5.36 36.20
C GLU A 240 -5.26 3.89 35.84
N THR A 241 -4.11 3.23 35.84
CA THR A 241 -4.04 1.83 35.47
C THR A 241 -3.81 0.88 36.63
N GLY A 242 -3.51 1.44 37.80
CA GLY A 242 -3.33 0.61 38.97
C GLY A 242 -1.91 0.34 39.39
N TYR A 243 -1.77 -0.52 40.40
CA TYR A 243 -0.49 -0.92 40.96
C TYR A 243 0.38 -1.64 39.95
N TYR A 244 1.69 -1.60 40.17
CA TYR A 244 2.67 -2.24 39.28
C TYR A 244 4.05 -2.18 39.89
N GLY A 245 4.10 -2.24 41.21
CA GLY A 245 5.37 -2.18 41.92
C GLY A 245 5.92 -3.55 42.19
N TRP A 246 6.98 -3.60 43.01
CA TRP A 246 7.65 -4.86 43.38
C TRP A 246 7.80 -5.07 44.88
N LEU A 247 7.56 -6.29 45.32
CA LEU A 247 7.73 -6.65 46.73
C LEU A 247 8.78 -7.76 46.87
N PRO A 248 9.68 -7.59 47.84
CA PRO A 248 10.75 -8.57 48.09
C PRO A 248 10.16 -9.85 48.65
N LYS A 249 10.80 -10.97 48.35
CA LYS A 249 10.33 -12.24 48.87
C LYS A 249 10.47 -12.15 50.36
N GLU A 250 11.36 -11.25 50.79
CA GLU A 250 11.59 -11.03 52.20
C GLU A 250 10.38 -10.31 52.77
N GLY A 251 9.27 -11.01 52.84
CA GLY A 251 8.06 -10.40 53.37
C GLY A 251 6.81 -10.90 52.67
N THR A 252 7.02 -11.80 51.71
CA THR A 252 5.93 -12.39 50.95
C THR A 252 6.04 -13.90 50.93
N VAL A 253 6.89 -14.43 50.06
CA VAL A 253 7.09 -15.86 49.98
C VAL A 253 7.70 -16.32 51.28
N GLU A 254 8.79 -15.67 51.65
CA GLU A 254 9.49 -15.97 52.89
C GLU A 254 9.07 -14.91 53.91
N PRO A 255 9.04 -15.25 55.19
CA PRO A 255 8.66 -14.32 56.25
C PRO A 255 9.73 -13.27 56.54
N LEU A 256 9.38 -12.29 57.34
CA LEU A 256 10.33 -11.26 57.69
C LEU A 256 10.97 -11.65 59.01
N PRO A 257 12.13 -11.06 59.32
CA PRO A 257 12.85 -11.34 60.57
C PRO A 257 11.94 -11.33 61.80
N ASN A 258 11.06 -10.34 61.89
CA ASN A 258 10.16 -10.24 63.02
C ASN A 258 9.24 -11.44 63.03
N GLY A 259 9.14 -12.09 61.88
CA GLY A 259 8.29 -13.27 61.75
C GLY A 259 7.03 -13.09 60.92
N LYS A 260 6.51 -11.86 60.85
CA LYS A 260 5.29 -11.58 60.09
C LYS A 260 5.59 -11.25 58.64
N ARG A 261 4.58 -11.38 57.78
CA ARG A 261 4.74 -11.09 56.34
C ARG A 261 3.94 -9.85 55.99
N LEU A 262 4.32 -9.14 54.94
CA LEU A 262 3.57 -7.96 54.57
C LEU A 262 2.17 -8.35 54.15
N PRO A 263 1.18 -7.48 54.39
CA PRO A 263 -0.20 -7.80 54.01
C PRO A 263 -0.35 -7.82 52.48
N THR A 264 -1.37 -8.52 52.00
CA THR A 264 -1.61 -8.60 50.56
C THR A 264 -1.97 -7.27 49.93
N ASP A 265 -2.39 -6.30 50.74
CA ASP A 265 -2.75 -5.00 50.18
C ASP A 265 -1.63 -3.98 50.32
N PHE A 266 -0.46 -4.43 50.76
CA PHE A 266 0.68 -3.56 50.94
C PHE A 266 1.01 -2.77 49.69
N ASN A 267 1.79 -1.71 49.83
CA ASN A 267 2.20 -0.89 48.70
C ASN A 267 3.49 -0.14 49.01
N GLU A 268 4.59 -0.60 48.45
CA GLU A 268 5.88 0.05 48.66
C GLU A 268 5.96 1.35 47.87
N GLY A 269 4.84 1.76 47.28
CA GLY A 269 4.85 2.97 46.49
C GLY A 269 4.60 4.26 47.25
N ALA A 270 4.68 5.38 46.52
CA ALA A 270 4.46 6.71 47.09
C ALA A 270 3.07 7.24 46.74
N LYS A 271 2.39 7.78 47.74
CA LYS A 271 1.05 8.31 47.59
C LYS A 271 0.75 8.92 46.22
N ASN A 272 1.76 9.51 45.58
CA ASN A 272 1.55 10.16 44.29
C ASN A 272 1.98 9.44 43.02
N ASN A 273 2.17 8.13 43.10
CA ASN A 273 2.54 7.38 41.91
C ASN A 273 1.34 7.49 40.98
N THR A 274 1.60 7.54 39.69
CA THR A 274 0.52 7.63 38.71
C THR A 274 0.90 6.82 37.47
N TYR A 275 -0.11 6.25 36.81
CA TYR A 275 0.12 5.45 35.62
C TYR A 275 -1.03 5.65 34.65
N SER A 276 -0.78 6.33 33.53
CA SER A 276 -1.82 6.60 32.55
C SER A 276 -1.51 5.91 31.23
N ARG A 277 -2.55 5.62 30.46
CA ARG A 277 -2.38 4.96 29.18
C ARG A 277 -3.57 5.26 28.26
N ASN A 278 -3.27 5.93 27.17
CA ASN A 278 -4.30 6.29 26.22
C ASN A 278 -4.01 5.62 24.88
N GLU A 279 -4.98 4.83 24.41
CA GLU A 279 -4.88 4.13 23.13
C GLU A 279 -6.07 4.47 22.23
N LYS A 280 -5.79 4.76 20.98
CA LYS A 280 -6.81 5.09 20.00
C LYS A 280 -6.41 4.40 18.71
N MET A 281 -7.32 3.61 18.14
CA MET A 281 -7.00 2.88 16.92
C MET A 281 -8.19 2.77 15.96
N VAL A 282 -7.87 2.72 14.66
CA VAL A 282 -8.89 2.62 13.63
C VAL A 282 -8.43 1.71 12.50
N GLY A 283 -9.33 0.86 12.01
CA GLY A 283 -8.98 -0.03 10.93
C GLY A 283 -10.18 -0.71 10.30
N TYR A 284 -9.95 -1.52 9.27
CA TYR A 284 -11.01 -2.22 8.60
C TYR A 284 -10.68 -3.67 8.36
N SER A 285 -11.72 -4.49 8.23
CA SER A 285 -11.57 -5.90 7.95
C SER A 285 -12.39 -6.09 6.69
N PHE A 286 -11.70 -6.32 5.57
CA PHE A 286 -12.39 -6.48 4.30
C PHE A 286 -12.34 -7.94 3.87
N ASP A 287 -13.38 -8.36 3.17
CA ASP A 287 -13.52 -9.72 2.68
C ASP A 287 -14.39 -9.73 1.43
N HIS A 288 -13.93 -10.36 0.36
CA HIS A 288 -14.72 -10.42 -0.88
C HIS A 288 -14.55 -11.77 -1.60
N GLU A 289 -15.66 -12.45 -1.87
CA GLU A 289 -15.63 -13.73 -2.55
C GLU A 289 -15.97 -13.51 -4.02
N PHE A 290 -15.01 -13.75 -4.90
CA PHE A 290 -15.24 -13.56 -6.32
C PHE A 290 -16.01 -14.72 -6.93
N ASN A 291 -15.79 -15.91 -6.38
CA ASN A 291 -16.43 -17.11 -6.88
C ASN A 291 -15.94 -18.31 -6.11
N ASP A 292 -16.60 -19.44 -6.32
CA ASP A 292 -16.28 -20.68 -5.66
C ASP A 292 -14.78 -20.96 -5.51
N THR A 293 -13.92 -20.19 -6.21
CA THR A 293 -12.48 -20.42 -6.10
C THR A 293 -11.70 -19.27 -5.45
N PHE A 294 -11.82 -18.08 -6.02
CA PHE A 294 -11.08 -16.94 -5.49
C PHE A 294 -11.80 -16.07 -4.49
N THR A 295 -11.12 -15.78 -3.40
CA THR A 295 -11.66 -14.95 -2.35
C THR A 295 -10.50 -14.11 -1.84
N VAL A 296 -10.78 -12.84 -1.54
CA VAL A 296 -9.74 -11.93 -1.07
C VAL A 296 -10.12 -11.28 0.24
N ARG A 297 -9.13 -11.12 1.10
CA ARG A 297 -9.35 -10.51 2.38
C ARG A 297 -8.34 -9.42 2.56
N GLN A 298 -8.48 -8.65 3.63
CA GLN A 298 -7.56 -7.56 3.91
C GLN A 298 -7.89 -6.96 5.26
N ASN A 299 -6.90 -6.93 6.15
CA ASN A 299 -7.08 -6.38 7.47
C ASN A 299 -6.09 -5.26 7.66
N LEU A 300 -6.60 -4.07 7.92
CA LEU A 300 -5.73 -2.93 8.08
C LEU A 300 -6.05 -2.33 9.44
N ARG A 301 -5.19 -1.42 9.87
CA ARG A 301 -5.36 -0.73 11.15
C ARG A 301 -4.16 0.14 11.51
N PHE A 302 -4.46 1.29 12.08
CA PHE A 302 -3.44 2.23 12.49
C PHE A 302 -3.81 2.64 13.90
N ALA A 303 -2.82 2.85 14.74
CA ALA A 303 -3.13 3.23 16.09
C ALA A 303 -2.04 4.01 16.78
N GLU A 304 -2.45 5.02 17.52
CA GLU A 304 -1.54 5.86 18.25
C GLU A 304 -1.86 5.62 19.72
N ASN A 305 -0.83 5.34 20.51
CA ASN A 305 -1.03 5.07 21.94
C ASN A 305 -0.01 5.81 22.75
N LYS A 306 -0.44 6.26 23.94
CA LYS A 306 0.43 6.98 24.85
C LYS A 306 0.38 6.37 26.25
N THR A 307 1.46 6.53 27.01
CA THR A 307 1.55 6.00 28.36
C THR A 307 2.43 6.89 29.19
N SER A 308 1.86 7.54 30.20
CA SER A 308 2.64 8.42 31.07
C SER A 308 2.78 7.69 32.39
N GLN A 309 3.86 7.95 33.11
CA GLN A 309 4.07 7.28 34.38
C GLN A 309 5.07 7.95 35.30
N ASN A 310 4.67 8.06 36.57
CA ASN A 310 5.47 8.64 37.64
C ASN A 310 5.43 7.62 38.76
N SER A 311 6.22 6.56 38.59
CA SER A 311 6.26 5.48 39.57
C SER A 311 7.56 5.28 40.34
N VAL A 312 7.39 4.83 41.57
CA VAL A 312 8.47 4.54 42.49
C VAL A 312 8.25 3.12 42.95
N TYR A 313 8.97 2.18 42.34
CA TYR A 313 8.84 0.76 42.69
C TYR A 313 9.84 0.40 43.74
N GLY A 314 9.75 -0.83 44.24
CA GLY A 314 10.66 -1.21 45.28
C GLY A 314 11.62 -2.32 44.94
N TYR A 315 12.91 -2.01 44.92
CA TYR A 315 13.95 -2.99 44.68
C TYR A 315 14.06 -3.70 46.04
N GLY A 316 14.12 -5.02 46.05
CA GLY A 316 14.18 -5.78 47.29
C GLY A 316 14.71 -5.18 48.60
N VAL A 317 14.59 -5.93 49.69
CA VAL A 317 15.08 -5.46 50.98
C VAL A 317 16.56 -5.18 50.89
N CYS A 318 17.06 -4.40 51.84
CA CYS A 318 18.48 -3.99 51.90
C CYS A 318 19.52 -5.10 51.91
N SER A 319 19.21 -6.21 52.54
CA SER A 319 20.16 -7.32 52.59
C SER A 319 20.23 -8.10 51.28
N ASP A 320 19.66 -7.56 50.22
CA ASP A 320 19.65 -8.24 48.94
C ASP A 320 20.89 -8.02 48.08
N PRO A 321 21.40 -9.08 47.45
CA PRO A 321 22.58 -8.97 46.60
C PRO A 321 22.39 -7.87 45.54
N ALA A 322 21.14 -7.53 45.29
CA ALA A 322 20.83 -6.51 44.31
C ALA A 322 21.24 -5.14 44.81
N ASN A 323 21.21 -4.95 46.12
CA ASN A 323 21.55 -3.66 46.73
C ASN A 323 22.94 -3.57 47.34
N ALA A 324 23.80 -4.54 47.03
CA ALA A 324 25.15 -4.54 47.58
C ALA A 324 25.85 -3.18 47.43
N TYR A 325 25.76 -2.59 46.24
CA TYR A 325 26.43 -1.31 46.02
C TYR A 325 25.56 -0.12 46.43
N SER A 326 24.61 -0.37 47.33
CA SER A 326 23.71 0.68 47.80
C SER A 326 24.22 1.37 49.05
N LYS A 327 24.33 2.69 48.98
CA LYS A 327 24.80 3.46 50.12
C LYS A 327 23.73 3.56 51.21
N GLN A 328 22.62 4.20 50.88
CA GLN A 328 21.54 4.36 51.85
C GLN A 328 21.31 3.07 52.62
N CYS A 329 21.23 1.96 51.89
CA CYS A 329 21.03 0.66 52.51
C CYS A 329 22.24 0.34 53.37
N ALA A 330 23.39 0.27 52.73
CA ALA A 330 24.65 -0.04 53.39
C ALA A 330 25.13 1.13 54.26
N ALA A 331 24.48 1.29 55.41
CA ALA A 331 24.79 2.35 56.35
C ALA A 331 23.84 2.19 57.53
N LEU A 332 23.32 0.99 57.69
CA LEU A 332 22.41 0.67 58.79
C LEU A 332 22.88 -0.57 59.52
N ALA A 333 22.52 -0.70 60.80
CA ALA A 333 22.91 -1.85 61.56
C ALA A 333 22.41 -3.12 60.86
N PRO A 334 23.31 -4.06 60.58
CA PRO A 334 22.96 -5.32 59.91
C PRO A 334 21.65 -5.96 60.37
N ALA A 335 21.28 -5.73 61.63
CA ALA A 335 20.04 -6.27 62.16
C ALA A 335 18.86 -5.66 61.45
N ASP A 336 19.00 -4.38 61.09
CA ASP A 336 17.94 -3.67 60.40
C ASP A 336 17.81 -4.07 58.93
N LYS A 337 18.93 -4.11 58.22
CA LYS A 337 18.95 -4.46 56.78
C LYS A 337 17.93 -5.49 56.33
N GLY A 338 17.60 -6.44 57.20
CA GLY A 338 16.64 -7.47 56.85
C GLY A 338 15.19 -7.06 56.66
N HIS A 339 14.77 -6.01 57.36
CA HIS A 339 13.42 -5.54 57.24
C HIS A 339 13.39 -4.11 56.73
N TYR A 340 14.31 -3.79 55.83
CA TYR A 340 14.36 -2.46 55.23
C TYR A 340 14.38 -2.65 53.72
N LEU A 341 13.54 -1.89 53.04
CA LEU A 341 13.40 -2.01 51.59
C LEU A 341 14.03 -0.87 50.82
N ALA A 342 14.77 -1.22 49.77
CA ALA A 342 15.40 -0.23 48.92
C ALA A 342 14.30 0.24 47.99
N ARG A 343 14.56 1.28 47.22
CA ARG A 343 13.55 1.78 46.29
C ARG A 343 14.15 2.69 45.24
N LYS A 344 13.68 2.58 44.01
CA LYS A 344 14.17 3.41 42.92
C LYS A 344 12.90 3.92 42.26
N TYR A 345 13.01 4.70 41.21
CA TYR A 345 11.81 5.20 40.57
C TYR A 345 11.93 5.33 39.06
N VAL A 346 10.89 5.86 38.44
CA VAL A 346 10.86 6.03 37.00
C VAL A 346 9.79 7.03 36.58
N VAL A 347 10.17 7.92 35.67
CA VAL A 347 9.28 8.95 35.14
C VAL A 347 9.27 8.68 33.64
N ASP A 348 8.10 8.57 33.02
CA ASP A 348 8.09 8.25 31.60
C ASP A 348 6.93 8.74 30.74
N ASP A 349 7.25 9.38 29.62
CA ASP A 349 6.25 9.86 28.67
C ASP A 349 6.55 9.12 27.36
N GLU A 350 5.58 8.35 26.89
CA GLU A 350 5.73 7.60 25.66
C GLU A 350 4.54 7.79 24.74
N LYS A 351 4.83 7.74 23.45
CA LYS A 351 3.83 7.91 22.41
C LYS A 351 4.29 6.99 21.30
N LEU A 352 3.35 6.34 20.61
CA LEU A 352 3.74 5.44 19.51
C LEU A 352 2.62 5.26 18.53
N GLN A 353 2.99 5.04 17.27
CA GLN A 353 2.02 4.78 16.24
C GLN A 353 2.31 3.38 15.68
N ASN A 354 1.30 2.74 15.13
CA ASN A 354 1.46 1.40 14.61
C ASN A 354 0.49 1.15 13.46
N PHE A 355 1.03 0.99 12.25
CA PHE A 355 0.17 0.76 11.09
C PHE A 355 0.36 -0.65 10.68
N SER A 356 -0.65 -1.26 10.08
CA SER A 356 -0.50 -2.64 9.65
C SER A 356 -1.61 -3.11 8.75
N VAL A 357 -1.23 -3.65 7.60
CA VAL A 357 -2.20 -4.15 6.67
C VAL A 357 -1.79 -5.58 6.35
N ASP A 358 -2.75 -6.37 5.89
CA ASP A 358 -2.49 -7.75 5.52
C ASP A 358 -3.46 -8.16 4.44
N THR A 359 -2.99 -8.21 3.21
CA THR A 359 -3.83 -8.58 2.10
C THR A 359 -3.60 -10.06 1.81
N GLN A 360 -4.69 -10.83 1.86
CA GLN A 360 -4.67 -12.26 1.62
C GLN A 360 -5.44 -12.64 0.38
N LEU A 361 -5.10 -13.80 -0.18
CA LEU A 361 -5.80 -14.31 -1.34
C LEU A 361 -6.05 -15.80 -1.18
N GLN A 362 -7.26 -16.15 -0.78
CA GLN A 362 -7.67 -17.52 -0.57
C GLN A 362 -8.14 -18.09 -1.89
N SER A 363 -7.63 -19.27 -2.22
CA SER A 363 -7.96 -19.92 -3.48
C SER A 363 -8.21 -21.41 -3.31
N LYS A 364 -9.45 -21.82 -3.47
CA LYS A 364 -9.82 -23.21 -3.34
C LYS A 364 -9.93 -23.81 -4.73
N PHE A 365 -9.23 -24.92 -4.95
CA PHE A 365 -9.29 -25.58 -6.25
C PHE A 365 -9.09 -27.09 -6.15
N ALA A 366 -9.40 -27.79 -7.25
CA ALA A 366 -9.28 -29.24 -7.31
C ALA A 366 -7.99 -29.71 -7.99
N THR A 367 -7.93 -31.01 -8.22
CA THR A 367 -6.81 -31.68 -8.86
C THR A 367 -7.27 -33.13 -9.04
N GLY A 368 -6.69 -34.03 -8.25
CA GLY A 368 -7.09 -35.43 -8.33
C GLY A 368 -8.31 -35.58 -7.45
N ASP A 369 -8.18 -36.34 -6.37
CA ASP A 369 -9.29 -36.52 -5.44
C ASP A 369 -9.00 -35.63 -4.24
N ILE A 370 -7.93 -34.85 -4.34
CA ILE A 370 -7.55 -33.96 -3.26
C ILE A 370 -7.99 -32.53 -3.56
N ASP A 371 -8.57 -31.88 -2.53
CA ASP A 371 -9.03 -30.51 -2.62
C ASP A 371 -7.95 -29.61 -2.05
N HIS A 372 -7.92 -28.39 -2.56
CA HIS A 372 -6.94 -27.42 -2.11
C HIS A 372 -7.56 -26.15 -1.55
N THR A 373 -6.86 -25.58 -0.59
CA THR A 373 -7.28 -24.34 0.03
C THR A 373 -5.96 -23.60 0.20
N LEU A 374 -5.57 -22.94 -0.87
CA LEU A 374 -4.32 -22.21 -0.96
C LEU A 374 -4.43 -20.73 -0.61
N LEU A 375 -3.55 -20.31 0.29
CA LEU A 375 -3.49 -18.94 0.77
C LEU A 375 -2.16 -18.30 0.38
N THR A 376 -2.23 -17.05 -0.03
CA THR A 376 -1.06 -16.29 -0.42
C THR A 376 -1.25 -14.85 0.05
N GLY A 377 -0.28 -14.32 0.77
CA GLY A 377 -0.41 -12.97 1.27
C GLY A 377 0.87 -12.16 1.49
N VAL A 378 0.66 -10.88 1.74
CA VAL A 378 1.71 -9.92 1.98
C VAL A 378 1.37 -9.26 3.29
N ASP A 379 2.29 -9.30 4.23
CA ASP A 379 2.03 -8.68 5.52
C ASP A 379 2.98 -7.52 5.74
N PHE A 380 2.44 -6.34 6.01
CA PHE A 380 3.29 -5.21 6.30
C PHE A 380 2.96 -4.61 7.64
N MET A 381 4.00 -4.27 8.37
CA MET A 381 3.86 -3.73 9.71
C MET A 381 4.97 -2.73 10.00
N ARG A 382 4.58 -1.59 10.54
CA ARG A 382 5.54 -0.57 10.90
C ARG A 382 5.15 0.01 12.24
N MET A 383 6.12 0.25 13.10
CA MET A 383 5.81 0.85 14.38
C MET A 383 6.93 1.75 14.92
N ARG A 384 6.56 2.72 15.73
CA ARG A 384 7.52 3.66 16.29
C ARG A 384 7.04 4.07 17.65
N ASN A 385 7.94 4.09 18.60
CA ASN A 385 7.57 4.51 19.92
C ASN A 385 8.64 5.49 20.31
N ASP A 386 8.23 6.68 20.73
CA ASP A 386 9.15 7.73 21.17
C ASP A 386 9.14 7.75 22.68
N ILE A 387 10.32 7.56 23.27
CA ILE A 387 10.44 7.55 24.71
C ILE A 387 11.18 8.75 25.27
N ASN A 388 10.68 9.22 26.41
CA ASN A 388 11.29 10.30 27.15
C ASN A 388 11.14 9.85 28.60
N ALA A 389 12.03 8.98 29.03
CA ALA A 389 11.96 8.48 30.38
C ALA A 389 13.12 8.99 31.19
N TRP A 390 13.07 8.75 32.48
CA TRP A 390 14.12 9.15 33.40
C TRP A 390 14.09 8.12 34.52
N PHE A 391 15.25 7.62 34.90
CA PHE A 391 15.34 6.60 35.95
C PHE A 391 16.15 7.02 37.15
N GLY A 392 16.03 6.26 38.24
CA GLY A 392 16.76 6.52 39.48
C GLY A 392 17.46 5.26 39.92
N TYR A 393 18.64 5.36 40.52
CA TYR A 393 19.39 4.18 40.92
C TYR A 393 19.92 4.06 42.35
N ASP A 394 19.77 2.87 42.93
CA ASP A 394 20.24 2.58 44.27
C ASP A 394 19.78 3.58 45.33
N ASP A 395 20.38 4.77 45.32
CA ASP A 395 20.03 5.78 46.32
C ASP A 395 18.98 6.77 45.79
N SER A 396 18.20 6.31 44.82
CA SER A 396 17.19 7.12 44.17
C SER A 396 16.06 7.65 45.09
N VAL A 397 15.64 6.85 46.05
CA VAL A 397 14.57 7.27 46.95
C VAL A 397 14.73 6.67 48.34
N PRO A 398 14.27 7.40 49.36
CA PRO A 398 14.34 6.99 50.77
C PRO A 398 13.97 5.53 51.01
N LEU A 399 14.60 4.94 52.02
CA LEU A 399 14.34 3.55 52.37
C LEU A 399 12.91 3.38 52.85
N LEU A 400 12.64 2.26 53.52
CA LEU A 400 11.31 1.97 54.05
C LEU A 400 11.29 0.75 54.97
N ASN A 401 10.92 0.96 56.23
CA ASN A 401 10.82 -0.14 57.18
C ASN A 401 9.69 -1.02 56.67
N LEU A 402 9.34 -2.04 57.44
CA LEU A 402 8.25 -2.93 57.04
C LEU A 402 7.44 -3.30 58.28
N THR A 419 3.23 9.15 52.31
CA THR A 419 4.31 10.09 52.01
C THR A 419 4.37 10.33 50.51
N ASP A 420 4.74 11.54 50.12
CA ASP A 420 4.84 11.85 48.69
C ASP A 420 6.26 11.66 48.22
N PHE A 421 6.53 12.10 47.00
CA PHE A 421 7.86 11.92 46.44
C PHE A 421 8.12 12.90 45.31
N ASP A 422 9.06 13.83 45.52
CA ASP A 422 9.38 14.81 44.50
C ASP A 422 9.92 14.13 43.25
N PHE A 423 9.11 14.09 42.20
CA PHE A 423 9.51 13.45 40.95
C PHE A 423 10.32 14.32 40.01
N ASN A 424 10.27 15.64 40.18
CA ASN A 424 11.01 16.56 39.33
C ASN A 424 12.39 16.85 39.91
N ALA A 425 12.84 15.98 40.81
CA ALA A 425 14.15 16.10 41.45
C ALA A 425 15.25 16.00 40.41
N LYS A 426 15.30 14.88 39.71
CA LYS A 426 16.31 14.69 38.68
C LYS A 426 17.69 15.04 39.19
N ASP A 427 18.15 14.34 40.24
CA ASP A 427 19.47 14.58 40.82
C ASP A 427 20.54 13.72 40.12
N PRO A 428 21.37 14.33 39.28
CA PRO A 428 22.43 13.65 38.53
C PRO A 428 23.37 12.79 39.38
N ALA A 429 23.15 12.77 40.69
CA ALA A 429 24.00 11.97 41.55
C ALA A 429 23.43 10.55 41.68
N ASN A 430 22.14 10.42 41.43
CA ASN A 430 21.46 9.13 41.52
C ASN A 430 20.32 9.00 40.52
N SER A 431 20.33 9.83 39.49
CA SER A 431 19.28 9.80 38.49
C SER A 431 19.85 10.06 37.12
N GLY A 432 19.20 9.51 36.10
CA GLY A 432 19.67 9.72 34.75
C GLY A 432 18.55 9.78 33.73
N PRO A 433 18.86 10.24 32.52
CA PRO A 433 17.86 10.34 31.46
C PRO A 433 17.82 9.09 30.59
N TYR A 434 16.68 8.86 29.97
CA TYR A 434 16.50 7.73 29.08
C TYR A 434 15.58 8.24 27.96
N ARG A 435 16.18 8.79 26.91
CA ARG A 435 15.44 9.31 25.77
C ARG A 435 15.75 8.44 24.57
N ILE A 436 14.83 7.55 24.26
CA ILE A 436 14.98 6.61 23.18
C ILE A 436 13.87 6.71 22.12
N LEU A 437 14.23 6.43 20.88
CA LEU A 437 13.25 6.44 19.78
C LEU A 437 13.40 5.16 18.98
N ASN A 438 12.50 4.20 19.21
CA ASN A 438 12.57 2.92 18.53
C ASN A 438 11.70 2.82 17.29
N LYS A 439 12.25 2.21 16.24
CA LYS A 439 11.54 2.01 14.99
C LYS A 439 11.55 0.51 14.69
N GLN A 440 10.42 -0.02 14.26
CA GLN A 440 10.31 -1.43 13.93
C GLN A 440 9.53 -1.46 12.62
N LYS A 441 9.87 -2.38 11.73
CA LYS A 441 9.18 -2.47 10.45
C LYS A 441 9.30 -3.93 10.04
N GLN A 442 8.29 -4.45 9.36
CA GLN A 442 8.34 -5.84 8.94
C GLN A 442 7.40 -6.22 7.80
N THR A 443 7.98 -6.62 6.67
CA THR A 443 7.19 -7.05 5.53
C THR A 443 7.49 -8.53 5.40
N GLY A 444 6.47 -9.33 5.14
CA GLY A 444 6.67 -10.77 4.99
C GLY A 444 5.76 -11.27 3.91
N VAL A 445 6.12 -12.38 3.26
CA VAL A 445 5.24 -12.93 2.25
C VAL A 445 5.07 -14.38 2.60
N TYR A 446 3.96 -14.98 2.19
CA TYR A 446 3.74 -16.35 2.55
C TYR A 446 2.68 -17.06 1.73
N VAL A 447 2.78 -18.39 1.73
CA VAL A 447 1.85 -19.22 1.01
C VAL A 447 1.56 -20.42 1.90
N GLN A 448 0.33 -20.88 1.86
CA GLN A 448 -0.04 -22.02 2.67
C GLN A 448 -1.09 -22.84 1.95
N ASP A 449 -0.91 -24.15 1.95
CA ASP A 449 -1.87 -25.02 1.30
C ASP A 449 -2.47 -25.99 2.26
N GLN A 450 -3.79 -25.90 2.38
CA GLN A 450 -4.55 -26.79 3.24
C GLN A 450 -5.09 -27.88 2.31
N ALA A 451 -4.26 -28.91 2.12
CA ALA A 451 -4.61 -30.01 1.23
C ALA A 451 -5.25 -31.15 1.98
N GLN A 452 -6.44 -31.51 1.51
CA GLN A 452 -7.22 -32.61 2.08
C GLN A 452 -7.47 -33.67 1.01
N TRP A 453 -7.02 -34.89 1.30
CA TRP A 453 -7.21 -36.02 0.39
C TRP A 453 -8.26 -36.91 1.04
N ASP A 454 -9.54 -36.60 0.81
CA ASP A 454 -10.63 -37.40 1.37
C ASP A 454 -10.57 -37.56 2.89
N LYS A 455 -9.56 -38.27 3.39
CA LYS A 455 -9.42 -38.51 4.84
C LYS A 455 -8.28 -37.76 5.52
N VAL A 456 -7.23 -37.43 4.77
CA VAL A 456 -6.08 -36.73 5.35
C VAL A 456 -5.97 -35.27 4.96
N LEU A 457 -5.45 -34.49 5.92
CA LEU A 457 -5.27 -33.06 5.75
C LEU A 457 -3.83 -32.63 6.01
N VAL A 458 -3.14 -32.26 4.95
CA VAL A 458 -1.77 -31.82 5.07
C VAL A 458 -1.75 -30.31 4.90
N THR A 459 -1.26 -29.64 5.94
CA THR A 459 -1.13 -28.20 5.93
C THR A 459 0.36 -27.96 5.76
N LEU A 460 0.70 -27.15 4.76
CA LEU A 460 2.09 -26.87 4.46
C LEU A 460 2.30 -25.41 4.06
N GLY A 461 3.10 -24.67 4.81
CA GLY A 461 3.30 -23.29 4.43
C GLY A 461 4.65 -22.69 4.82
N GLY A 462 4.97 -21.56 4.22
CA GLY A 462 6.22 -20.90 4.51
C GLY A 462 6.09 -19.40 4.37
N ARG A 463 7.01 -18.68 5.00
CA ARG A 463 6.97 -17.23 4.95
C ARG A 463 8.37 -16.62 5.08
N TYR A 464 8.64 -15.62 4.25
CA TYR A 464 9.93 -14.94 4.32
C TYR A 464 9.64 -13.57 4.93
N ASP A 465 10.50 -13.13 5.86
CA ASP A 465 10.34 -11.84 6.53
C ASP A 465 11.53 -10.94 6.47
N TRP A 466 11.27 -9.67 6.21
CA TRP A 466 12.32 -8.67 6.18
C TRP A 466 12.02 -7.78 7.40
N ALA A 467 12.78 -8.00 8.47
CA ALA A 467 12.57 -7.28 9.73
C ALA A 467 13.60 -6.23 10.07
N ASP A 468 13.39 -5.02 9.57
CA ASP A 468 14.30 -3.91 9.85
C ASP A 468 13.92 -3.20 11.17
N GLN A 469 14.93 -2.91 11.98
CA GLN A 469 14.72 -2.23 13.24
C GLN A 469 15.80 -1.17 13.36
N GLU A 470 15.53 -0.13 14.12
CA GLU A 470 16.46 0.97 14.28
C GLU A 470 16.20 1.62 15.63
N SER A 471 17.26 1.92 16.37
CA SER A 471 17.09 2.55 17.68
C SER A 471 18.00 3.74 17.86
N LEU A 472 17.41 4.88 18.19
CA LEU A 472 18.14 6.12 18.41
C LEU A 472 18.26 6.42 19.88
N ASN A 473 19.49 6.57 20.35
CA ASN A 473 19.72 6.89 21.74
C ASN A 473 19.88 8.38 21.80
N ARG A 474 18.76 9.09 21.90
CA ARG A 474 18.77 10.55 21.93
C ARG A 474 19.80 11.15 22.92
N VAL A 475 19.91 10.57 24.11
CA VAL A 475 20.85 11.10 25.10
C VAL A 475 22.26 10.56 24.89
N ALA A 476 22.64 10.34 23.64
CA ALA A 476 23.97 9.80 23.36
C ALA A 476 24.33 9.88 21.89
N GLY A 477 23.37 10.22 21.04
CA GLY A 477 23.65 10.29 19.61
C GLY A 477 23.86 8.88 19.06
N THR A 478 24.02 7.93 19.98
CA THR A 478 24.22 6.53 19.66
C THR A 478 22.98 6.03 18.92
N THR A 479 23.20 5.45 17.76
CA THR A 479 22.09 4.93 16.96
C THR A 479 22.45 3.61 16.27
N ASP A 480 21.98 2.51 16.86
CA ASP A 480 22.24 1.16 16.35
C ASP A 480 21.02 0.63 15.62
N LYS A 481 21.20 0.00 14.45
CA LYS A 481 20.08 -0.53 13.69
C LYS A 481 20.42 -1.87 13.03
N ARG A 482 19.42 -2.55 12.47
CA ARG A 482 19.65 -3.85 11.85
C ARG A 482 18.50 -4.38 11.00
N ASP A 483 18.83 -5.13 9.95
CA ASP A 483 17.84 -5.71 9.05
C ASP A 483 17.97 -7.23 9.03
N ASP A 484 16.85 -7.94 9.07
CA ASP A 484 16.91 -9.40 9.07
C ASP A 484 16.12 -10.04 7.94
N LYS A 485 16.65 -11.17 7.47
CA LYS A 485 16.02 -11.95 6.43
C LYS A 485 15.83 -13.35 7.01
N GLN A 486 14.60 -13.68 7.37
CA GLN A 486 14.35 -14.98 7.95
C GLN A 486 13.25 -15.76 7.24
N PHE A 487 13.51 -17.05 7.05
CA PHE A 487 12.54 -17.92 6.44
C PHE A 487 12.06 -18.82 7.52
N THR A 488 10.75 -18.99 7.57
CA THR A 488 10.15 -19.85 8.56
C THR A 488 9.01 -20.62 7.91
N TRP A 489 8.94 -21.92 8.18
CA TRP A 489 7.89 -22.75 7.60
C TRP A 489 7.18 -23.65 8.62
N ARG A 490 6.18 -24.40 8.14
CA ARG A 490 5.42 -25.30 9.00
C ARG A 490 4.75 -26.43 8.22
N GLY A 491 4.68 -27.60 8.87
CA GLY A 491 4.06 -28.75 8.25
C GLY A 491 3.30 -29.61 9.25
N GLY A 492 2.17 -30.15 8.81
CA GLY A 492 1.40 -30.99 9.70
C GLY A 492 0.43 -31.90 8.97
N VAL A 493 -0.11 -32.86 9.72
CA VAL A 493 -1.07 -33.80 9.16
C VAL A 493 -2.17 -34.09 10.17
N ASN A 494 -3.38 -34.22 9.65
CA ASN A 494 -4.57 -34.49 10.44
C ASN A 494 -5.39 -35.62 9.84
N TYR A 495 -5.62 -36.68 10.61
CA TYR A 495 -6.45 -37.78 10.11
C TYR A 495 -7.89 -37.60 10.63
N LEU A 496 -8.81 -37.45 9.71
CA LEU A 496 -10.20 -37.20 10.03
C LEU A 496 -11.19 -38.34 10.27
N PHE A 497 -11.08 -39.02 11.40
CA PHE A 497 -12.01 -40.10 11.68
C PHE A 497 -13.38 -39.48 11.54
N ASP A 498 -14.20 -40.01 10.64
CA ASP A 498 -15.54 -39.47 10.42
C ASP A 498 -16.42 -39.45 11.67
N ASN A 499 -15.84 -39.74 12.83
CA ASN A 499 -16.60 -39.73 14.07
C ASN A 499 -16.21 -38.51 14.86
N GLY A 500 -15.23 -37.77 14.34
CA GLY A 500 -14.74 -36.58 15.02
C GLY A 500 -13.27 -36.66 15.34
N VAL A 501 -12.94 -37.36 16.43
CA VAL A 501 -11.57 -37.53 16.88
C VAL A 501 -10.57 -37.34 15.76
N THR A 502 -9.59 -36.47 15.98
CA THR A 502 -8.60 -36.19 14.97
C THR A 502 -7.20 -36.20 15.55
N PRO A 503 -6.37 -37.16 15.10
CA PRO A 503 -4.99 -37.29 15.56
C PRO A 503 -4.17 -36.50 14.56
N TYR A 504 -3.06 -35.95 15.03
CA TYR A 504 -2.21 -35.14 14.17
C TYR A 504 -0.84 -34.93 14.80
N PHE A 505 0.04 -34.34 14.00
CA PHE A 505 1.38 -33.99 14.44
C PHE A 505 1.83 -32.89 13.49
N SER A 506 2.71 -32.01 13.97
CA SER A 506 3.20 -30.92 13.14
C SER A 506 4.53 -30.34 13.58
N TYR A 507 5.21 -29.74 12.63
CA TYR A 507 6.48 -29.11 12.86
C TYR A 507 6.27 -27.64 12.56
N SER A 508 6.60 -26.80 13.54
CA SER A 508 6.45 -25.36 13.40
C SER A 508 7.71 -24.55 13.77
N GLU A 509 8.00 -23.53 12.94
CA GLU A 509 9.14 -22.65 13.14
C GLU A 509 8.77 -21.26 13.66
N SER A 510 9.74 -20.58 14.28
CA SER A 510 9.53 -19.23 14.82
C SER A 510 10.86 -18.50 14.87
N PHE A 511 10.80 -17.19 15.14
CA PHE A 511 11.98 -16.36 15.24
C PHE A 511 11.64 -14.96 15.72
N GLU A 512 12.52 -14.40 16.56
CA GLU A 512 12.32 -13.05 17.08
C GLU A 512 13.66 -12.37 17.19
N PRO A 513 13.79 -11.19 16.57
CA PRO A 513 15.05 -10.45 16.60
C PRO A 513 15.36 -9.86 17.96
N SER A 514 16.63 -9.53 18.18
CA SER A 514 17.06 -8.97 19.45
C SER A 514 17.24 -7.48 19.32
N SER A 515 16.89 -6.78 20.38
CA SER A 515 17.00 -5.33 20.42
C SER A 515 18.28 -4.94 21.16
N GLN A 516 18.97 -5.92 21.74
CA GLN A 516 20.19 -5.65 22.49
C GLN A 516 21.43 -5.65 21.60
N VAL A 517 22.45 -4.94 22.08
CA VAL A 517 23.72 -4.81 21.35
C VAL A 517 24.80 -5.65 22.02
N GLY A 518 25.77 -6.12 21.22
CA GLY A 518 26.85 -6.93 21.74
C GLY A 518 28.15 -6.17 21.95
N LYS A 519 29.22 -6.87 22.27
CA LYS A 519 30.51 -6.22 22.50
C LYS A 519 31.05 -5.65 21.19
N ASP A 520 30.53 -6.17 20.07
CA ASP A 520 30.95 -5.71 18.75
C ASP A 520 30.26 -4.40 18.39
N GLY A 521 29.18 -4.09 19.09
CA GLY A 521 28.47 -2.86 18.83
C GLY A 521 27.32 -3.05 17.86
N ASN A 522 26.95 -4.31 17.63
CA ASN A 522 25.87 -4.65 16.71
C ASN A 522 24.79 -5.46 17.41
N ILE A 523 23.54 -5.28 17.01
CA ILE A 523 22.42 -6.01 17.61
C ILE A 523 22.54 -7.48 17.24
N PHE A 524 22.28 -8.35 18.21
CA PHE A 524 22.39 -9.80 18.01
C PHE A 524 21.50 -10.39 16.92
N ALA A 525 21.78 -11.64 16.56
CA ALA A 525 21.00 -12.34 15.55
C ALA A 525 19.66 -12.77 16.14
N PRO A 526 18.63 -12.88 15.29
CA PRO A 526 17.32 -13.29 15.76
C PRO A 526 17.40 -14.66 16.41
N SER A 527 16.69 -14.87 17.52
CA SER A 527 16.70 -16.17 18.17
C SER A 527 15.73 -17.01 17.37
N LYS A 528 15.86 -18.32 17.44
CA LYS A 528 14.96 -19.19 16.68
C LYS A 528 14.18 -20.15 17.54
N GLY A 529 13.01 -20.55 17.03
CA GLY A 529 12.16 -21.45 17.77
C GLY A 529 11.67 -22.60 16.94
N LYS A 530 12.02 -23.81 17.35
CA LYS A 530 11.60 -25.02 16.66
C LYS A 530 10.71 -25.82 17.61
N GLN A 531 9.70 -26.48 17.06
CA GLN A 531 8.77 -27.23 17.87
C GLN A 531 8.11 -28.35 17.09
N TYR A 532 8.03 -29.51 17.75
CA TYR A 532 7.41 -30.71 17.20
C TYR A 532 6.27 -30.96 18.16
N GLU A 533 5.13 -31.39 17.64
CA GLU A 533 4.00 -31.65 18.52
C GLU A 533 3.19 -32.82 17.99
N VAL A 534 2.58 -33.55 18.93
CA VAL A 534 1.72 -34.67 18.61
C VAL A 534 0.46 -34.63 19.49
N GLY A 535 -0.70 -34.85 18.88
CA GLY A 535 -1.92 -34.85 19.67
C GLY A 535 -3.18 -35.24 18.93
N VAL A 536 -4.29 -35.26 19.67
CA VAL A 536 -5.59 -35.58 19.09
C VAL A 536 -6.65 -34.59 19.58
N LYS A 537 -7.58 -34.27 18.70
CA LYS A 537 -8.67 -33.35 19.00
C LYS A 537 -10.02 -34.01 18.74
N TYR A 538 -10.90 -33.95 19.72
CA TYR A 538 -12.20 -34.54 19.53
C TYR A 538 -13.20 -33.42 19.33
N VAL A 539 -13.77 -33.35 18.12
CA VAL A 539 -14.78 -32.34 17.79
C VAL A 539 -15.89 -33.01 16.99
N PRO A 540 -16.88 -33.59 17.69
CA PRO A 540 -18.00 -34.26 17.06
C PRO A 540 -18.94 -33.36 16.25
N GLU A 541 -20.07 -33.94 15.86
CA GLU A 541 -21.07 -33.23 15.08
C GLU A 541 -22.30 -33.21 15.96
N ASP A 542 -22.61 -34.36 16.56
CA ASP A 542 -23.76 -34.50 17.44
C ASP A 542 -23.82 -33.35 18.44
N ARG A 543 -22.92 -33.38 19.42
CA ARG A 543 -22.88 -32.35 20.44
C ARG A 543 -21.78 -31.31 20.28
N PRO A 544 -21.95 -30.15 20.95
CA PRO A 544 -20.97 -29.08 20.89
C PRO A 544 -19.97 -29.38 22.01
N ILE A 545 -18.93 -30.11 21.64
CA ILE A 545 -17.87 -30.52 22.55
C ILE A 545 -16.54 -30.31 21.88
N VAL A 546 -15.49 -30.10 22.67
CA VAL A 546 -14.15 -29.92 22.11
C VAL A 546 -13.09 -30.35 23.11
N VAL A 547 -12.75 -31.63 23.06
CA VAL A 547 -11.73 -32.17 23.93
C VAL A 547 -10.48 -32.16 23.09
N THR A 548 -9.38 -31.71 23.70
CA THR A 548 -8.12 -31.63 22.99
C THR A 548 -6.96 -31.93 23.91
N GLY A 549 -6.05 -32.78 23.45
CA GLY A 549 -4.88 -33.10 24.24
C GLY A 549 -3.69 -32.98 23.32
N ALA A 550 -2.51 -32.71 23.87
CA ALA A 550 -1.33 -32.62 23.03
C ALA A 550 -0.05 -32.74 23.82
N VAL A 551 1.00 -33.19 23.15
CA VAL A 551 2.33 -33.32 23.73
C VAL A 551 3.31 -32.63 22.76
N TYR A 552 4.23 -31.85 23.31
CA TYR A 552 5.13 -31.10 22.46
C TYR A 552 6.53 -30.96 23.01
N ASN A 553 7.39 -30.44 22.14
CA ASN A 553 8.78 -30.16 22.47
C ASN A 553 9.13 -28.90 21.68
N LEU A 554 9.29 -27.81 22.41
CA LEU A 554 9.60 -26.50 21.84
C LEU A 554 10.98 -26.05 22.31
N THR A 555 11.78 -25.50 21.40
CA THR A 555 13.11 -25.02 21.79
C THR A 555 13.57 -23.75 21.07
N LYS A 556 13.90 -22.76 21.90
CA LYS A 556 14.36 -21.47 21.44
C LYS A 556 15.87 -21.64 21.37
N THR A 557 16.48 -21.20 20.26
CA THR A 557 17.92 -21.32 20.11
C THR A 557 18.52 -19.92 19.89
N ASN A 558 19.79 -19.77 20.22
CA ASN A 558 20.52 -18.50 20.09
C ASN A 558 20.00 -17.52 21.11
N ASN A 559 19.48 -18.06 22.20
CA ASN A 559 18.97 -17.23 23.25
C ASN A 559 20.22 -16.61 23.86
N LEU A 560 20.25 -15.29 24.05
CA LEU A 560 21.44 -14.64 24.61
C LEU A 560 21.73 -15.08 26.03
N MET A 561 23.02 -15.22 26.36
CA MET A 561 23.46 -15.60 27.70
C MET A 561 24.68 -14.77 28.05
N ALA A 562 25.07 -14.77 29.33
CA ALA A 562 26.22 -14.00 29.79
C ALA A 562 27.58 -14.30 29.12
N ASP A 563 28.49 -13.33 29.20
CA ASP A 563 29.83 -13.46 28.64
C ASP A 563 30.72 -14.24 29.59
N PRO A 564 31.31 -15.37 29.12
CA PRO A 564 32.18 -16.17 29.98
C PRO A 564 33.40 -15.36 30.39
N GLU A 565 33.89 -14.53 29.46
CA GLU A 565 35.05 -13.67 29.70
C GLU A 565 34.63 -12.47 30.53
N GLY A 566 33.82 -12.71 31.56
CA GLY A 566 33.34 -11.65 32.44
C GLY A 566 33.18 -10.29 31.80
N SER A 567 31.97 -9.94 31.39
CA SER A 567 31.72 -8.65 30.76
C SER A 567 30.32 -8.12 31.06
N PHE A 568 30.06 -6.89 30.65
CA PHE A 568 28.77 -6.27 30.88
C PHE A 568 27.87 -6.47 29.66
N PHE A 569 28.36 -7.26 28.70
CA PHE A 569 27.64 -7.57 27.48
C PHE A 569 27.19 -9.03 27.52
N SER A 570 26.15 -9.35 26.76
CA SER A 570 25.65 -10.72 26.72
C SER A 570 26.24 -11.44 25.50
N VAL A 571 25.97 -12.74 25.37
CA VAL A 571 26.50 -13.52 24.26
C VAL A 571 25.46 -14.49 23.69
N GLU A 572 25.33 -14.54 22.36
CA GLU A 572 24.36 -15.44 21.76
C GLU A 572 24.76 -16.91 21.86
N GLY A 573 24.07 -17.76 21.10
CA GLY A 573 24.37 -19.18 21.09
C GLY A 573 23.81 -19.99 22.23
N GLY A 574 22.72 -19.52 22.83
CA GLY A 574 22.11 -20.23 23.93
C GLY A 574 20.91 -21.05 23.50
N GLU A 575 20.31 -21.75 24.44
CA GLU A 575 19.15 -22.57 24.13
C GLU A 575 18.28 -22.89 25.34
N ILE A 576 16.97 -22.80 25.15
CA ILE A 576 16.00 -23.12 26.20
C ILE A 576 15.08 -24.18 25.61
N ARG A 577 14.54 -25.03 26.48
CA ARG A 577 13.66 -26.08 26.02
C ARG A 577 12.35 -26.11 26.79
N ALA A 578 11.27 -26.24 26.03
CA ALA A 578 9.91 -26.32 26.58
C ALA A 578 9.39 -27.65 26.05
N ARG A 579 9.03 -28.53 26.98
CA ARG A 579 8.50 -29.84 26.63
C ARG A 579 7.35 -30.20 27.54
N GLY A 580 6.35 -30.89 27.01
CA GLY A 580 5.23 -31.27 27.84
C GLY A 580 3.97 -31.65 27.13
N VAL A 581 2.90 -31.77 27.90
CA VAL A 581 1.58 -32.11 27.38
C VAL A 581 0.60 -31.19 28.03
N GLU A 582 -0.56 -31.07 27.40
CA GLU A 582 -1.62 -30.24 27.89
C GLU A 582 -2.92 -30.72 27.28
N ILE A 583 -3.96 -30.76 28.11
CA ILE A 583 -5.25 -31.22 27.67
C ILE A 583 -6.36 -30.31 28.15
N GLU A 584 -7.20 -29.88 27.22
CA GLU A 584 -8.33 -29.04 27.56
C GLU A 584 -9.62 -29.69 27.05
N ALA A 585 -10.75 -29.26 27.61
CA ALA A 585 -12.06 -29.75 27.22
C ALA A 585 -13.13 -28.75 27.61
N LYS A 586 -13.94 -28.35 26.64
CA LYS A 586 -15.02 -27.41 26.88
C LYS A 586 -16.24 -28.04 26.23
N ALA A 587 -17.40 -27.98 26.89
CA ALA A 587 -18.58 -28.57 26.30
C ALA A 587 -19.92 -28.28 26.93
N ALA A 588 -20.95 -28.29 26.08
CA ALA A 588 -22.36 -28.08 26.46
C ALA A 588 -22.94 -29.46 26.64
N LEU A 589 -22.59 -30.12 27.73
CA LEU A 589 -23.06 -31.47 27.95
C LEU A 589 -24.54 -31.65 27.75
N SER A 590 -25.35 -30.91 28.48
CA SER A 590 -26.80 -31.03 28.34
C SER A 590 -27.34 -29.73 27.75
N ALA A 591 -28.22 -29.11 28.51
CA ALA A 591 -28.82 -27.85 28.11
C ALA A 591 -28.87 -27.10 29.43
N SER A 592 -28.31 -27.73 30.44
CA SER A 592 -28.30 -27.17 31.76
C SER A 592 -26.91 -27.33 32.37
N VAL A 593 -26.05 -28.04 31.67
CA VAL A 593 -24.70 -28.27 32.15
C VAL A 593 -23.65 -27.78 31.18
N ASN A 594 -22.67 -27.07 31.69
CA ASN A 594 -21.57 -26.58 30.88
C ASN A 594 -20.36 -26.91 31.74
N VAL A 595 -19.32 -27.44 31.11
CA VAL A 595 -18.12 -27.85 31.81
C VAL A 595 -16.89 -27.41 31.05
N VAL A 596 -15.93 -26.85 31.77
CA VAL A 596 -14.69 -26.39 31.17
C VAL A 596 -13.54 -26.88 32.02
N GLY A 597 -12.48 -27.37 31.38
CA GLY A 597 -11.35 -27.85 32.16
C GLY A 597 -10.07 -28.16 31.40
N SER A 598 -8.99 -28.34 32.15
CA SER A 598 -7.72 -28.66 31.53
C SER A 598 -6.64 -29.06 32.50
N TYR A 599 -5.51 -29.47 31.93
CA TYR A 599 -4.34 -29.84 32.70
C TYR A 599 -3.15 -29.37 31.88
N THR A 600 -2.11 -28.91 32.57
CA THR A 600 -0.94 -28.45 31.87
C THR A 600 0.31 -29.03 32.49
N TYR A 601 1.21 -29.51 31.65
CA TYR A 601 2.48 -30.05 32.12
C TYR A 601 3.58 -29.38 31.34
N THR A 602 4.33 -28.52 32.02
CA THR A 602 5.40 -27.80 31.36
C THR A 602 6.76 -28.07 32.02
N ASP A 603 7.67 -28.59 31.21
CA ASP A 603 9.01 -28.90 31.62
C ASP A 603 9.86 -27.89 30.86
N ALA A 604 10.37 -26.88 31.56
CA ALA A 604 11.21 -25.87 30.92
C ALA A 604 12.57 -25.92 31.55
N GLU A 605 13.60 -25.79 30.72
CA GLU A 605 14.96 -25.86 31.22
C GLU A 605 16.00 -25.27 30.27
N TYR A 606 17.01 -24.65 30.86
CA TYR A 606 18.10 -24.06 30.10
C TYR A 606 18.97 -25.22 29.68
N THR A 607 19.16 -25.35 28.38
CA THR A 607 19.96 -26.42 27.81
C THR A 607 21.40 -25.97 27.62
N THR A 608 21.57 -24.81 26.97
CA THR A 608 22.89 -24.27 26.72
C THR A 608 22.98 -22.87 27.28
N ASP A 609 23.24 -22.72 28.58
CA ASP A 609 23.37 -21.39 29.13
C ASP A 609 24.71 -21.20 29.85
N THR A 610 25.21 -19.97 29.79
CA THR A 610 26.47 -19.60 30.41
C THR A 610 26.47 -19.59 31.94
N THR A 611 25.29 -19.43 32.55
CA THR A 611 25.22 -19.38 34.01
C THR A 611 24.02 -20.08 34.65
N TYR A 612 23.02 -20.45 33.84
CA TYR A 612 21.83 -21.08 34.39
C TYR A 612 21.52 -22.46 33.84
N LYS A 613 22.50 -23.14 33.23
CA LYS A 613 22.24 -24.47 32.67
C LYS A 613 21.54 -25.34 33.69
N GLY A 614 20.71 -26.26 33.22
CA GLY A 614 20.01 -27.17 34.12
C GLY A 614 18.94 -26.55 35.02
N ASN A 615 18.69 -25.25 34.82
CA ASN A 615 17.68 -24.55 35.60
C ASN A 615 16.46 -24.24 34.74
N THR A 616 15.32 -24.10 35.41
CA THR A 616 14.04 -23.80 34.77
C THR A 616 13.76 -22.31 34.87
N PRO A 617 13.28 -21.70 33.79
CA PRO A 617 12.98 -20.28 33.76
C PRO A 617 11.97 -19.85 34.84
N ALA A 618 12.23 -18.71 35.46
CA ALA A 618 11.38 -18.21 36.52
C ALA A 618 9.96 -17.89 36.08
N GLN A 619 9.02 -18.11 37.00
CA GLN A 619 7.62 -17.84 36.78
C GLN A 619 6.80 -18.85 35.97
N VAL A 620 7.46 -19.73 35.23
CA VAL A 620 6.72 -20.73 34.51
C VAL A 620 6.60 -21.93 35.45
N PRO A 621 5.36 -22.33 35.79
CA PRO A 621 5.08 -23.46 36.68
C PRO A 621 5.16 -24.79 35.94
N LYS A 622 5.37 -25.87 36.69
CA LYS A 622 5.47 -27.20 36.08
C LYS A 622 4.10 -27.80 35.85
N HIS A 623 3.23 -27.62 36.84
CA HIS A 623 1.86 -28.13 36.78
C HIS A 623 0.77 -27.05 36.89
N MET A 624 -0.26 -27.20 36.07
CA MET A 624 -1.40 -26.32 36.06
C MET A 624 -2.65 -27.16 35.75
N ALA A 625 -3.72 -26.91 36.48
CA ALA A 625 -4.98 -27.61 36.26
C ALA A 625 -6.16 -26.68 36.49
N SER A 626 -7.26 -26.93 35.82
CA SER A 626 -8.44 -26.09 35.97
C SER A 626 -9.71 -26.88 35.65
N LEU A 627 -10.75 -26.61 36.43
CA LEU A 627 -12.03 -27.29 36.25
C LEU A 627 -13.18 -26.38 36.72
N TRP A 628 -14.21 -26.25 35.89
CA TRP A 628 -15.35 -25.42 36.24
C TRP A 628 -16.59 -25.89 35.51
N ALA A 629 -17.73 -25.80 36.21
CA ALA A 629 -19.00 -26.22 35.66
C ALA A 629 -20.13 -25.48 36.32
N ASP A 630 -21.18 -25.22 35.54
CA ASP A 630 -22.37 -24.53 36.03
C ASP A 630 -23.59 -25.34 35.63
N TYR A 631 -24.65 -25.19 36.42
CA TYR A 631 -25.89 -25.91 36.21
C TYR A 631 -27.05 -24.96 36.19
N THR A 632 -27.90 -25.08 35.19
CA THR A 632 -29.05 -24.21 35.09
C THR A 632 -30.32 -24.97 35.41
N PHE A 633 -31.26 -24.30 36.06
CA PHE A 633 -32.52 -24.93 36.40
C PHE A 633 -33.57 -24.43 35.41
N PHE A 634 -34.31 -25.35 34.79
CA PHE A 634 -35.31 -24.96 33.83
C PHE A 634 -36.74 -25.21 34.27
N ASP A 635 -36.91 -26.17 35.17
CA ASP A 635 -38.24 -26.50 35.67
C ASP A 635 -38.28 -26.20 37.17
N GLY A 636 -39.47 -26.33 37.77
CA GLY A 636 -39.59 -26.08 39.18
C GLY A 636 -39.29 -24.65 39.57
N PRO A 637 -39.41 -24.31 40.86
CA PRO A 637 -39.15 -22.97 41.41
C PRO A 637 -37.88 -22.29 40.95
N LEU A 638 -36.76 -22.99 41.09
CA LEU A 638 -35.48 -22.43 40.69
C LEU A 638 -35.33 -22.16 39.17
N SER A 639 -36.40 -22.39 38.42
CA SER A 639 -36.35 -22.19 36.99
C SER A 639 -35.67 -20.87 36.65
N GLY A 640 -34.50 -20.93 36.02
CA GLY A 640 -33.80 -19.71 35.65
C GLY A 640 -32.48 -19.54 36.38
N LEU A 641 -32.45 -20.05 37.59
CA LEU A 641 -31.26 -19.95 38.40
C LEU A 641 -30.16 -20.74 37.76
N THR A 642 -28.94 -20.27 37.91
CA THR A 642 -27.78 -20.95 37.36
C THR A 642 -26.76 -20.91 38.46
N LEU A 643 -26.13 -22.04 38.70
CA LEU A 643 -25.14 -22.12 39.73
C LEU A 643 -23.81 -22.62 39.20
N GLY A 644 -22.76 -21.80 39.35
CA GLY A 644 -21.46 -22.22 38.88
C GLY A 644 -20.42 -22.22 39.99
N THR A 645 -19.42 -23.08 39.81
CA THR A 645 -18.32 -23.20 40.74
C THR A 645 -17.12 -23.81 40.02
N GLY A 646 -15.91 -23.47 40.45
CA GLY A 646 -14.74 -24.01 39.79
C GLY A 646 -13.45 -23.78 40.55
N GLY A 647 -12.37 -24.32 40.02
CA GLY A 647 -11.10 -24.16 40.70
C GLY A 647 -9.92 -24.09 39.73
N ARG A 648 -8.87 -23.39 40.15
CA ARG A 648 -7.70 -23.27 39.31
C ARG A 648 -6.48 -23.55 40.16
N TYR A 649 -5.72 -24.58 39.77
CA TYR A 649 -4.51 -24.99 40.47
C TYR A 649 -3.25 -24.54 39.76
N THR A 650 -2.32 -23.96 40.52
CA THR A 650 -1.06 -23.50 39.95
C THR A 650 0.08 -24.12 40.74
N GLY A 651 1.00 -24.78 40.03
CA GLY A 651 2.10 -25.43 40.71
C GLY A 651 3.13 -24.48 41.25
N SER A 652 4.12 -25.00 41.98
CA SER A 652 5.18 -24.19 42.55
C SER A 652 6.09 -23.73 41.42
N SER A 653 6.83 -22.65 41.63
CA SER A 653 7.72 -22.09 40.61
C SER A 653 8.93 -21.50 41.26
N TYR A 654 9.99 -21.26 40.47
CA TYR A 654 11.21 -20.66 40.99
C TYR A 654 11.11 -19.14 40.88
N GLY A 655 11.58 -18.45 41.89
CA GLY A 655 11.47 -17.01 41.84
C GLY A 655 12.62 -16.23 41.22
N ASP A 656 13.47 -16.89 40.45
CA ASP A 656 14.60 -16.23 39.82
C ASP A 656 15.40 -17.23 39.02
N PRO A 657 16.14 -16.76 38.01
CA PRO A 657 16.96 -17.59 37.14
C PRO A 657 17.92 -18.47 37.92
N ALA A 658 18.44 -17.95 39.01
CA ALA A 658 19.36 -18.73 39.82
C ALA A 658 18.63 -19.88 40.49
N ASN A 659 17.32 -19.95 40.27
CA ASN A 659 16.48 -20.97 40.87
C ASN A 659 16.80 -21.11 42.35
N SER A 660 16.95 -19.96 43.00
CA SER A 660 17.26 -19.87 44.41
C SER A 660 16.11 -20.35 45.28
N PHE A 661 15.09 -19.51 45.43
CA PHE A 661 13.92 -19.84 46.24
C PHE A 661 12.77 -20.29 45.36
N LYS A 662 11.70 -20.78 45.96
CA LYS A 662 10.55 -21.21 45.16
C LYS A 662 9.21 -20.67 45.65
N VAL A 663 8.41 -20.20 44.70
CA VAL A 663 7.11 -19.67 45.01
C VAL A 663 6.19 -20.88 45.20
N GLY A 664 5.35 -20.81 46.24
CA GLY A 664 4.44 -21.90 46.55
C GLY A 664 3.38 -22.22 45.51
N SER A 665 2.68 -23.33 45.71
CA SER A 665 1.61 -23.76 44.83
C SER A 665 0.30 -23.32 45.47
N TYR A 666 -0.65 -22.90 44.64
CA TYR A 666 -1.93 -22.44 45.15
C TYR A 666 -3.14 -22.92 44.34
N THR A 667 -4.29 -23.00 45.01
CA THR A 667 -5.54 -23.43 44.39
C THR A 667 -6.62 -22.46 44.82
N VAL A 668 -7.31 -21.85 43.87
CA VAL A 668 -8.36 -20.92 44.23
C VAL A 668 -9.67 -21.39 43.61
N VAL A 669 -10.78 -21.00 44.22
CA VAL A 669 -12.09 -21.37 43.75
C VAL A 669 -12.93 -20.17 43.33
N ASP A 670 -13.72 -20.36 42.29
CA ASP A 670 -14.58 -19.30 41.80
C ASP A 670 -16.02 -19.77 41.89
N ALA A 671 -16.96 -18.85 41.92
CA ALA A 671 -18.36 -19.26 42.04
C ALA A 671 -19.33 -18.33 41.32
N LEU A 672 -20.48 -18.88 40.94
CA LEU A 672 -21.49 -18.15 40.21
C LEU A 672 -22.94 -18.36 40.63
N VAL A 673 -23.70 -17.27 40.70
CA VAL A 673 -25.13 -17.33 41.02
C VAL A 673 -25.84 -16.34 40.11
N ARG A 674 -26.66 -16.85 39.20
CA ARG A 674 -27.34 -16.00 38.23
C ARG A 674 -28.81 -16.30 37.96
N TYR A 675 -29.70 -15.37 38.28
CA TYR A 675 -31.12 -15.58 38.05
C TYR A 675 -31.53 -14.91 36.77
N ASP A 676 -32.25 -15.65 35.93
CA ASP A 676 -32.71 -15.15 34.65
C ASP A 676 -34.05 -14.45 34.78
N LEU A 677 -34.02 -13.12 34.75
CA LEU A 677 -35.19 -12.30 34.88
C LEU A 677 -36.28 -12.59 33.86
N ALA A 678 -36.08 -13.54 32.98
CA ALA A 678 -37.10 -13.84 31.99
C ALA A 678 -38.34 -14.42 32.68
N ARG A 679 -38.14 -14.98 33.86
CA ARG A 679 -39.25 -15.54 34.62
C ARG A 679 -40.13 -14.37 35.09
N VAL A 680 -39.73 -13.15 34.72
CA VAL A 680 -40.47 -11.95 35.10
C VAL A 680 -40.56 -10.95 33.94
N GLY A 681 -40.93 -11.47 32.78
CA GLY A 681 -41.10 -10.63 31.61
C GLY A 681 -39.86 -10.16 30.93
N MET A 682 -38.69 -10.38 31.50
CA MET A 682 -37.47 -9.91 30.85
C MET A 682 -36.49 -11.00 30.47
N ALA A 683 -36.70 -11.60 29.30
CA ALA A 683 -35.83 -12.64 28.80
C ALA A 683 -34.41 -12.10 28.73
N GLY A 684 -33.42 -12.99 28.69
CA GLY A 684 -32.04 -12.56 28.62
C GLY A 684 -31.59 -11.90 29.91
N SER A 685 -32.00 -10.65 30.11
CA SER A 685 -31.65 -9.90 31.31
C SER A 685 -31.61 -10.75 32.57
N ASN A 686 -30.52 -10.61 33.32
CA ASN A 686 -30.38 -11.35 34.56
C ASN A 686 -29.59 -10.55 35.59
N VAL A 687 -29.57 -11.07 36.81
CA VAL A 687 -28.86 -10.45 37.91
C VAL A 687 -28.02 -11.58 38.52
N ALA A 688 -26.73 -11.36 38.70
CA ALA A 688 -25.92 -12.43 39.23
C ALA A 688 -24.76 -11.98 40.08
N LEU A 689 -24.31 -12.90 40.95
CA LEU A 689 -23.16 -12.65 41.81
C LEU A 689 -22.02 -13.48 41.30
N HIS A 690 -20.88 -12.84 41.17
CA HIS A 690 -19.68 -13.51 40.70
C HIS A 690 -18.66 -13.46 41.82
N VAL A 691 -18.01 -14.57 42.09
CA VAL A 691 -17.04 -14.55 43.15
C VAL A 691 -15.77 -15.19 42.65
N ASN A 692 -14.67 -14.45 42.81
CA ASN A 692 -13.33 -14.90 42.42
C ASN A 692 -12.52 -15.12 43.68
N ASN A 693 -11.95 -16.30 43.81
CA ASN A 693 -11.19 -16.67 44.99
C ASN A 693 -12.14 -16.60 46.14
N LEU A 694 -13.01 -17.60 46.19
CA LEU A 694 -14.01 -17.71 47.22
C LEU A 694 -13.46 -17.67 48.63
N PHE A 695 -12.54 -18.58 48.94
CA PHE A 695 -11.98 -18.66 50.29
C PHE A 695 -10.86 -17.66 50.58
N ASP A 696 -10.93 -16.51 49.92
CA ASP A 696 -9.95 -15.45 50.08
C ASP A 696 -8.59 -15.98 50.50
N ARG A 697 -8.03 -16.82 49.65
CA ARG A 697 -6.73 -17.40 49.89
C ARG A 697 -5.72 -16.26 49.83
N GLU A 698 -4.67 -16.34 50.64
CA GLU A 698 -3.64 -15.31 50.65
C GLU A 698 -2.46 -15.94 49.96
N TYR A 699 -2.22 -15.61 48.70
CA TYR A 699 -1.10 -16.24 47.98
C TYR A 699 -0.24 -15.34 47.12
N VAL A 700 0.95 -15.83 46.83
CA VAL A 700 1.87 -15.10 45.98
C VAL A 700 1.80 -15.77 44.62
N ALA A 701 1.52 -14.98 43.60
CA ALA A 701 1.42 -15.48 42.24
C ALA A 701 2.78 -15.92 41.71
N SER A 702 3.79 -15.08 41.89
CA SER A 702 5.13 -15.39 41.43
C SER A 702 6.12 -14.29 41.75
N CYS A 703 7.37 -14.52 41.36
CA CYS A 703 8.44 -13.55 41.49
C CYS A 703 9.29 -13.76 40.25
N PHE A 704 9.80 -12.69 39.66
CA PHE A 704 10.62 -12.84 38.47
C PHE A 704 12.08 -12.81 38.90
N ASN A 705 12.27 -12.52 40.18
CA ASN A 705 13.59 -12.47 40.79
C ASN A 705 13.36 -12.19 42.26
N THR A 706 14.33 -12.59 43.09
CA THR A 706 14.25 -12.43 44.54
C THR A 706 13.62 -11.15 45.05
N TYR A 707 13.75 -10.09 44.26
CA TYR A 707 13.23 -8.78 44.62
C TYR A 707 11.97 -8.32 43.88
N GLY A 708 11.41 -9.19 43.04
CA GLY A 708 10.23 -8.80 42.31
C GLY A 708 9.08 -9.77 42.44
N CYS A 709 8.38 -9.70 43.57
CA CYS A 709 7.25 -10.58 43.81
C CYS A 709 5.90 -9.89 43.67
N PHE A 710 4.84 -10.68 43.60
CA PHE A 710 3.52 -10.14 43.42
C PHE A 710 2.46 -10.95 44.16
N TRP A 711 1.59 -10.28 44.89
CA TRP A 711 0.54 -10.97 45.63
C TRP A 711 -0.58 -11.38 44.71
N GLY A 712 -1.17 -12.52 44.97
CA GLY A 712 -2.28 -12.96 44.14
C GLY A 712 -3.49 -12.16 44.57
N ALA A 713 -4.51 -12.09 43.71
CA ALA A 713 -5.73 -11.36 44.03
C ALA A 713 -6.46 -11.89 45.27
N GLU A 714 -6.93 -10.98 46.13
CA GLU A 714 -7.67 -11.37 47.34
C GLU A 714 -9.10 -11.64 46.88
N ARG A 715 -9.93 -12.24 47.73
CA ARG A 715 -11.31 -12.51 47.36
C ARG A 715 -11.92 -11.27 46.73
N GLN A 716 -12.63 -11.44 45.63
CA GLN A 716 -13.20 -10.32 44.92
C GLN A 716 -14.63 -10.61 44.52
N VAL A 717 -15.59 -9.91 45.08
CA VAL A 717 -16.99 -10.14 44.74
C VAL A 717 -17.55 -9.08 43.81
N VAL A 718 -18.29 -9.52 42.80
CA VAL A 718 -18.90 -8.62 41.83
C VAL A 718 -20.36 -8.98 41.63
N ALA A 719 -21.23 -7.99 41.79
CA ALA A 719 -22.65 -8.21 41.59
C ALA A 719 -23.00 -7.48 40.31
N THR A 720 -23.70 -8.16 39.43
CA THR A 720 -24.03 -7.53 38.17
C THR A 720 -25.48 -7.61 37.78
N ALA A 721 -25.85 -6.70 36.89
CA ALA A 721 -27.19 -6.61 36.36
C ALA A 721 -27.01 -6.41 34.88
N THR A 722 -27.52 -7.37 34.10
CA THR A 722 -27.43 -7.27 32.66
C THR A 722 -28.85 -7.07 32.15
N PHE A 723 -29.04 -6.08 31.27
CA PHE A 723 -30.36 -5.81 30.71
C PHE A 723 -30.31 -5.77 29.20
N ARG A 724 -30.85 -6.80 28.57
CA ARG A 724 -30.88 -6.87 27.12
C ARG A 724 -32.28 -6.45 26.69
N PHE A 725 -32.60 -5.19 26.98
CA PHE A 725 -33.89 -4.60 26.66
C PHE A 725 -34.57 -5.23 25.46
N GLU B 19 -14.20 5.09 -30.32
CA GLU B 19 -12.74 5.13 -29.99
C GLU B 19 -12.47 5.19 -28.49
N SER B 20 -11.26 4.80 -28.11
CA SER B 20 -10.83 4.84 -26.72
C SER B 20 -9.69 5.83 -26.53
N ALA B 21 -9.59 6.37 -25.33
CA ALA B 21 -8.56 7.34 -25.01
C ALA B 21 -7.24 6.62 -24.80
N TRP B 22 -7.34 5.35 -24.43
CA TRP B 22 -6.17 4.54 -24.17
C TRP B 22 -5.93 3.54 -25.27
N GLY B 23 -6.87 3.46 -26.20
CA GLY B 23 -6.72 2.54 -27.30
C GLY B 23 -6.10 3.28 -28.46
N PRO B 24 -6.02 2.68 -29.65
CA PRO B 24 -5.44 3.33 -30.81
C PRO B 24 -6.51 4.24 -31.40
N ALA B 25 -6.10 5.20 -32.22
CA ALA B 25 -7.06 6.10 -32.82
C ALA B 25 -7.44 5.64 -34.23
N ALA B 26 -8.71 5.80 -34.59
CA ALA B 26 -9.19 5.38 -35.92
C ALA B 26 -8.33 5.91 -37.05
N THR B 27 -7.88 7.16 -36.93
CA THR B 27 -7.03 7.76 -37.95
C THR B 27 -5.94 8.54 -37.26
N ILE B 28 -5.24 9.39 -37.98
CA ILE B 28 -4.18 10.16 -37.35
C ILE B 28 -4.76 11.31 -36.55
N ALA B 29 -6.06 11.51 -36.68
CA ALA B 29 -6.72 12.57 -35.95
C ALA B 29 -7.43 11.98 -34.75
N ALA B 30 -6.76 11.96 -33.60
CA ALA B 30 -7.34 11.42 -32.38
C ALA B 30 -8.67 12.12 -32.10
N ARG B 31 -9.61 11.40 -31.51
CA ARG B 31 -10.89 12.02 -31.22
C ARG B 31 -11.11 12.11 -29.71
N GLN B 32 -10.54 11.16 -28.97
CA GLN B 32 -10.70 11.17 -27.53
C GLN B 32 -9.40 10.94 -26.76
N SER B 33 -9.16 11.83 -25.80
CA SER B 33 -7.98 11.77 -24.95
C SER B 33 -8.45 11.67 -23.52
N ALA B 34 -7.50 11.52 -22.60
CA ALA B 34 -7.85 11.43 -21.20
C ALA B 34 -6.76 12.02 -20.35
N THR B 35 -5.75 12.58 -20.98
CA THR B 35 -4.64 13.14 -20.20
C THR B 35 -4.77 14.64 -19.94
N GLY B 36 -6.01 15.11 -19.85
CA GLY B 36 -6.26 16.51 -19.58
C GLY B 36 -7.36 16.63 -18.55
N THR B 37 -7.99 15.51 -18.26
CA THR B 37 -9.08 15.45 -17.29
C THR B 37 -9.14 14.08 -16.57
N LYS B 38 -8.25 13.17 -16.96
CA LYS B 38 -8.21 11.85 -16.37
C LYS B 38 -9.51 11.11 -16.57
N THR B 39 -10.17 11.38 -17.70
CA THR B 39 -11.43 10.75 -18.05
C THR B 39 -11.53 10.61 -19.55
N ASP B 40 -12.07 9.47 -20.00
CA ASP B 40 -12.24 9.23 -21.43
C ASP B 40 -13.12 10.40 -21.86
N THR B 41 -12.57 11.30 -22.65
CA THR B 41 -13.31 12.48 -23.07
C THR B 41 -12.96 12.98 -24.46
N PRO B 42 -13.97 13.29 -25.28
CA PRO B 42 -13.74 13.79 -26.63
C PRO B 42 -12.99 15.11 -26.52
N ILE B 43 -11.95 15.28 -27.34
CA ILE B 43 -11.15 16.50 -27.29
C ILE B 43 -11.88 17.84 -27.14
N GLN B 44 -12.92 18.04 -27.93
CA GLN B 44 -13.64 19.30 -27.85
C GLN B 44 -14.09 19.61 -26.42
N LYS B 45 -14.62 18.60 -25.73
CA LYS B 45 -15.11 18.80 -24.37
C LYS B 45 -14.03 19.12 -23.33
N VAL B 46 -12.77 19.17 -23.75
CA VAL B 46 -11.69 19.47 -22.83
C VAL B 46 -11.48 20.95 -22.75
N PRO B 47 -11.64 21.52 -21.55
CA PRO B 47 -11.49 22.95 -21.26
C PRO B 47 -10.08 23.48 -21.45
N GLN B 48 -9.16 22.63 -21.86
CA GLN B 48 -7.78 23.08 -22.03
C GLN B 48 -7.14 22.56 -23.30
N SER B 49 -6.03 23.18 -23.70
CA SER B 49 -5.35 22.78 -24.93
C SER B 49 -4.74 21.38 -24.83
N ILE B 50 -4.84 20.61 -25.92
CA ILE B 50 -4.32 19.25 -25.98
C ILE B 50 -3.76 18.93 -27.37
N SER B 51 -3.02 17.84 -27.44
CA SER B 51 -2.43 17.37 -28.69
C SER B 51 -2.22 15.87 -28.57
N VAL B 52 -2.37 15.16 -29.67
CA VAL B 52 -2.20 13.72 -29.65
C VAL B 52 -1.51 13.21 -30.90
N VAL B 53 -0.23 12.89 -30.79
CA VAL B 53 0.49 12.35 -31.93
C VAL B 53 0.25 10.85 -31.97
N THR B 54 -0.46 10.39 -32.98
CA THR B 54 -0.78 8.99 -33.12
C THR B 54 0.39 8.13 -33.54
N ALA B 55 0.29 6.85 -33.17
CA ALA B 55 1.28 5.86 -33.54
C ALA B 55 1.26 5.83 -35.05
N GLU B 56 0.05 5.81 -35.62
CA GLU B 56 -0.11 5.80 -37.06
C GLU B 56 0.71 6.94 -37.63
N GLU B 57 0.60 8.12 -37.02
CA GLU B 57 1.36 9.27 -37.49
C GLU B 57 2.86 9.03 -37.33
N MET B 58 3.29 8.69 -36.13
CA MET B 58 4.70 8.45 -35.85
C MET B 58 5.35 7.48 -36.82
N ALA B 59 4.79 6.28 -36.91
CA ALA B 59 5.32 5.27 -37.79
C ALA B 59 5.13 5.70 -39.24
N LEU B 60 5.57 6.93 -39.52
CA LEU B 60 5.45 7.53 -40.84
C LEU B 60 6.64 8.43 -41.04
N HIS B 61 7.31 8.75 -39.95
CA HIS B 61 8.50 9.58 -40.00
C HIS B 61 9.58 8.74 -39.41
N GLN B 62 9.18 7.59 -38.86
CA GLN B 62 10.09 6.64 -38.23
C GLN B 62 11.05 7.40 -37.33
N PRO B 63 10.50 8.12 -36.35
CA PRO B 63 11.27 8.91 -35.39
C PRO B 63 12.09 8.04 -34.46
N LYS B 64 13.30 8.47 -34.15
CA LYS B 64 14.14 7.70 -33.26
C LYS B 64 13.79 7.99 -31.81
N SER B 65 12.85 8.90 -31.58
CA SER B 65 12.43 9.26 -30.22
C SER B 65 11.15 10.07 -30.17
N VAL B 66 10.60 10.21 -28.97
CA VAL B 66 9.36 10.95 -28.79
C VAL B 66 9.57 12.43 -29.06
N LYS B 67 10.81 12.89 -28.97
CA LYS B 67 11.08 14.28 -29.23
C LYS B 67 10.90 14.55 -30.73
N GLU B 68 11.58 13.77 -31.58
CA GLU B 68 11.46 13.94 -33.03
C GLU B 68 10.03 13.59 -33.48
N ALA B 69 9.20 13.19 -32.53
CA ALA B 69 7.82 12.82 -32.83
C ALA B 69 6.93 14.02 -32.57
N LEU B 70 7.46 14.98 -31.83
CA LEU B 70 6.68 16.16 -31.51
C LEU B 70 7.06 17.32 -32.39
N SER B 71 7.80 17.04 -33.46
CA SER B 71 8.20 18.12 -34.34
C SER B 71 7.05 18.87 -35.02
N TYR B 72 5.92 18.20 -35.28
CA TYR B 72 4.80 18.87 -35.91
C TYR B 72 3.74 19.22 -34.87
N THR B 73 4.19 19.59 -33.67
CA THR B 73 3.29 19.94 -32.58
C THR B 73 3.58 21.33 -32.03
N PRO B 74 2.55 22.19 -31.99
CA PRO B 74 2.58 23.58 -31.51
C PRO B 74 2.90 23.86 -30.05
N GLY B 75 3.73 24.87 -29.82
CA GLY B 75 4.08 25.26 -28.47
C GLY B 75 5.06 24.28 -27.85
N VAL B 76 5.86 23.67 -28.71
CA VAL B 76 6.82 22.69 -28.26
C VAL B 76 8.07 22.73 -29.11
N SER B 77 9.18 23.17 -28.53
CA SER B 77 10.42 23.20 -29.29
C SER B 77 11.13 21.89 -29.03
N VAL B 78 11.42 21.15 -30.08
CA VAL B 78 12.10 19.88 -29.91
C VAL B 78 13.57 20.06 -30.24
N GLY B 79 14.09 21.26 -30.01
CA GLY B 79 15.48 21.52 -30.32
C GLY B 79 16.35 21.99 -29.17
N THR B 80 15.83 21.91 -27.95
CA THR B 80 16.58 22.33 -26.77
C THR B 80 18.02 21.80 -26.74
N ARG B 81 18.22 20.59 -27.25
CA ARG B 81 19.55 20.01 -27.25
C ARG B 81 19.91 19.69 -28.69
N GLY B 82 19.07 20.17 -29.61
CA GLY B 82 19.32 19.99 -31.02
C GLY B 82 19.20 18.59 -31.59
N ALA B 83 20.34 18.02 -31.95
CA ALA B 83 20.40 16.69 -32.54
C ALA B 83 20.73 15.59 -31.57
N SER B 84 20.74 15.89 -30.29
CA SER B 84 21.00 14.86 -29.30
C SER B 84 19.66 14.27 -28.90
N ASN B 85 19.64 13.00 -28.58
CA ASN B 85 18.40 12.37 -28.17
C ASN B 85 18.58 11.65 -26.85
N THR B 86 19.60 12.05 -26.10
CA THR B 86 19.89 11.44 -24.80
C THR B 86 18.64 11.58 -23.94
N TYR B 87 17.98 12.74 -24.03
CA TYR B 87 16.77 12.98 -23.25
C TYR B 87 15.63 13.53 -24.11
N ASP B 88 14.41 13.32 -23.62
CA ASP B 88 13.22 13.83 -24.29
C ASP B 88 12.91 15.09 -23.49
N HIS B 89 13.71 16.12 -23.71
CA HIS B 89 13.55 17.39 -23.01
C HIS B 89 12.75 18.38 -23.83
N LEU B 90 11.62 18.80 -23.29
CA LEU B 90 10.77 19.71 -24.01
C LEU B 90 10.62 21.06 -23.35
N ILE B 91 10.33 22.07 -24.16
CA ILE B 91 10.06 23.40 -23.65
C ILE B 91 8.67 23.71 -24.18
N ILE B 92 7.66 23.62 -23.32
CA ILE B 92 6.31 23.87 -23.76
C ILE B 92 5.89 25.28 -23.35
N ARG B 93 5.65 26.12 -24.36
CA ARG B 93 5.27 27.51 -24.12
C ARG B 93 6.36 28.18 -23.31
N GLY B 94 7.56 28.22 -23.90
CA GLY B 94 8.71 28.85 -23.28
C GLY B 94 9.08 28.38 -21.89
N PHE B 95 8.50 27.28 -21.44
CA PHE B 95 8.80 26.79 -20.12
C PHE B 95 9.21 25.35 -20.07
N ALA B 96 10.07 25.04 -19.10
CA ALA B 96 10.57 23.69 -18.88
C ALA B 96 10.64 23.49 -17.36
N ALA B 97 10.90 22.26 -16.94
CA ALA B 97 11.03 21.99 -15.52
C ALA B 97 12.31 22.73 -15.14
N GLU B 98 12.91 22.40 -14.01
CA GLU B 98 14.12 23.12 -13.66
C GLU B 98 15.33 22.22 -13.54
N GLY B 99 16.47 22.70 -14.05
CA GLY B 99 17.70 21.95 -13.96
C GLY B 99 17.80 20.94 -15.07
N GLN B 100 17.55 21.40 -16.28
CA GLN B 100 17.58 20.57 -17.48
C GLN B 100 16.85 19.26 -17.24
N SER B 101 15.88 19.30 -16.32
CA SER B 101 15.08 18.14 -15.99
C SER B 101 13.90 18.16 -16.93
N GLN B 102 13.21 17.05 -17.06
CA GLN B 102 12.08 17.01 -17.96
C GLN B 102 10.77 16.75 -17.22
N ASN B 103 9.65 17.11 -17.84
CA ASN B 103 8.33 16.92 -17.25
C ASN B 103 7.60 15.91 -18.13
N ASN B 104 7.84 14.63 -17.90
CA ASN B 104 7.22 13.60 -18.71
C ASN B 104 6.47 12.55 -17.92
N TYR B 105 5.33 12.12 -18.47
CA TYR B 105 4.50 11.10 -17.84
C TYR B 105 4.31 9.94 -18.81
N LEU B 106 4.07 8.76 -18.25
CA LEU B 106 3.84 7.55 -19.04
C LEU B 106 2.63 6.83 -18.47
N ASN B 107 1.62 6.64 -19.31
CA ASN B 107 0.40 5.97 -18.91
C ASN B 107 -0.26 6.62 -17.71
N GLY B 108 -0.24 7.94 -17.65
CA GLY B 108 -0.90 8.64 -16.56
C GLY B 108 -0.11 8.85 -15.29
N LEU B 109 1.14 8.41 -15.27
CA LEU B 109 1.98 8.59 -14.10
C LEU B 109 3.27 9.29 -14.49
N LYS B 110 3.73 10.21 -13.64
CA LYS B 110 4.96 10.93 -13.92
C LYS B 110 6.17 10.01 -13.89
N LEU B 111 7.12 10.28 -14.77
CA LEU B 111 8.35 9.52 -14.81
C LEU B 111 9.38 10.44 -14.14
N GLN B 112 9.19 10.66 -12.86
CA GLN B 112 10.07 11.54 -12.10
C GLN B 112 11.52 11.24 -12.31
N GLY B 113 12.30 12.24 -12.66
CA GLY B 113 13.72 12.03 -12.84
C GLY B 113 14.51 12.87 -11.87
N ASN B 114 15.78 13.06 -12.16
CA ASN B 114 16.59 13.90 -11.30
C ASN B 114 18.02 14.03 -11.78
N PHE B 115 18.52 15.25 -11.74
CA PHE B 115 19.87 15.51 -12.14
C PHE B 115 20.08 14.94 -13.54
N TYR B 116 20.85 13.85 -13.64
CA TYR B 116 21.12 13.22 -14.92
C TYR B 116 20.26 12.00 -15.14
N ASN B 117 19.69 11.50 -14.06
CA ASN B 117 18.89 10.30 -14.19
C ASN B 117 17.49 10.54 -14.69
N ASP B 118 17.32 10.50 -15.99
CA ASP B 118 16.00 10.66 -16.59
C ASP B 118 15.79 9.53 -17.57
N ALA B 119 14.62 8.92 -17.53
CA ALA B 119 14.34 7.80 -18.41
C ALA B 119 13.52 8.20 -19.60
N VAL B 120 13.61 7.40 -20.65
CA VAL B 120 12.87 7.65 -21.88
C VAL B 120 12.23 6.37 -22.41
N ILE B 121 11.10 6.53 -23.09
CA ILE B 121 10.39 5.40 -23.66
C ILE B 121 10.52 5.54 -25.16
N ASP B 122 10.87 4.47 -25.86
CA ASP B 122 10.98 4.56 -27.31
C ASP B 122 9.57 4.68 -27.86
N PRO B 123 9.40 5.42 -28.95
CA PRO B 123 8.07 5.56 -29.52
C PRO B 123 7.47 4.30 -30.12
N TYR B 124 8.33 3.39 -30.58
CA TYR B 124 7.86 2.15 -31.18
C TYR B 124 7.01 1.38 -30.19
N MET B 125 7.18 1.69 -28.90
CA MET B 125 6.42 1.02 -27.85
C MET B 125 5.19 1.83 -27.54
N LEU B 126 5.11 3.04 -28.08
CA LEU B 126 3.97 3.88 -27.77
C LEU B 126 2.79 3.69 -28.70
N GLU B 127 1.61 3.88 -28.14
CA GLU B 127 0.35 3.77 -28.84
C GLU B 127 -0.04 5.18 -29.26
N ARG B 128 0.31 6.14 -28.42
CA ARG B 128 0.03 7.55 -28.70
C ARG B 128 0.83 8.43 -27.76
N ALA B 129 1.27 9.57 -28.29
CA ALA B 129 2.06 10.55 -27.56
C ALA B 129 1.28 11.85 -27.39
N GLU B 130 0.80 12.12 -26.18
CA GLU B 130 0.05 13.34 -25.97
C GLU B 130 0.84 14.44 -25.29
N ILE B 131 0.49 15.67 -25.65
CA ILE B 131 1.08 16.86 -25.07
C ILE B 131 -0.07 17.69 -24.51
N MET B 132 0.08 18.14 -23.27
CA MET B 132 -0.94 18.97 -22.63
C MET B 132 -0.28 20.26 -22.19
N ARG B 133 -0.52 21.33 -22.95
CA ARG B 133 0.06 22.63 -22.69
C ARG B 133 -0.70 23.46 -21.66
N GLY B 134 0.02 24.17 -20.81
CA GLY B 134 -0.63 24.97 -19.80
C GLY B 134 -0.49 24.32 -18.44
N PRO B 135 -0.84 25.00 -17.34
CA PRO B 135 -0.75 24.48 -15.98
C PRO B 135 -1.55 23.20 -15.79
N VAL B 136 -1.07 22.28 -14.95
CA VAL B 136 -1.77 21.02 -14.74
C VAL B 136 -1.77 20.48 -13.33
N SER B 137 -1.18 21.21 -12.39
CA SER B 137 -1.15 20.78 -11.00
C SER B 137 -2.56 20.41 -10.54
N VAL B 138 -3.56 20.90 -11.26
CA VAL B 138 -4.95 20.62 -10.93
C VAL B 138 -5.21 19.13 -11.01
N LEU B 139 -4.39 18.44 -11.80
CA LEU B 139 -4.58 17.01 -11.94
C LEU B 139 -3.36 16.17 -11.68
N TYR B 140 -2.16 16.70 -11.92
CA TYR B 140 -0.98 15.88 -11.70
C TYR B 140 -0.03 16.25 -10.57
N GLY B 141 -0.29 17.37 -9.90
CA GLY B 141 0.59 17.76 -8.81
C GLY B 141 1.65 18.73 -9.29
N LYS B 142 2.78 18.77 -8.58
CA LYS B 142 3.84 19.69 -8.98
C LYS B 142 4.26 19.50 -10.43
N SER B 143 4.57 20.59 -11.10
CA SER B 143 5.03 20.54 -12.48
C SER B 143 5.33 21.91 -13.06
N SER B 144 6.04 21.96 -14.17
CA SER B 144 6.33 23.23 -14.81
C SER B 144 4.98 23.81 -15.28
N PRO B 145 4.80 25.13 -15.17
CA PRO B 145 3.55 25.73 -15.61
C PRO B 145 3.50 25.58 -17.10
N GLY B 146 2.34 25.25 -17.65
CA GLY B 146 2.24 25.10 -19.08
C GLY B 146 3.28 24.14 -19.64
N GLY B 147 2.95 22.85 -19.62
CA GLY B 147 3.88 21.86 -20.11
C GLY B 147 3.71 20.55 -19.39
N LEU B 148 3.71 19.47 -20.16
CA LEU B 148 3.56 18.12 -19.64
C LEU B 148 3.36 17.11 -20.76
N LEU B 149 4.21 16.09 -20.81
CA LEU B 149 4.15 15.05 -21.83
C LEU B 149 3.62 13.74 -21.27
N ASN B 150 2.53 13.25 -21.84
CA ASN B 150 2.02 11.96 -21.39
C ASN B 150 1.95 11.03 -22.58
N MET B 151 2.54 9.86 -22.42
CA MET B 151 2.55 8.87 -23.49
C MET B 151 1.88 7.60 -22.99
N VAL B 152 0.94 7.08 -23.77
CA VAL B 152 0.25 5.86 -23.41
C VAL B 152 1.01 4.74 -24.08
N SER B 153 1.19 3.61 -23.39
CA SER B 153 1.91 2.48 -23.97
C SER B 153 0.99 1.60 -24.84
N LYS B 154 1.59 0.88 -25.78
CA LYS B 154 0.80 0.00 -26.62
C LYS B 154 0.24 -0.99 -25.63
N ARG B 155 -0.97 -1.46 -25.90
CA ARG B 155 -1.61 -2.42 -25.02
C ARG B 155 -2.02 -3.61 -25.84
N PRO B 156 -2.40 -4.71 -25.17
CA PRO B 156 -2.82 -5.89 -25.94
C PRO B 156 -4.00 -5.53 -26.83
N THR B 157 -4.31 -6.39 -27.78
CA THR B 157 -5.43 -6.15 -28.67
C THR B 157 -6.14 -7.48 -28.89
N THR B 158 -7.45 -7.42 -29.13
CA THR B 158 -8.22 -8.64 -29.34
C THR B 158 -7.70 -9.43 -30.53
N GLU B 159 -7.68 -8.79 -31.70
CA GLU B 159 -7.21 -9.44 -32.93
C GLU B 159 -5.69 -9.67 -32.93
N PRO B 160 -5.24 -10.72 -33.63
CA PRO B 160 -3.83 -11.08 -33.75
C PRO B 160 -2.97 -9.96 -34.30
N LEU B 161 -1.67 -10.03 -34.03
CA LEU B 161 -0.74 -9.03 -34.50
C LEU B 161 0.62 -9.68 -34.49
N LYS B 162 1.17 -9.90 -35.67
CA LYS B 162 2.48 -10.49 -35.80
C LYS B 162 3.24 -9.62 -36.78
N GLU B 163 4.08 -8.74 -36.26
CA GLU B 163 4.83 -7.83 -37.11
C GLU B 163 6.29 -7.65 -36.71
N VAL B 164 7.21 -7.82 -37.67
CA VAL B 164 8.62 -7.58 -37.40
C VAL B 164 9.00 -6.43 -38.31
N GLN B 165 9.88 -5.55 -37.85
CA GLN B 165 10.26 -4.41 -38.65
C GLN B 165 11.76 -4.25 -38.79
N PHE B 166 12.21 -3.90 -40.00
CA PHE B 166 13.63 -3.72 -40.30
C PHE B 166 13.89 -2.30 -40.79
N LYS B 167 14.83 -1.61 -40.14
CA LYS B 167 15.18 -0.24 -40.50
C LYS B 167 16.68 -0.09 -40.73
N ALA B 168 17.05 0.44 -41.88
CA ALA B 168 18.46 0.68 -42.20
C ALA B 168 18.55 2.11 -42.70
N GLY B 169 19.49 2.88 -42.17
CA GLY B 169 19.60 4.25 -42.58
C GLY B 169 21.02 4.80 -42.58
N THR B 170 21.11 6.11 -42.82
CA THR B 170 22.39 6.81 -42.87
C THR B 170 23.12 6.73 -41.51
N ASP B 171 24.34 7.26 -41.46
CA ASP B 171 25.14 7.23 -40.24
C ASP B 171 25.11 5.85 -39.56
N SER B 172 25.18 4.80 -40.39
CA SER B 172 25.17 3.40 -39.95
C SER B 172 24.11 3.02 -38.93
N LEU B 173 22.85 3.26 -39.29
CA LEU B 173 21.71 2.93 -38.46
C LEU B 173 21.17 1.55 -38.82
N PHE B 174 20.89 0.76 -37.80
CA PHE B 174 20.38 -0.58 -37.98
C PHE B 174 19.30 -0.87 -36.94
N GLN B 175 18.07 -1.06 -37.37
CA GLN B 175 17.06 -1.35 -36.38
C GLN B 175 16.31 -2.62 -36.72
N THR B 176 15.84 -3.29 -35.68
CA THR B 176 15.11 -4.53 -35.80
C THR B 176 14.12 -4.55 -34.64
N GLY B 177 12.83 -4.51 -34.98
CA GLY B 177 11.83 -4.52 -33.93
C GLY B 177 10.72 -5.50 -34.22
N PHE B 178 9.92 -5.79 -33.22
CA PHE B 178 8.82 -6.70 -33.40
C PHE B 178 7.71 -6.40 -32.43
N ASP B 179 6.49 -6.43 -32.95
CA ASP B 179 5.31 -6.15 -32.15
C ASP B 179 4.29 -7.28 -32.38
N PHE B 180 4.18 -8.15 -31.39
CA PHE B 180 3.25 -9.27 -31.40
C PHE B 180 2.23 -9.08 -30.29
N SER B 181 0.96 -9.35 -30.58
CA SER B 181 -0.12 -9.24 -29.61
C SER B 181 -1.17 -10.23 -30.01
N ASP B 182 -1.85 -10.84 -29.04
CA ASP B 182 -2.90 -11.83 -29.33
C ASP B 182 -3.73 -12.23 -28.10
N SER B 183 -4.75 -13.06 -28.34
CA SER B 183 -5.64 -13.55 -27.29
C SER B 183 -5.37 -15.04 -27.04
N LEU B 184 -5.04 -15.39 -25.80
CA LEU B 184 -4.72 -16.77 -25.43
C LEU B 184 -5.90 -17.74 -25.36
N ASP B 185 -7.10 -17.23 -25.12
CA ASP B 185 -8.25 -18.13 -25.01
C ASP B 185 -9.29 -17.87 -26.10
N ASP B 186 -10.25 -18.78 -26.22
CA ASP B 186 -11.30 -18.66 -27.21
C ASP B 186 -12.19 -17.44 -26.93
N ASP B 187 -12.69 -17.34 -25.70
CA ASP B 187 -13.57 -16.23 -25.33
C ASP B 187 -12.85 -14.89 -25.22
N GLY B 188 -11.64 -14.82 -25.76
CA GLY B 188 -10.86 -13.59 -25.76
C GLY B 188 -10.84 -12.80 -24.46
N VAL B 189 -10.28 -13.40 -23.42
CA VAL B 189 -10.19 -12.72 -22.14
C VAL B 189 -8.73 -12.47 -21.79
N TYR B 190 -7.92 -13.52 -21.80
CA TYR B 190 -6.50 -13.36 -21.51
C TYR B 190 -5.79 -12.97 -22.80
N SER B 191 -5.26 -11.76 -22.83
CA SER B 191 -4.53 -11.29 -23.99
C SER B 191 -3.13 -10.88 -23.55
N TYR B 192 -2.26 -10.60 -24.54
CA TYR B 192 -0.89 -10.21 -24.26
C TYR B 192 -0.34 -9.39 -25.41
N ARG B 193 0.84 -8.82 -25.21
CA ARG B 193 1.50 -8.03 -26.24
C ARG B 193 2.95 -7.92 -25.85
N LEU B 194 3.80 -8.16 -26.83
CA LEU B 194 5.23 -8.13 -26.61
C LEU B 194 5.83 -7.25 -27.68
N THR B 195 6.47 -6.18 -27.25
CA THR B 195 7.08 -5.24 -28.17
C THR B 195 8.56 -5.08 -27.87
N GLY B 196 9.38 -5.20 -28.90
CA GLY B 196 10.80 -5.06 -28.63
C GLY B 196 11.58 -4.63 -29.84
N LEU B 197 12.78 -4.13 -29.61
CA LEU B 197 13.62 -3.70 -30.69
C LEU B 197 15.06 -3.50 -30.28
N ALA B 198 15.93 -3.55 -31.29
CA ALA B 198 17.36 -3.35 -31.11
C ALA B 198 17.82 -2.34 -32.15
N ARG B 199 18.46 -1.28 -31.69
CA ARG B 199 18.94 -0.25 -32.58
C ARG B 199 20.40 0.08 -32.35
N SER B 200 21.11 0.30 -33.44
CA SER B 200 22.52 0.64 -33.42
C SER B 200 22.71 1.77 -34.43
N ALA B 201 23.55 2.74 -34.11
CA ALA B 201 23.79 3.86 -35.02
C ALA B 201 24.87 4.78 -34.50
N ASN B 202 25.55 5.44 -35.43
CA ASN B 202 26.59 6.38 -35.06
C ASN B 202 25.87 7.68 -34.82
N ALA B 203 26.29 8.43 -33.80
CA ALA B 203 25.67 9.71 -33.53
C ALA B 203 26.09 10.62 -34.68
N GLN B 204 25.21 11.55 -35.08
CA GLN B 204 25.54 12.46 -36.16
C GLN B 204 26.96 12.96 -36.00
N GLN B 205 27.38 13.12 -34.75
CA GLN B 205 28.71 13.60 -34.41
C GLN B 205 29.74 12.55 -34.84
N LYS B 206 30.93 12.62 -34.25
CA LYS B 206 31.98 11.67 -34.56
C LYS B 206 32.45 10.97 -33.29
N GLY B 207 32.89 9.73 -33.43
CA GLY B 207 33.36 8.97 -32.29
C GLY B 207 32.29 8.55 -31.31
N SER B 208 31.05 8.96 -31.57
CA SER B 208 29.93 8.63 -30.70
C SER B 208 28.85 7.80 -31.40
N GLU B 209 28.52 6.66 -30.80
CA GLU B 209 27.52 5.75 -31.34
C GLU B 209 26.38 5.66 -30.35
N GLU B 210 25.29 5.01 -30.74
CA GLU B 210 24.14 4.88 -29.87
C GLU B 210 23.40 3.57 -30.14
N GLN B 211 23.38 2.69 -29.14
CA GLN B 211 22.67 1.43 -29.28
C GLN B 211 21.63 1.27 -28.18
N ARG B 212 20.47 0.72 -28.55
CA ARG B 212 19.36 0.51 -27.62
C ARG B 212 18.62 -0.79 -27.86
N TYR B 213 18.25 -1.45 -26.78
CA TYR B 213 17.52 -2.70 -26.79
C TYR B 213 16.40 -2.55 -25.76
N ALA B 214 15.15 -2.65 -26.19
CA ALA B 214 14.03 -2.50 -25.27
C ALA B 214 12.87 -3.44 -25.54
N ILE B 215 12.36 -4.07 -24.49
CA ILE B 215 11.24 -4.99 -24.60
C ILE B 215 10.10 -4.56 -23.69
N ALA B 216 8.94 -4.29 -24.27
CA ALA B 216 7.78 -3.87 -23.53
C ALA B 216 6.75 -5.00 -23.47
N PRO B 217 6.83 -5.82 -22.42
CA PRO B 217 5.93 -6.97 -22.18
C PRO B 217 4.68 -6.47 -21.48
N ALA B 218 3.50 -6.76 -22.00
CA ALA B 218 2.26 -6.30 -21.36
C ALA B 218 1.17 -7.35 -21.41
N PHE B 219 0.55 -7.61 -20.26
CA PHE B 219 -0.52 -8.61 -20.15
C PHE B 219 -1.87 -7.95 -19.81
N THR B 220 -2.98 -8.49 -20.31
CA THR B 220 -4.31 -7.94 -20.01
C THR B 220 -5.34 -8.99 -19.63
N TRP B 221 -5.94 -8.83 -18.45
CA TRP B 221 -6.96 -9.77 -17.94
C TRP B 221 -8.32 -9.09 -17.92
N ARG B 222 -9.34 -9.78 -18.44
CA ARG B 222 -10.69 -9.19 -18.49
C ARG B 222 -11.76 -10.23 -18.16
N PRO B 223 -11.85 -10.61 -16.88
CA PRO B 223 -12.81 -11.59 -16.35
C PRO B 223 -14.22 -11.45 -16.90
N ASP B 224 -14.68 -10.22 -17.03
CA ASP B 224 -16.01 -9.94 -17.56
C ASP B 224 -15.88 -8.86 -18.63
N ASP B 225 -16.85 -7.96 -18.68
CA ASP B 225 -16.79 -6.87 -19.66
C ASP B 225 -16.86 -5.51 -18.99
N LYS B 226 -16.79 -5.53 -17.66
CA LYS B 226 -16.81 -4.31 -16.88
C LYS B 226 -15.52 -4.30 -16.05
N THR B 227 -14.51 -5.02 -16.53
CA THR B 227 -13.26 -5.09 -15.80
C THR B 227 -12.03 -5.41 -16.63
N ASN B 228 -10.98 -4.64 -16.37
CA ASN B 228 -9.72 -4.79 -17.07
C ASN B 228 -8.58 -4.69 -16.07
N PHE B 229 -7.49 -5.35 -16.37
CA PHE B 229 -6.31 -5.29 -15.52
C PHE B 229 -5.11 -5.52 -16.43
N THR B 230 -4.35 -4.48 -16.71
CA THR B 230 -3.23 -4.66 -17.61
C THR B 230 -1.83 -4.41 -17.07
N PHE B 231 -1.06 -5.48 -17.02
CA PHE B 231 0.30 -5.43 -16.57
C PHE B 231 1.13 -4.75 -17.67
N LEU B 232 1.79 -3.66 -17.31
CA LEU B 232 2.62 -2.90 -18.24
C LEU B 232 4.01 -2.79 -17.66
N SER B 233 4.93 -3.51 -18.27
CA SER B 233 6.31 -3.53 -17.85
C SER B 233 7.08 -2.98 -19.00
N TYR B 234 8.30 -2.56 -18.73
CA TYR B 234 9.17 -2.01 -19.75
C TYR B 234 10.58 -2.08 -19.22
N PHE B 235 11.47 -2.64 -20.03
CA PHE B 235 12.87 -2.76 -19.66
C PHE B 235 13.68 -2.30 -20.85
N GLN B 236 14.46 -1.26 -20.66
CA GLN B 236 15.27 -0.75 -21.75
C GLN B 236 16.72 -0.54 -21.35
N ASN B 237 17.61 -1.12 -22.13
CA ASN B 237 19.04 -1.00 -21.88
C ASN B 237 19.77 -0.35 -23.04
N GLU B 238 20.62 0.60 -22.72
CA GLU B 238 21.39 1.34 -23.71
C GLU B 238 22.85 1.43 -23.30
N PRO B 239 23.74 0.68 -23.95
CA PRO B 239 25.14 0.80 -23.53
C PRO B 239 25.72 2.14 -23.98
N GLU B 240 25.05 2.79 -24.93
CA GLU B 240 25.50 4.07 -25.42
C GLU B 240 24.30 4.92 -25.81
N THR B 241 24.28 6.16 -25.33
CA THR B 241 23.16 7.05 -25.58
C THR B 241 23.47 8.14 -26.59
N GLY B 242 24.75 8.29 -26.96
CA GLY B 242 25.11 9.29 -27.94
C GLY B 242 25.74 10.56 -27.42
N TYR B 243 25.95 11.50 -28.34
CA TYR B 243 26.53 12.79 -28.04
C TYR B 243 25.67 13.61 -27.09
N TYR B 244 26.32 14.54 -26.39
CA TYR B 244 25.64 15.41 -25.44
C TYR B 244 26.57 16.50 -24.94
N GLY B 245 27.50 16.91 -25.81
CA GLY B 245 28.45 17.94 -25.45
C GLY B 245 27.98 19.33 -25.82
N TRP B 246 28.89 20.31 -25.71
CA TRP B 246 28.59 21.70 -26.02
C TRP B 246 29.55 22.35 -27.00
N LEU B 247 29.01 23.14 -27.91
CA LEU B 247 29.82 23.86 -28.88
C LEU B 247 29.61 25.35 -28.75
N PRO B 248 30.69 26.12 -28.74
CA PRO B 248 30.63 27.58 -28.61
C PRO B 248 30.02 28.19 -29.86
N LYS B 249 29.32 29.30 -29.70
CA LYS B 249 28.72 29.97 -30.84
C LYS B 249 29.88 30.42 -31.71
N GLU B 250 31.06 30.52 -31.08
CA GLU B 250 32.27 30.91 -31.78
C GLU B 250 32.71 29.74 -32.66
N GLY B 251 31.93 29.46 -33.69
CA GLY B 251 32.26 28.35 -34.58
C GLY B 251 31.02 27.65 -35.09
N THR B 252 29.86 28.17 -34.69
CA THR B 252 28.57 27.60 -35.09
C THR B 252 27.64 28.69 -35.60
N VAL B 253 27.02 29.41 -34.68
CA VAL B 253 26.12 30.50 -35.05
C VAL B 253 26.95 31.57 -35.71
N GLU B 254 28.00 31.98 -35.00
CA GLU B 254 28.93 32.99 -35.49
C GLU B 254 30.14 32.24 -36.03
N PRO B 255 30.83 32.80 -37.04
CA PRO B 255 32.02 32.18 -37.63
C PRO B 255 33.23 32.28 -36.72
N LEU B 256 34.30 31.58 -37.10
CA LEU B 256 35.51 31.62 -36.32
C LEU B 256 36.42 32.68 -36.95
N PRO B 257 37.42 33.15 -36.19
CA PRO B 257 38.36 34.17 -36.66
C PRO B 257 38.91 33.86 -38.06
N ASN B 258 39.31 32.61 -38.29
CA ASN B 258 39.84 32.22 -39.59
C ASN B 258 38.76 32.41 -40.66
N GLY B 259 37.51 32.46 -40.20
CA GLY B 259 36.39 32.64 -41.12
C GLY B 259 35.49 31.44 -41.30
N LYS B 260 36.03 30.24 -41.10
CA LYS B 260 35.25 29.01 -41.25
C LYS B 260 34.55 28.61 -39.96
N ARG B 261 33.50 27.78 -40.09
CA ARG B 261 32.75 27.31 -38.92
C ARG B 261 33.00 25.83 -38.73
N LEU B 262 32.84 25.33 -37.51
CA LEU B 262 33.05 23.92 -37.26
C LEU B 262 32.02 23.11 -38.04
N PRO B 263 32.39 21.91 -38.47
CA PRO B 263 31.44 21.06 -39.22
C PRO B 263 30.32 20.57 -38.32
N THR B 264 29.18 20.22 -38.91
CA THR B 264 28.04 19.75 -38.14
C THR B 264 28.31 18.42 -37.43
N ASP B 265 29.33 17.69 -37.86
CA ASP B 265 29.63 16.42 -37.21
C ASP B 265 30.75 16.53 -36.20
N PHE B 266 31.17 17.76 -35.92
CA PHE B 266 32.26 18.01 -34.97
C PHE B 266 31.98 17.36 -33.61
N ASN B 267 33.02 17.23 -32.80
CA ASN B 267 32.87 16.65 -31.47
C ASN B 267 34.01 17.11 -30.56
N GLU B 268 33.72 18.04 -29.66
CA GLU B 268 34.72 18.54 -28.73
C GLU B 268 35.00 17.53 -27.64
N GLY B 269 34.47 16.33 -27.81
CA GLY B 269 34.67 15.29 -26.81
C GLY B 269 35.91 14.45 -26.97
N ALA B 270 36.13 13.56 -26.01
CA ALA B 270 37.29 12.67 -26.00
C ALA B 270 36.90 11.26 -26.45
N LYS B 271 37.69 10.69 -27.35
CA LYS B 271 37.46 9.35 -27.88
C LYS B 271 36.79 8.37 -26.92
N ASN B 272 37.06 8.51 -25.62
CA ASN B 272 36.49 7.58 -24.65
C ASN B 272 35.29 8.03 -23.81
N ASN B 273 34.59 9.07 -24.26
CA ASN B 273 33.43 9.53 -23.52
C ASN B 273 32.43 8.38 -23.63
N THR B 274 31.64 8.17 -22.58
CA THR B 274 30.65 7.11 -22.57
C THR B 274 29.41 7.60 -21.82
N TYR B 275 28.25 7.11 -22.23
CA TYR B 275 26.99 7.51 -21.62
C TYR B 275 26.04 6.32 -21.62
N SER B 276 25.78 5.75 -20.45
CA SER B 276 24.89 4.60 -20.35
C SER B 276 23.63 4.93 -19.56
N ARG B 277 22.57 4.20 -19.84
CA ARG B 277 21.31 4.44 -19.15
C ARG B 277 20.45 3.18 -19.16
N ASN B 278 20.22 2.63 -17.98
CA ASN B 278 19.42 1.44 -17.85
C ASN B 278 18.16 1.74 -17.05
N GLU B 279 17.01 1.48 -17.66
CA GLU B 279 15.72 1.67 -17.02
C GLU B 279 14.87 0.40 -17.05
N LYS B 280 14.29 0.07 -15.90
CA LYS B 280 13.44 -1.11 -15.78
C LYS B 280 12.24 -0.68 -14.94
N MET B 281 11.04 -0.94 -15.45
CA MET B 281 9.84 -0.56 -14.73
C MET B 281 8.68 -1.54 -14.89
N VAL B 282 7.86 -1.65 -13.85
CA VAL B 282 6.71 -2.54 -13.84
C VAL B 282 5.51 -1.92 -13.15
N GLY B 283 4.33 -2.10 -13.72
CA GLY B 283 3.14 -1.54 -13.12
C GLY B 283 1.85 -2.06 -13.73
N TYR B 284 0.72 -1.60 -13.22
CA TYR B 284 -0.56 -2.04 -13.73
C TYR B 284 -1.51 -0.89 -13.93
N SER B 285 -2.48 -1.11 -14.82
CA SER B 285 -3.51 -0.12 -15.09
C SER B 285 -4.80 -0.87 -14.83
N PHE B 286 -5.48 -0.56 -13.74
CA PHE B 286 -6.71 -1.25 -13.40
C PHE B 286 -7.91 -0.35 -13.63
N ASP B 287 -9.03 -0.96 -13.98
CA ASP B 287 -10.27 -0.25 -14.30
C ASP B 287 -11.45 -1.17 -14.04
N HIS B 288 -12.44 -0.71 -13.27
CA HIS B 288 -13.60 -1.54 -12.98
C HIS B 288 -14.88 -0.71 -12.91
N GLU B 289 -15.88 -1.10 -13.70
CA GLU B 289 -17.15 -0.40 -13.74
C GLU B 289 -18.15 -1.17 -12.89
N PHE B 290 -18.60 -0.57 -11.80
CA PHE B 290 -19.55 -1.22 -10.91
C PHE B 290 -20.98 -1.12 -11.43
N ASN B 291 -21.27 -0.03 -12.13
CA ASN B 291 -22.59 0.21 -12.69
C ASN B 291 -22.62 1.57 -13.36
N ASP B 292 -23.70 1.81 -14.07
CA ASP B 292 -23.90 3.06 -14.80
C ASP B 292 -23.45 4.32 -14.04
N THR B 293 -23.18 4.22 -12.74
CA THR B 293 -22.73 5.39 -11.98
C THR B 293 -21.29 5.31 -11.46
N PHE B 294 -20.98 4.29 -10.69
CA PHE B 294 -19.63 4.14 -10.13
C PHE B 294 -18.65 3.31 -10.92
N THR B 295 -17.46 3.87 -11.10
CA THR B 295 -16.40 3.21 -11.82
C THR B 295 -15.11 3.58 -11.09
N VAL B 296 -14.21 2.62 -10.96
CA VAL B 296 -12.96 2.85 -10.27
C VAL B 296 -11.76 2.48 -11.14
N ARG B 297 -10.71 3.28 -11.02
CA ARG B 297 -9.51 3.05 -11.78
C ARG B 297 -8.34 3.07 -10.82
N GLN B 298 -7.17 2.71 -11.33
CA GLN B 298 -5.98 2.70 -10.51
C GLN B 298 -4.78 2.42 -11.39
N ASN B 299 -3.80 3.30 -11.32
CA ASN B 299 -2.59 3.15 -12.10
C ASN B 299 -1.42 3.13 -11.16
N LEU B 300 -0.67 2.04 -11.19
CA LEU B 300 0.47 1.92 -10.31
C LEU B 300 1.68 1.67 -11.17
N ARG B 301 2.86 1.75 -10.55
CA ARG B 301 4.11 1.51 -11.24
C ARG B 301 5.32 1.82 -10.38
N PHE B 302 6.33 0.98 -10.50
CA PHE B 302 7.57 1.15 -9.75
C PHE B 302 8.68 0.98 -10.75
N ALA B 303 9.73 1.77 -10.61
CA ALA B 303 10.82 1.66 -11.56
C ALA B 303 12.16 2.06 -11.01
N GLU B 304 13.17 1.29 -11.38
CA GLU B 304 14.53 1.53 -10.96
C GLU B 304 15.28 1.87 -12.25
N ASN B 305 16.00 2.98 -12.24
CA ASN B 305 16.77 3.42 -13.40
C ASN B 305 18.16 3.85 -13.00
N LYS B 306 19.13 3.56 -13.87
CA LYS B 306 20.54 3.90 -13.64
C LYS B 306 21.10 4.63 -14.84
N THR B 307 22.12 5.45 -14.61
CA THR B 307 22.76 6.21 -15.68
C THR B 307 24.20 6.44 -15.31
N SER B 308 25.11 5.87 -16.09
CA SER B 308 26.53 6.04 -15.83
C SER B 308 27.05 6.96 -16.92
N GLN B 309 28.09 7.74 -16.59
CA GLN B 309 28.64 8.68 -17.57
C GLN B 309 30.06 9.15 -17.28
N ASN B 310 30.87 9.12 -18.33
CA ASN B 310 32.26 9.57 -18.31
C ASN B 310 32.38 10.53 -19.47
N SER B 311 31.87 11.74 -19.30
CA SER B 311 31.90 12.75 -20.34
C SER B 311 32.77 13.97 -20.10
N VAL B 312 33.28 14.50 -21.21
CA VAL B 312 34.12 15.68 -21.24
C VAL B 312 33.47 16.62 -22.25
N TYR B 313 32.71 17.58 -21.75
CA TYR B 313 32.03 18.55 -22.60
C TYR B 313 32.90 19.76 -22.81
N GLY B 314 32.45 20.64 -23.68
CA GLY B 314 33.25 21.82 -23.93
C GLY B 314 32.64 23.13 -23.54
N TYR B 315 33.29 23.81 -22.60
CA TYR B 315 32.86 25.12 -22.14
C TYR B 315 33.40 26.02 -23.26
N GLY B 316 32.59 26.97 -23.74
CA GLY B 316 33.00 27.87 -24.82
C GLY B 316 34.47 28.16 -25.11
N VAL B 317 34.73 28.88 -26.20
CA VAL B 317 36.10 29.23 -26.58
C VAL B 317 36.73 30.04 -25.46
N CYS B 318 38.06 30.08 -25.47
CA CYS B 318 38.84 30.80 -24.45
C CYS B 318 38.52 32.27 -24.22
N SER B 319 38.14 32.98 -25.27
CA SER B 319 37.83 34.40 -25.14
C SER B 319 36.44 34.64 -24.54
N ASP B 320 35.84 33.59 -23.98
CA ASP B 320 34.51 33.71 -23.40
C ASP B 320 34.49 34.18 -21.95
N PRO B 321 33.56 35.09 -21.61
CA PRO B 321 33.45 35.61 -20.25
C PRO B 321 33.33 34.46 -19.24
N ALA B 322 32.92 33.30 -19.74
CA ALA B 322 32.78 32.14 -18.88
C ALA B 322 34.13 31.62 -18.42
N ASN B 323 35.16 31.82 -19.25
CA ASN B 323 36.50 31.35 -18.93
C ASN B 323 37.47 32.41 -18.42
N ALA B 324 36.95 33.57 -18.03
CA ALA B 324 37.78 34.64 -17.54
C ALA B 324 38.78 34.18 -16.46
N TYR B 325 38.30 33.40 -15.50
CA TYR B 325 39.18 32.93 -14.43
C TYR B 325 39.90 31.64 -14.78
N SER B 326 40.04 31.39 -16.08
CA SER B 326 40.70 30.18 -16.57
C SER B 326 42.19 30.41 -16.81
N LYS B 327 43.01 29.57 -16.18
CA LYS B 327 44.45 29.68 -16.34
C LYS B 327 44.91 29.15 -17.69
N GLN B 328 44.70 27.85 -17.93
CA GLN B 328 45.09 27.26 -19.21
C GLN B 328 44.74 28.17 -20.37
N CYS B 329 43.50 28.68 -20.38
CA CYS B 329 43.05 29.59 -21.42
C CYS B 329 43.87 30.87 -21.35
N ALA B 330 43.78 31.54 -20.20
CA ALA B 330 44.50 32.79 -19.98
C ALA B 330 46.00 32.56 -19.79
N ALA B 331 46.68 32.29 -20.90
CA ALA B 331 48.11 32.05 -20.92
C ALA B 331 48.52 31.82 -22.36
N LEU B 332 47.70 32.30 -23.28
CA LEU B 332 47.94 32.16 -24.71
C LEU B 332 47.83 33.54 -25.38
N ALA B 333 48.52 33.69 -26.51
CA ALA B 333 48.47 34.97 -27.23
C ALA B 333 47.02 35.28 -27.58
N PRO B 334 46.54 36.46 -27.19
CA PRO B 334 45.17 36.91 -27.45
C PRO B 334 44.63 36.57 -28.85
N ALA B 335 45.53 36.46 -29.82
CA ALA B 335 45.15 36.13 -31.18
C ALA B 335 44.61 34.70 -31.22
N ASP B 336 45.20 33.84 -30.40
CA ASP B 336 44.79 32.44 -30.32
C ASP B 336 43.47 32.25 -29.59
N LYS B 337 43.34 32.85 -28.41
CA LYS B 337 42.14 32.74 -27.58
C LYS B 337 40.80 32.61 -28.34
N GLY B 338 40.71 33.24 -29.50
CA GLY B 338 39.47 33.20 -30.28
C GLY B 338 39.10 31.87 -30.91
N HIS B 339 40.10 31.07 -31.23
CA HIS B 339 39.85 29.77 -31.83
C HIS B 339 40.38 28.64 -30.95
N TYR B 340 40.28 28.83 -29.65
CA TYR B 340 40.69 27.81 -28.69
C TYR B 340 39.53 27.56 -27.74
N LEU B 341 39.23 26.29 -27.55
CA LEU B 341 38.10 25.89 -26.71
C LEU B 341 38.48 25.35 -25.35
N ALA B 342 37.79 25.84 -24.32
CA ALA B 342 38.03 25.38 -22.97
C ALA B 342 37.29 24.05 -22.86
N ARG B 343 37.50 23.32 -21.77
CA ARG B 343 36.84 22.04 -21.60
C ARG B 343 36.89 21.56 -20.16
N LYS B 344 35.78 21.02 -19.68
CA LYS B 344 35.70 20.49 -18.33
C LYS B 344 35.12 19.09 -18.50
N TYR B 345 34.90 18.36 -17.41
CA TYR B 345 34.34 17.04 -17.56
C TYR B 345 33.42 16.65 -16.43
N VAL B 346 32.95 15.40 -16.48
CA VAL B 346 32.04 14.87 -15.48
C VAL B 346 32.01 13.35 -15.48
N VAL B 347 32.06 12.78 -14.29
CA VAL B 347 32.02 11.34 -14.10
C VAL B 347 30.79 11.12 -13.21
N ASP B 348 29.89 10.22 -13.59
CA ASP B 348 28.70 10.06 -12.78
C ASP B 348 27.99 8.71 -12.75
N ASP B 349 27.73 8.21 -11.54
CA ASP B 349 27.02 6.95 -11.37
C ASP B 349 25.75 7.29 -10.59
N GLU B 350 24.60 7.02 -11.21
CA GLU B 350 23.31 7.30 -10.60
C GLU B 350 22.38 6.11 -10.67
N LYS B 351 21.54 6.00 -9.65
CA LYS B 351 20.56 4.94 -9.51
C LYS B 351 19.37 5.58 -8.84
N LEU B 352 18.16 5.19 -9.23
CA LEU B 352 16.99 5.78 -8.61
C LEU B 352 15.79 4.88 -8.74
N GLN B 353 14.91 4.95 -7.76
CA GLN B 353 13.67 4.18 -7.79
C GLN B 353 12.53 5.19 -7.79
N ASN B 354 11.39 4.79 -8.32
CA ASN B 354 10.24 5.67 -8.38
C ASN B 354 8.93 4.87 -8.32
N PHE B 355 8.19 5.01 -7.23
CA PHE B 355 6.93 4.30 -7.10
C PHE B 355 5.82 5.28 -7.24
N SER B 356 4.67 4.84 -7.74
CA SER B 356 3.55 5.77 -7.90
C SER B 356 2.24 5.08 -8.18
N VAL B 357 1.23 5.41 -7.40
CA VAL B 357 -0.07 4.82 -7.59
C VAL B 357 -1.05 5.98 -7.67
N ASP B 358 -2.19 5.73 -8.28
CA ASP B 358 -3.22 6.75 -8.40
C ASP B 358 -4.57 6.07 -8.47
N THR B 359 -5.30 6.10 -7.37
CA THR B 359 -6.60 5.48 -7.29
C THR B 359 -7.64 6.55 -7.54
N GLN B 360 -8.47 6.32 -8.57
CA GLN B 360 -9.52 7.25 -8.96
C GLN B 360 -10.89 6.66 -8.76
N LEU B 361 -11.89 7.52 -8.65
CA LEU B 361 -13.26 7.08 -8.51
C LEU B 361 -14.17 7.97 -9.35
N GLN B 362 -14.52 7.46 -10.52
CA GLN B 362 -15.37 8.16 -11.47
C GLN B 362 -16.81 7.88 -11.10
N SER B 363 -17.61 8.95 -11.02
CA SER B 363 -19.01 8.84 -10.64
C SER B 363 -19.91 9.72 -11.50
N LYS B 364 -20.70 9.09 -12.35
CA LYS B 364 -21.62 9.82 -13.21
C LYS B 364 -23.01 9.77 -12.60
N PHE B 365 -23.62 10.95 -12.44
CA PHE B 365 -24.95 11.02 -11.87
C PHE B 365 -25.76 12.21 -12.40
N ALA B 366 -27.06 12.17 -12.13
CA ALA B 366 -27.98 13.22 -12.58
C ALA B 366 -28.30 14.25 -11.50
N THR B 367 -29.26 15.10 -11.81
CA THR B 367 -29.72 16.17 -10.93
C THR B 367 -30.91 16.80 -11.66
N GLY B 368 -30.73 18.00 -12.17
CA GLY B 368 -31.80 18.65 -12.93
C GLY B 368 -31.70 18.15 -14.35
N ASP B 369 -31.37 19.03 -15.28
CA ASP B 369 -31.22 18.63 -16.67
C ASP B 369 -29.72 18.55 -16.95
N ILE B 370 -28.93 18.73 -15.90
CA ILE B 370 -27.48 18.67 -16.02
C ILE B 370 -26.95 17.32 -15.56
N ASP B 371 -26.04 16.77 -16.35
CA ASP B 371 -25.40 15.48 -16.05
C ASP B 371 -24.06 15.76 -15.39
N HIS B 372 -23.65 14.82 -14.54
CA HIS B 372 -22.38 14.97 -13.84
C HIS B 372 -21.42 13.84 -14.11
N THR B 373 -20.14 14.17 -14.08
CA THR B 373 -19.08 13.21 -14.28
C THR B 373 -18.04 13.67 -13.28
N LEU B 374 -18.24 13.21 -12.06
CA LEU B 374 -17.41 13.56 -10.91
C LEU B 374 -16.29 12.57 -10.63
N LEU B 375 -15.10 13.12 -10.50
CA LEU B 375 -13.90 12.35 -10.25
C LEU B 375 -13.30 12.74 -8.90
N THR B 376 -12.83 11.74 -8.18
CA THR B 376 -12.21 11.94 -6.87
C THR B 376 -11.05 10.96 -6.75
N GLY B 377 -9.88 11.46 -6.38
CA GLY B 377 -8.73 10.58 -6.28
C GLY B 377 -7.64 10.97 -5.31
N VAL B 378 -6.73 10.01 -5.11
CA VAL B 378 -5.60 10.17 -4.24
C VAL B 378 -4.38 9.83 -5.06
N ASP B 379 -3.42 10.75 -5.12
CA ASP B 379 -2.24 10.49 -5.89
C ASP B 379 -1.03 10.42 -4.98
N PHE B 380 -0.28 9.31 -5.05
CA PHE B 380 0.91 9.21 -4.26
C PHE B 380 2.12 8.94 -5.14
N MET B 381 3.21 9.61 -4.81
CA MET B 381 4.43 9.51 -5.58
C MET B 381 5.64 9.65 -4.68
N ARG B 382 6.60 8.76 -4.84
CA ARG B 382 7.83 8.83 -4.07
C ARG B 382 8.99 8.54 -4.99
N MET B 383 10.09 9.26 -4.83
CA MET B 383 11.24 8.97 -5.66
C MET B 383 12.56 9.27 -4.95
N ARG B 384 13.60 8.57 -5.36
CA ARG B 384 14.90 8.74 -4.76
C ARG B 384 15.96 8.49 -5.81
N ASN B 385 16.94 9.37 -5.86
CA ASN B 385 18.02 9.18 -6.80
C ASN B 385 19.28 9.36 -6.00
N ASP B 386 20.17 8.37 -6.09
CA ASP B 386 21.44 8.42 -5.38
C ASP B 386 22.51 8.80 -6.37
N ILE B 387 23.21 9.88 -6.08
CA ILE B 387 24.25 10.34 -6.98
C ILE B 387 25.65 10.20 -6.41
N ASN B 388 26.58 9.85 -7.29
CA ASN B 388 27.99 9.72 -6.98
C ASN B 388 28.67 10.29 -8.21
N ALA B 389 28.71 11.60 -8.29
CA ALA B 389 29.32 12.24 -9.42
C ALA B 389 30.61 12.91 -9.01
N TRP B 390 31.35 13.38 -10.01
CA TRP B 390 32.61 14.08 -9.80
C TRP B 390 32.73 15.05 -10.96
N PHE B 391 33.10 16.29 -10.67
CA PHE B 391 33.22 17.30 -11.70
C PHE B 391 34.62 17.90 -11.83
N GLY B 392 34.85 18.62 -12.92
CA GLY B 392 36.13 19.26 -13.17
C GLY B 392 35.89 20.71 -13.52
N TYR B 393 36.79 21.61 -13.12
CA TYR B 393 36.57 23.05 -13.37
C TYR B 393 37.70 23.84 -14.04
N ASP B 394 37.30 24.69 -14.98
CA ASP B 394 38.23 25.57 -15.70
C ASP B 394 39.43 24.86 -16.31
N ASP B 395 40.38 24.47 -15.46
CA ASP B 395 41.59 23.81 -15.94
C ASP B 395 41.47 22.28 -15.86
N SER B 396 40.23 21.80 -15.89
CA SER B 396 39.93 20.39 -15.79
C SER B 396 40.51 19.51 -16.90
N VAL B 397 40.52 20.00 -18.13
CA VAL B 397 41.04 19.22 -19.25
C VAL B 397 41.71 20.09 -20.31
N PRO B 398 42.73 19.56 -20.99
CA PRO B 398 43.48 20.25 -22.04
C PRO B 398 42.61 21.05 -23.00
N LEU B 399 43.17 22.14 -23.51
CA LEU B 399 42.45 22.98 -24.45
C LEU B 399 42.18 22.24 -25.75
N LEU B 400 41.84 23.00 -26.80
CA LEU B 400 41.58 22.41 -28.11
C LEU B 400 41.44 23.46 -29.21
N ASN B 401 42.33 23.39 -30.20
CA ASN B 401 42.28 24.31 -31.33
C ASN B 401 40.97 24.00 -32.06
N LEU B 402 40.74 24.65 -33.19
CA LEU B 402 39.54 24.41 -33.97
C LEU B 402 39.89 24.41 -35.46
N THR B 419 42.03 11.55 -29.21
CA THR B 419 42.77 11.58 -27.96
C THR B 419 41.89 11.07 -26.83
N ASP B 420 42.50 10.40 -25.85
CA ASP B 420 41.74 9.88 -24.72
C ASP B 420 41.77 10.87 -23.58
N PHE B 421 41.26 10.45 -22.42
CA PHE B 421 41.22 11.33 -21.27
C PHE B 421 41.15 10.53 -19.98
N ASP B 422 42.19 10.61 -19.15
CA ASP B 422 42.21 9.90 -17.88
C ASP B 422 41.09 10.41 -16.99
N PHE B 423 40.05 9.59 -16.81
CA PHE B 423 38.92 9.98 -15.98
C PHE B 423 39.08 9.70 -14.50
N ASN B 424 40.01 8.82 -14.15
CA ASN B 424 40.23 8.48 -12.73
C ASN B 424 41.29 9.39 -12.12
N ALA B 425 41.53 10.52 -12.78
CA ALA B 425 42.52 11.50 -12.32
C ALA B 425 42.11 12.06 -10.97
N LYS B 426 40.93 12.66 -10.91
CA LYS B 426 40.44 13.23 -9.66
C LYS B 426 41.51 14.08 -8.98
N ASP B 427 41.95 15.14 -9.65
CA ASP B 427 42.98 16.05 -9.11
C ASP B 427 42.32 17.17 -8.31
N PRO B 428 42.40 17.11 -6.97
CA PRO B 428 41.82 18.11 -6.07
C PRO B 428 42.19 19.55 -6.36
N ALA B 429 43.01 19.77 -7.38
CA ALA B 429 43.42 21.13 -7.72
C ALA B 429 42.41 21.73 -8.73
N ASN B 430 41.72 20.85 -9.45
CA ASN B 430 40.75 21.29 -10.44
C ASN B 430 39.57 20.32 -10.56
N SER B 431 39.38 19.49 -9.53
CA SER B 431 38.31 18.52 -9.54
C SER B 431 37.69 18.38 -8.16
N GLY B 432 36.40 18.05 -8.13
CA GLY B 432 35.73 17.89 -6.85
C GLY B 432 34.68 16.80 -6.88
N PRO B 433 34.21 16.37 -5.68
CA PRO B 433 33.20 15.33 -5.58
C PRO B 433 31.80 15.93 -5.53
N TYR B 434 30.82 15.14 -5.92
CA TYR B 434 29.43 15.54 -5.90
C TYR B 434 28.64 14.28 -5.55
N ARG B 435 28.48 14.04 -4.25
CA ARG B 435 27.73 12.88 -3.76
C ARG B 435 26.46 13.36 -3.11
N ILE B 436 25.36 13.24 -3.86
CA ILE B 436 24.06 13.69 -3.41
C ILE B 436 23.01 12.59 -3.39
N LEU B 437 22.07 12.69 -2.44
CA LEU B 437 20.98 11.73 -2.32
C LEU B 437 19.70 12.51 -2.20
N ASN B 438 18.94 12.58 -3.28
CA ASN B 438 17.69 13.32 -3.29
C ASN B 438 16.44 12.47 -3.06
N LYS B 439 15.53 12.98 -2.26
CA LYS B 439 14.28 12.31 -1.95
C LYS B 439 13.12 13.25 -2.34
N GLN B 440 12.11 12.71 -3.00
CA GLN B 440 10.95 13.50 -3.41
C GLN B 440 9.76 12.64 -3.06
N LYS B 441 8.68 13.26 -2.60
CA LYS B 441 7.49 12.52 -2.21
C LYS B 441 6.31 13.46 -2.43
N GLN B 442 5.17 12.95 -2.83
CA GLN B 442 4.03 13.83 -3.07
C GLN B 442 2.67 13.13 -3.08
N THR B 443 1.82 13.48 -2.11
CA THR B 443 0.48 12.94 -2.02
C THR B 443 -0.42 14.10 -2.31
N GLY B 444 -1.45 13.87 -3.10
CA GLY B 444 -2.39 14.94 -3.41
C GLY B 444 -3.78 14.37 -3.49
N VAL B 445 -4.80 15.18 -3.26
CA VAL B 445 -6.17 14.70 -3.38
C VAL B 445 -6.88 15.66 -4.29
N TYR B 446 -7.91 15.19 -4.96
CA TYR B 446 -8.59 16.07 -5.88
C TYR B 446 -9.96 15.61 -6.29
N VAL B 447 -10.77 16.58 -6.73
CA VAL B 447 -12.12 16.31 -7.19
C VAL B 447 -12.33 17.15 -8.43
N GLN B 448 -13.07 16.59 -9.38
CA GLN B 448 -13.36 17.31 -10.60
C GLN B 448 -14.73 16.95 -11.10
N ASP B 449 -15.49 17.96 -11.50
CA ASP B 449 -16.82 17.71 -12.02
C ASP B 449 -16.96 18.21 -13.43
N GLN B 450 -17.28 17.29 -14.33
CA GLN B 450 -17.48 17.59 -15.73
C GLN B 450 -19.00 17.72 -15.88
N ALA B 451 -19.49 18.92 -15.61
CA ALA B 451 -20.92 19.21 -15.67
C ALA B 451 -21.35 19.73 -17.04
N GLN B 452 -22.31 19.03 -17.61
CA GLN B 452 -22.86 19.38 -18.92
C GLN B 452 -24.36 19.65 -18.80
N TRP B 453 -24.76 20.86 -19.18
CA TRP B 453 -26.16 21.25 -19.15
C TRP B 453 -26.64 21.31 -20.59
N ASP B 454 -27.04 20.16 -21.13
CA ASP B 454 -27.52 20.09 -22.50
C ASP B 454 -26.54 20.63 -23.53
N LYS B 455 -26.28 21.94 -23.51
CA LYS B 455 -25.38 22.59 -24.47
C LYS B 455 -24.02 23.04 -23.90
N VAL B 456 -23.99 23.34 -22.61
CA VAL B 456 -22.74 23.81 -22.00
C VAL B 456 -22.05 22.79 -21.10
N LEU B 457 -20.72 22.88 -21.09
CA LEU B 457 -19.90 21.98 -20.29
C LEU B 457 -18.96 22.77 -19.38
N VAL B 458 -19.23 22.71 -18.08
CA VAL B 458 -18.39 23.39 -17.13
C VAL B 458 -17.55 22.34 -16.43
N THR B 459 -16.23 22.50 -16.54
CA THR B 459 -15.30 21.60 -15.88
C THR B 459 -14.76 22.42 -14.72
N LEU B 460 -14.83 21.85 -13.52
CA LEU B 460 -14.39 22.55 -12.32
C LEU B 460 -13.70 21.59 -11.36
N GLY B 461 -12.43 21.85 -11.04
CA GLY B 461 -11.75 20.96 -10.13
C GLY B 461 -10.65 21.59 -9.29
N GLY B 462 -10.27 20.88 -8.23
CA GLY B 462 -9.22 21.37 -7.37
C GLY B 462 -8.42 20.22 -6.79
N ARG B 463 -7.21 20.52 -6.34
CA ARG B 463 -6.34 19.51 -5.78
C ARG B 463 -5.39 20.10 -4.72
N TYR B 464 -5.26 19.39 -3.60
CA TYR B 464 -4.34 19.83 -2.56
C TYR B 464 -3.15 18.88 -2.61
N ASP B 465 -1.94 19.43 -2.50
CA ASP B 465 -0.73 18.61 -2.54
C ASP B 465 0.21 18.80 -1.37
N TRP B 466 0.76 17.70 -0.88
CA TRP B 466 1.71 17.74 0.19
C TRP B 466 3.01 17.26 -0.46
N ALA B 467 3.88 18.21 -0.78
CA ALA B 467 5.14 17.91 -1.45
C ALA B 467 6.39 17.97 -0.60
N ASP B 468 6.73 16.87 0.06
CA ASP B 468 7.93 16.84 0.88
C ASP B 468 9.15 16.49 0.05
N GLN B 469 10.24 17.20 0.28
CA GLN B 469 11.48 16.91 -0.42
C GLN B 469 12.61 16.96 0.61
N GLU B 470 13.71 16.27 0.33
CA GLU B 470 14.83 16.21 1.25
C GLU B 470 16.10 15.94 0.44
N SER B 471 17.17 16.65 0.74
CA SER B 471 18.41 16.45 0.02
C SER B 471 19.60 16.32 0.94
N LEU B 472 20.34 15.22 0.78
CA LEU B 472 21.50 14.96 1.60
C LEU B 472 22.77 15.22 0.81
N ASN B 473 23.62 16.10 1.34
CA ASN B 473 24.87 16.39 0.69
C ASN B 473 25.90 15.51 1.34
N ARG B 474 26.04 14.29 0.84
CA ARG B 474 26.98 13.33 1.38
C ARG B 474 28.38 13.89 1.62
N VAL B 475 28.90 14.68 0.68
CA VAL B 475 30.24 15.23 0.82
C VAL B 475 30.26 16.51 1.66
N ALA B 476 29.36 16.58 2.63
CA ALA B 476 29.30 17.77 3.46
C ALA B 476 28.44 17.59 4.70
N GLY B 477 27.71 16.48 4.79
CA GLY B 477 26.85 16.25 5.93
C GLY B 477 25.67 17.20 5.88
N THR B 478 25.78 18.18 5.00
CA THR B 478 24.75 19.19 4.79
C THR B 478 23.49 18.48 4.30
N THR B 479 22.37 18.72 4.97
CA THR B 479 21.13 18.10 4.58
C THR B 479 19.95 19.06 4.77
N ASP B 480 19.50 19.63 3.66
CA ASP B 480 18.38 20.59 3.64
C ASP B 480 17.12 19.91 3.12
N LYS B 481 15.98 20.15 3.77
CA LYS B 481 14.73 19.54 3.34
C LYS B 481 13.56 20.51 3.46
N ARG B 482 12.40 20.14 2.93
CA ARG B 482 11.23 21.02 2.98
C ARG B 482 9.89 20.37 2.60
N ASP B 483 8.81 20.81 3.23
CA ASP B 483 7.46 20.28 2.97
C ASP B 483 6.57 21.40 2.47
N ASP B 484 5.75 21.13 1.46
CA ASP B 484 4.86 22.15 0.92
C ASP B 484 3.40 21.76 0.91
N LYS B 485 2.55 22.75 1.11
CA LYS B 485 1.11 22.55 1.10
C LYS B 485 0.58 23.52 0.05
N GLN B 486 0.19 23.00 -1.10
CA GLN B 486 -0.30 23.85 -2.16
C GLN B 486 -1.66 23.46 -2.68
N PHE B 487 -2.50 24.45 -2.90
CA PHE B 487 -3.81 24.21 -3.45
C PHE B 487 -3.79 24.78 -4.85
N THR B 488 -4.32 24.01 -5.79
CA THR B 488 -4.36 24.44 -7.16
C THR B 488 -5.67 23.99 -7.76
N TRP B 489 -6.32 24.89 -8.49
CA TRP B 489 -7.62 24.57 -9.09
C TRP B 489 -7.70 24.96 -10.58
N ARG B 490 -8.84 24.65 -11.19
CA ARG B 490 -9.08 24.96 -12.59
C ARG B 490 -10.57 25.06 -12.95
N GLY B 491 -10.86 25.97 -13.86
CA GLY B 491 -12.23 26.17 -14.31
C GLY B 491 -12.33 26.49 -15.78
N GLY B 492 -13.37 25.96 -16.42
CA GLY B 492 -13.54 26.22 -17.84
C GLY B 492 -14.94 25.98 -18.33
N VAL B 493 -15.22 26.45 -19.55
CA VAL B 493 -16.52 26.28 -20.16
C VAL B 493 -16.39 25.99 -21.66
N ASN B 494 -17.25 25.10 -22.13
CA ASN B 494 -17.27 24.67 -23.51
C ASN B 494 -18.68 24.72 -24.08
N TYR B 495 -18.89 25.47 -25.16
CA TYR B 495 -20.21 25.52 -25.79
C TYR B 495 -20.21 24.55 -26.96
N LEU B 496 -21.11 23.57 -26.89
CA LEU B 496 -21.19 22.52 -27.91
C LEU B 496 -22.08 22.69 -29.13
N PHE B 497 -21.67 23.51 -30.08
CA PHE B 497 -22.47 23.68 -31.29
C PHE B 497 -22.64 22.27 -31.84
N ASP B 498 -23.89 21.83 -31.98
CA ASP B 498 -24.17 20.49 -32.47
C ASP B 498 -23.60 20.19 -33.85
N ASN B 499 -22.76 21.10 -34.36
CA ASN B 499 -22.14 20.91 -35.66
C ASN B 499 -20.68 20.55 -35.46
N GLY B 500 -20.25 20.59 -34.19
CA GLY B 500 -18.87 20.29 -33.86
C GLY B 500 -18.18 21.44 -33.17
N VAL B 501 -17.75 22.42 -33.96
CA VAL B 501 -17.06 23.62 -33.45
C VAL B 501 -17.38 23.87 -31.98
N THR B 502 -16.34 24.01 -31.18
CA THR B 502 -16.53 24.24 -29.77
C THR B 502 -15.65 25.36 -29.26
N PRO B 503 -16.27 26.47 -28.82
CA PRO B 503 -15.56 27.62 -28.29
C PRO B 503 -15.47 27.39 -26.78
N TYR B 504 -14.42 27.92 -26.17
CA TYR B 504 -14.23 27.73 -24.75
C TYR B 504 -13.18 28.69 -24.21
N PHE B 505 -13.07 28.68 -22.89
CA PHE B 505 -12.09 29.48 -22.17
C PHE B 505 -11.90 28.80 -20.82
N SER B 506 -10.71 28.93 -20.25
CA SER B 506 -10.45 28.31 -18.96
C SER B 506 -9.31 28.96 -18.18
N TYR B 507 -9.40 28.78 -16.86
CA TYR B 507 -8.39 29.29 -15.96
C TYR B 507 -7.74 28.08 -15.32
N SER B 508 -6.42 28.00 -15.43
CA SER B 508 -5.67 26.87 -14.87
C SER B 508 -4.48 27.27 -14.00
N GLU B 509 -4.34 26.57 -12.87
CA GLU B 509 -3.24 26.81 -11.94
C GLU B 509 -2.14 25.74 -11.96
N SER B 510 -0.95 26.10 -11.47
CA SER B 510 0.20 25.20 -11.43
C SER B 510 1.16 25.64 -10.34
N PHE B 511 2.15 24.80 -10.06
CA PHE B 511 3.15 25.09 -9.04
C PHE B 511 4.24 24.03 -9.04
N GLU B 512 5.48 24.47 -8.81
CA GLU B 512 6.61 23.56 -8.76
C GLU B 512 7.57 24.05 -7.71
N PRO B 513 7.91 23.18 -6.75
CA PRO B 513 8.83 23.57 -5.67
C PRO B 513 10.27 23.77 -6.15
N SER B 514 11.05 24.47 -5.34
CA SER B 514 12.44 24.70 -5.70
C SER B 514 13.36 23.78 -4.93
N SER B 515 14.43 23.34 -5.58
CA SER B 515 15.40 22.46 -4.97
C SER B 515 16.60 23.26 -4.48
N GLN B 516 16.63 24.54 -4.81
CA GLN B 516 17.74 25.39 -4.42
C GLN B 516 17.56 26.01 -3.04
N VAL B 517 18.68 26.36 -2.42
CA VAL B 517 18.69 26.95 -1.09
C VAL B 517 19.00 28.45 -1.16
N GLY B 518 18.49 29.21 -0.20
CA GLY B 518 18.72 30.65 -0.17
C GLY B 518 19.79 31.08 0.82
N LYS B 519 19.94 32.38 1.01
CA LYS B 519 20.95 32.89 1.93
C LYS B 519 20.57 32.53 3.36
N ASP B 520 19.29 32.23 3.57
CA ASP B 520 18.79 31.86 4.89
C ASP B 520 19.12 30.41 5.22
N GLY B 521 19.44 29.65 4.18
CA GLY B 521 19.77 28.25 4.38
C GLY B 521 18.57 27.33 4.22
N ASN B 522 17.50 27.87 3.64
CA ASN B 522 16.27 27.10 3.43
C ASN B 522 15.88 27.10 1.97
N ILE B 523 15.29 26.00 1.51
CA ILE B 523 14.84 25.89 0.11
C ILE B 523 13.71 26.88 -0.15
N PHE B 524 13.76 27.53 -1.30
CA PHE B 524 12.76 28.53 -1.66
C PHE B 524 11.33 28.04 -1.73
N ALA B 525 10.40 28.99 -1.83
CA ALA B 525 8.98 28.66 -1.92
C ALA B 525 8.64 28.19 -3.33
N PRO B 526 7.63 27.33 -3.46
CA PRO B 526 7.26 26.83 -4.79
C PRO B 526 6.88 27.98 -5.69
N SER B 527 7.29 27.93 -6.95
CA SER B 527 6.94 28.98 -7.89
C SER B 527 5.51 28.66 -8.32
N LYS B 528 4.78 29.66 -8.79
CA LYS B 528 3.41 29.41 -9.20
C LYS B 528 3.13 29.75 -10.64
N GLY B 529 2.14 29.08 -11.21
CA GLY B 529 1.80 29.33 -12.59
C GLY B 529 0.32 29.55 -12.83
N LYS B 530 -0.01 30.72 -13.33
CA LYS B 530 -1.40 31.05 -13.61
C LYS B 530 -1.54 31.21 -15.12
N GLN B 531 -2.69 30.82 -15.65
CA GLN B 531 -2.91 30.91 -17.08
C GLN B 531 -4.39 31.00 -17.45
N TYR B 532 -4.68 31.92 -18.37
CA TYR B 532 -6.03 32.15 -18.88
C TYR B 532 -5.90 31.79 -20.34
N GLU B 533 -6.94 31.17 -20.90
CA GLU B 533 -6.87 30.78 -22.29
C GLU B 533 -8.24 30.86 -22.93
N VAL B 534 -8.26 31.16 -24.22
CA VAL B 534 -9.48 31.26 -25.01
C VAL B 534 -9.26 30.60 -26.36
N GLY B 535 -10.23 29.80 -26.80
CA GLY B 535 -10.08 29.16 -28.10
C GLY B 535 -11.29 28.36 -28.57
N VAL B 536 -11.16 27.80 -29.76
CA VAL B 536 -12.21 26.98 -30.34
C VAL B 536 -11.62 25.72 -30.95
N LYS B 537 -12.38 24.62 -30.84
CA LYS B 537 -11.96 23.33 -31.36
C LYS B 537 -13.02 22.78 -32.31
N TYR B 538 -12.60 22.41 -33.50
CA TYR B 538 -13.54 21.84 -34.45
C TYR B 538 -13.34 20.34 -34.51
N VAL B 539 -14.33 19.59 -34.05
CA VAL B 539 -14.29 18.14 -34.07
C VAL B 539 -15.65 17.62 -34.50
N PRO B 540 -15.87 17.51 -35.83
CA PRO B 540 -17.12 17.03 -36.38
C PRO B 540 -17.45 15.57 -36.11
N GLU B 541 -18.48 15.07 -36.79
CA GLU B 541 -18.91 13.69 -36.64
C GLU B 541 -18.71 13.05 -38.00
N ASP B 542 -19.11 13.78 -39.04
CA ASP B 542 -18.98 13.31 -40.41
C ASP B 542 -17.58 12.75 -40.65
N ARG B 543 -16.61 13.64 -40.74
CA ARG B 543 -15.23 13.25 -40.99
C ARG B 543 -14.32 13.25 -39.78
N PRO B 544 -13.20 12.53 -39.87
CA PRO B 544 -12.22 12.47 -38.78
C PRO B 544 -11.29 13.66 -38.99
N ILE B 545 -11.64 14.77 -38.37
CA ILE B 545 -10.89 16.00 -38.47
C ILE B 545 -10.76 16.61 -37.10
N VAL B 546 -9.72 17.40 -36.87
CA VAL B 546 -9.53 18.06 -35.59
C VAL B 546 -8.73 19.34 -35.74
N VAL B 547 -9.46 20.42 -36.00
CA VAL B 547 -8.82 21.72 -36.12
C VAL B 547 -8.97 22.37 -34.76
N THR B 548 -7.88 22.97 -34.29
CA THR B 548 -7.89 23.60 -32.99
C THR B 548 -7.03 24.84 -32.99
N GLY B 549 -7.56 25.92 -32.43
CA GLY B 549 -6.82 27.15 -32.33
C GLY B 549 -6.99 27.66 -30.91
N ALA B 550 -6.03 28.43 -30.42
CA ALA B 550 -6.14 28.95 -29.07
C ALA B 550 -5.21 30.13 -28.82
N VAL B 551 -5.60 30.97 -27.88
CA VAL B 551 -4.81 32.13 -27.48
C VAL B 551 -4.73 32.09 -25.96
N TYR B 552 -3.54 32.32 -25.42
CA TYR B 552 -3.35 32.22 -23.98
C TYR B 552 -2.40 33.24 -23.38
N ASN B 553 -2.38 33.24 -22.06
CA ASN B 553 -1.51 34.10 -21.28
C ASN B 553 -1.16 33.29 -20.04
N LEU B 554 0.08 32.84 -19.99
CA LEU B 554 0.61 32.03 -18.91
C LEU B 554 1.70 32.80 -18.17
N THR B 555 1.68 32.75 -16.83
CA THR B 555 2.70 33.44 -16.05
C THR B 555 3.15 32.71 -14.78
N LYS B 556 4.45 32.47 -14.74
CA LYS B 556 5.11 31.79 -13.64
C LYS B 556 5.47 32.92 -12.70
N THR B 557 5.19 32.74 -11.41
CA THR B 557 5.51 33.78 -10.42
C THR B 557 6.43 33.20 -9.35
N ASN B 558 7.19 34.07 -8.69
CA ASN B 558 8.13 33.70 -7.65
C ASN B 558 9.30 32.95 -8.27
N ASN B 559 9.53 33.21 -9.55
CA ASN B 559 10.63 32.59 -10.24
C ASN B 559 11.88 33.19 -9.62
N LEU B 560 12.84 32.37 -9.21
CA LEU B 560 14.06 32.88 -8.57
C LEU B 560 14.88 33.75 -9.49
N MET B 561 15.47 34.81 -8.94
CA MET B 561 16.32 35.73 -9.69
C MET B 561 17.51 36.11 -8.81
N ALA B 562 18.53 36.73 -9.40
CA ALA B 562 19.74 37.11 -8.68
C ALA B 562 19.56 38.07 -7.50
N ASP B 563 20.53 38.07 -6.60
CA ASP B 563 20.51 38.94 -5.42
C ASP B 563 21.00 40.33 -5.78
N PRO B 564 20.16 41.35 -5.55
CA PRO B 564 20.56 42.73 -5.86
C PRO B 564 21.78 43.13 -5.03
N GLU B 565 21.82 42.67 -3.79
CA GLU B 565 22.92 42.96 -2.88
C GLU B 565 24.11 42.06 -3.22
N GLY B 566 24.39 41.93 -4.52
CA GLY B 566 25.51 41.11 -4.99
C GLY B 566 25.85 39.92 -4.12
N SER B 567 25.36 38.75 -4.51
CA SER B 567 25.64 37.54 -3.74
C SER B 567 25.70 36.30 -4.63
N PHE B 568 26.09 35.17 -4.04
CA PHE B 568 26.19 33.92 -4.76
C PHE B 568 24.90 33.11 -4.60
N PHE B 569 23.91 33.73 -3.97
CA PHE B 569 22.60 33.11 -3.73
C PHE B 569 21.56 33.80 -4.62
N SER B 570 20.47 33.12 -4.91
CA SER B 570 19.42 33.70 -5.74
C SER B 570 18.33 34.26 -4.84
N VAL B 571 17.33 34.92 -5.44
CA VAL B 571 16.24 35.53 -4.67
C VAL B 571 14.88 35.31 -5.33
N GLU B 572 13.88 34.91 -4.55
CA GLU B 572 12.57 34.70 -5.14
C GLU B 572 11.86 36.00 -5.51
N GLY B 573 10.55 35.90 -5.79
CA GLY B 573 9.76 37.06 -6.13
C GLY B 573 9.86 37.52 -7.57
N GLY B 574 10.19 36.60 -8.47
CA GLY B 574 10.32 36.96 -9.88
C GLY B 574 9.09 36.57 -10.67
N GLU B 575 9.10 36.86 -11.95
CA GLU B 575 7.98 36.53 -12.81
C GLU B 575 8.32 36.48 -14.29
N ILE B 576 7.80 35.48 -14.97
CA ILE B 576 7.99 35.30 -16.41
C ILE B 576 6.59 35.25 -17.01
N ARG B 577 6.50 35.66 -18.26
CA ARG B 577 5.20 35.64 -18.93
C ARG B 577 5.27 34.96 -20.28
N ALA B 578 4.27 34.10 -20.53
CA ALA B 578 4.16 33.39 -21.78
C ALA B 578 2.79 33.76 -22.30
N ARG B 579 2.77 34.35 -23.49
CA ARG B 579 1.51 34.78 -24.11
C ARG B 579 1.53 34.46 -25.60
N GLY B 580 0.38 34.12 -26.14
CA GLY B 580 0.34 33.82 -27.55
C GLY B 580 -0.84 33.02 -28.03
N VAL B 581 -0.73 32.56 -29.26
CA VAL B 581 -1.75 31.75 -29.89
C VAL B 581 -1.06 30.62 -30.61
N GLU B 582 -1.83 29.58 -30.88
CA GLU B 582 -1.34 28.41 -31.56
C GLU B 582 -2.52 27.68 -32.17
N ILE B 583 -2.33 27.22 -33.40
CA ILE B 583 -3.37 26.53 -34.11
C ILE B 583 -2.85 25.28 -34.79
N GLU B 584 -3.53 24.17 -34.55
CA GLU B 584 -3.16 22.90 -35.16
C GLU B 584 -4.37 22.32 -35.88
N ALA B 585 -4.08 21.40 -36.81
CA ALA B 585 -5.13 20.73 -37.57
C ALA B 585 -4.58 19.41 -38.13
N LYS B 586 -5.29 18.33 -37.84
CA LYS B 586 -4.92 17.01 -38.33
C LYS B 586 -6.20 16.43 -38.91
N ALA B 587 -6.09 15.77 -40.06
CA ALA B 587 -7.30 15.20 -40.65
C ALA B 587 -7.13 14.23 -41.82
N ALA B 588 -8.09 13.31 -41.91
CA ALA B 588 -8.15 12.31 -42.98
C ALA B 588 -9.10 12.89 -44.01
N LEU B 589 -8.64 13.88 -44.76
CA LEU B 589 -9.51 14.51 -45.74
C LEU B 589 -10.27 13.55 -46.61
N SER B 590 -9.57 12.70 -47.34
CA SER B 590 -10.23 11.73 -48.20
C SER B 590 -10.02 10.34 -47.66
N ALA B 591 -9.41 9.49 -48.47
CA ALA B 591 -9.10 8.13 -48.09
C ALA B 591 -7.73 7.92 -48.70
N SER B 592 -7.22 9.01 -49.28
CA SER B 592 -5.93 8.99 -49.92
C SER B 592 -5.13 10.20 -49.50
N VAL B 593 -5.78 11.10 -48.77
CA VAL B 593 -5.13 12.31 -48.31
C VAL B 593 -5.15 12.45 -46.81
N ASN B 594 -3.99 12.78 -46.25
CA ASN B 594 -3.85 13.00 -44.82
C ASN B 594 -3.06 14.29 -44.75
N VAL B 595 -3.48 15.19 -43.88
CA VAL B 595 -2.82 16.46 -43.72
C VAL B 595 -2.65 16.82 -42.26
N VAL B 596 -1.46 17.31 -41.92
CA VAL B 596 -1.16 17.68 -40.55
C VAL B 596 -0.45 19.03 -40.57
N GLY B 597 -0.83 19.92 -39.66
CA GLY B 597 -0.20 21.23 -39.65
C GLY B 597 -0.50 22.11 -38.46
N SER B 598 0.27 23.19 -38.33
CA SER B 598 0.07 24.10 -37.22
C SER B 598 0.89 25.37 -37.34
N TYR B 599 0.63 26.27 -36.40
CA TYR B 599 1.34 27.53 -36.30
C TYR B 599 1.46 27.83 -34.83
N THR B 600 2.58 28.40 -34.44
CA THR B 600 2.80 28.72 -33.05
C THR B 600 3.31 30.14 -32.88
N TYR B 601 2.71 30.87 -31.94
CA TYR B 601 3.14 32.23 -31.66
C TYR B 601 3.40 32.32 -30.17
N THR B 602 4.67 32.43 -29.81
CA THR B 602 5.03 32.51 -28.41
C THR B 602 5.78 33.79 -28.08
N ASP B 603 5.19 34.55 -27.16
CA ASP B 603 5.76 35.81 -26.70
C ASP B 603 6.15 35.50 -25.25
N ALA B 604 7.45 35.38 -25.02
CA ALA B 604 7.93 35.08 -23.67
C ALA B 604 8.80 36.23 -23.22
N GLU B 605 8.66 36.62 -21.97
CA GLU B 605 9.44 37.74 -21.47
C GLU B 605 9.50 37.81 -19.95
N TYR B 606 10.66 38.23 -19.44
CA TYR B 606 10.87 38.40 -18.01
C TYR B 606 10.13 39.67 -17.64
N THR B 607 9.22 39.56 -16.69
CA THR B 607 8.43 40.67 -16.23
C THR B 607 9.07 41.32 -15.01
N THR B 608 9.41 40.49 -14.02
CA THR B 608 10.02 40.97 -12.81
C THR B 608 11.32 40.23 -12.56
N ASP B 609 12.41 40.65 -13.20
CA ASP B 609 13.67 39.98 -12.96
C ASP B 609 14.76 40.95 -12.51
N THR B 610 15.65 40.45 -11.67
CA THR B 610 16.76 41.23 -11.13
C THR B 610 17.84 41.61 -12.14
N THR B 611 17.95 40.87 -13.23
CA THR B 611 18.98 41.16 -14.22
C THR B 611 18.57 40.97 -15.68
N TYR B 612 17.44 40.33 -15.92
CA TYR B 612 17.00 40.08 -17.30
C TYR B 612 15.65 40.66 -17.69
N LYS B 613 15.14 41.63 -16.92
CA LYS B 613 13.84 42.20 -17.23
C LYS B 613 13.78 42.59 -18.71
N GLY B 614 12.57 42.52 -19.28
CA GLY B 614 12.40 42.87 -20.69
C GLY B 614 13.04 41.96 -21.71
N ASN B 615 13.62 40.85 -21.24
CA ASN B 615 14.26 39.89 -22.13
C ASN B 615 13.44 38.61 -22.22
N THR B 616 13.59 37.92 -23.34
CA THR B 616 12.89 36.67 -23.60
C THR B 616 13.80 35.49 -23.25
N PRO B 617 13.25 34.45 -22.62
CA PRO B 617 14.02 33.26 -22.24
C PRO B 617 14.69 32.57 -23.42
N ALA B 618 15.93 32.16 -23.22
CA ALA B 618 16.69 31.50 -24.27
C ALA B 618 16.09 30.20 -24.76
N GLN B 619 16.27 29.94 -26.04
CA GLN B 619 15.80 28.72 -26.69
C GLN B 619 14.33 28.64 -27.07
N VAL B 620 13.49 29.50 -26.49
CA VAL B 620 12.09 29.48 -26.88
C VAL B 620 11.97 30.44 -28.06
N PRO B 621 11.52 29.94 -29.23
CA PRO B 621 11.35 30.75 -30.44
C PRO B 621 10.03 31.51 -30.42
N LYS B 622 9.95 32.58 -31.20
CA LYS B 622 8.74 33.39 -31.25
C LYS B 622 7.73 32.78 -32.22
N HIS B 623 8.24 32.32 -33.36
CA HIS B 623 7.41 31.72 -34.40
C HIS B 623 7.78 30.28 -34.75
N MET B 624 6.75 29.46 -34.93
CA MET B 624 6.88 28.05 -35.30
C MET B 624 5.71 27.68 -36.21
N ALA B 625 6.02 26.94 -37.27
CA ALA B 625 4.99 26.52 -38.20
C ALA B 625 5.34 25.14 -38.74
N SER B 626 4.33 24.37 -39.11
CA SER B 626 4.55 23.04 -39.63
C SER B 626 3.41 22.61 -40.53
N LEU B 627 3.76 21.92 -41.62
CA LEU B 627 2.78 21.45 -42.57
C LEU B 627 3.28 20.18 -43.27
N TRP B 628 2.42 19.16 -43.32
CA TRP B 628 2.78 17.90 -43.95
C TRP B 628 1.54 17.17 -44.45
N ALA B 629 1.69 16.52 -45.60
CA ALA B 629 0.60 15.79 -46.22
C ALA B 629 1.15 14.67 -47.09
N ASP B 630 0.40 13.57 -47.14
CA ASP B 630 0.76 12.42 -47.95
C ASP B 630 -0.45 12.02 -48.77
N TYR B 631 -0.16 11.40 -49.91
CA TYR B 631 -1.20 10.98 -50.84
C TYR B 631 -1.01 9.51 -51.19
N THR B 632 -2.09 8.75 -51.13
CA THR B 632 -2.02 7.34 -51.44
C THR B 632 -2.71 7.08 -52.77
N PHE B 633 -2.17 6.14 -53.53
CA PHE B 633 -2.74 5.77 -54.82
C PHE B 633 -3.49 4.46 -54.63
N PHE B 634 -4.75 4.42 -55.05
CA PHE B 634 -5.53 3.20 -54.91
C PHE B 634 -5.87 2.50 -56.21
N ASP B 635 -5.90 3.26 -57.29
CA ASP B 635 -6.21 2.70 -58.60
C ASP B 635 -4.99 2.88 -59.50
N GLY B 636 -5.06 2.32 -60.70
CA GLY B 636 -3.95 2.44 -61.63
C GLY B 636 -2.69 1.77 -61.13
N PRO B 637 -1.61 1.80 -61.93
CA PRO B 637 -0.30 1.21 -61.61
C PRO B 637 0.24 1.50 -60.22
N LEU B 638 0.27 2.77 -59.86
CA LEU B 638 0.79 3.19 -58.56
C LEU B 638 -0.05 2.72 -57.37
N SER B 639 -1.09 1.95 -57.63
CA SER B 639 -1.95 1.45 -56.56
C SER B 639 -1.14 0.92 -55.39
N GLY B 640 -1.21 1.61 -54.25
CA GLY B 640 -0.48 1.18 -53.08
C GLY B 640 0.61 2.15 -52.66
N LEU B 641 1.16 2.84 -53.64
CA LEU B 641 2.20 3.81 -53.39
C LEU B 641 1.62 4.93 -52.56
N THR B 642 2.44 5.49 -51.69
CA THR B 642 2.05 6.60 -50.85
C THR B 642 3.20 7.57 -50.91
N LEU B 643 2.88 8.84 -51.12
CA LEU B 643 3.90 9.86 -51.22
C LEU B 643 3.68 10.97 -50.21
N GLY B 644 4.65 11.19 -49.34
CA GLY B 644 4.52 12.22 -48.35
C GLY B 644 5.64 13.23 -48.40
N THR B 645 5.33 14.45 -47.98
CA THR B 645 6.30 15.53 -47.95
C THR B 645 5.81 16.59 -46.95
N GLY B 646 6.74 17.29 -46.33
CA GLY B 646 6.36 18.30 -45.36
C GLY B 646 7.49 19.23 -44.97
N GLY B 647 7.16 20.22 -44.14
CA GLY B 647 8.16 21.18 -43.71
C GLY B 647 7.90 21.68 -42.30
N ARG B 648 9.00 22.02 -41.63
CA ARG B 648 8.90 22.52 -40.26
C ARG B 648 9.74 23.78 -40.13
N TYR B 649 9.07 24.88 -39.80
CA TYR B 649 9.74 26.17 -39.66
C TYR B 649 9.95 26.55 -38.21
N THR B 650 11.16 27.00 -37.91
CA THR B 650 11.50 27.42 -36.55
C THR B 650 12.06 28.83 -36.61
N GLY B 651 11.47 29.73 -35.82
CA GLY B 651 11.91 31.11 -35.79
C GLY B 651 13.25 31.29 -35.11
N SER B 652 13.77 32.52 -35.16
CA SER B 652 15.04 32.85 -34.55
C SER B 652 14.84 32.87 -33.04
N SER B 653 15.92 32.70 -32.29
CA SER B 653 15.85 32.69 -30.84
C SER B 653 17.12 33.30 -30.24
N TYR B 654 17.08 33.64 -28.96
CA TYR B 654 18.23 34.21 -28.28
C TYR B 654 19.06 33.09 -27.70
N GLY B 655 20.38 33.22 -27.78
CA GLY B 655 21.22 32.15 -27.26
C GLY B 655 21.66 32.27 -25.82
N ASP B 656 21.00 33.10 -25.04
CA ASP B 656 21.37 33.26 -23.63
C ASP B 656 20.45 34.27 -22.97
N PRO B 657 20.29 34.18 -21.64
CA PRO B 657 19.44 35.10 -20.87
C PRO B 657 19.76 36.55 -21.12
N ALA B 658 21.03 36.86 -21.32
CA ALA B 658 21.44 38.23 -21.56
C ALA B 658 20.94 38.68 -22.93
N ASN B 659 20.29 37.75 -23.65
CA ASN B 659 19.78 38.02 -24.98
C ASN B 659 20.84 38.73 -25.81
N SER B 660 22.06 38.22 -25.69
CA SER B 660 23.21 38.75 -26.40
C SER B 660 23.12 38.52 -27.91
N PHE B 661 23.40 37.29 -28.33
CA PHE B 661 23.37 36.91 -29.74
C PHE B 661 22.07 36.20 -30.05
N LYS B 662 21.82 35.93 -31.32
CA LYS B 662 20.59 35.23 -31.69
C LYS B 662 20.80 34.07 -32.65
N VAL B 663 20.15 32.95 -32.35
CA VAL B 663 20.25 31.78 -33.19
C VAL B 663 19.32 32.01 -34.39
N GLY B 664 19.80 31.67 -35.58
CA GLY B 664 19.02 31.87 -36.78
C GLY B 664 17.73 31.07 -36.90
N SER B 665 16.94 31.40 -37.92
CA SER B 665 15.68 30.71 -38.17
C SER B 665 15.95 29.68 -39.27
N TYR B 666 15.29 28.53 -39.16
CA TYR B 666 15.49 27.47 -40.14
C TYR B 666 14.22 26.75 -40.56
N THR B 667 14.24 26.20 -41.77
CA THR B 667 13.12 25.45 -42.33
C THR B 667 13.65 24.17 -42.93
N VAL B 668 13.12 23.04 -42.50
CA VAL B 668 13.58 21.77 -43.03
C VAL B 668 12.40 21.02 -43.64
N VAL B 669 12.71 20.15 -44.59
CA VAL B 669 11.67 19.38 -45.26
C VAL B 669 11.84 17.89 -45.04
N ASP B 670 10.72 17.19 -44.95
CA ASP B 670 10.75 15.75 -44.75
C ASP B 670 10.01 15.11 -45.91
N ALA B 671 10.28 13.84 -46.18
CA ALA B 671 9.64 13.19 -47.29
C ALA B 671 9.37 11.71 -47.07
N LEU B 672 8.36 11.19 -47.77
CA LEU B 672 7.96 9.81 -47.64
C LEU B 672 7.62 9.06 -48.94
N VAL B 673 8.09 7.82 -49.05
CA VAL B 673 7.79 6.96 -50.19
C VAL B 673 7.51 5.57 -49.64
N ARG B 674 6.27 5.11 -49.78
CA ARG B 674 5.90 3.80 -49.23
C ARG B 674 5.02 2.93 -50.11
N TYR B 675 5.52 1.77 -50.51
CA TYR B 675 4.73 0.88 -51.35
C TYR B 675 4.10 -0.21 -50.50
N ASP B 676 2.81 -0.41 -50.70
CA ASP B 676 2.05 -1.41 -49.95
C ASP B 676 2.13 -2.77 -50.62
N LEU B 677 2.95 -3.64 -50.05
CA LEU B 677 3.15 -4.98 -50.57
C LEU B 677 1.89 -5.82 -50.69
N ALA B 678 0.74 -5.26 -50.36
CA ALA B 678 -0.51 -6.01 -50.46
C ALA B 678 -0.81 -6.31 -51.93
N ARG B 679 -0.26 -5.48 -52.81
CA ARG B 679 -0.46 -5.67 -54.25
C ARG B 679 0.29 -6.93 -54.67
N VAL B 680 0.93 -7.58 -53.69
CA VAL B 680 1.70 -8.80 -53.94
C VAL B 680 1.46 -9.85 -52.83
N GLY B 681 0.19 -10.06 -52.52
CA GLY B 681 -0.16 -11.04 -51.51
C GLY B 681 0.09 -10.70 -50.06
N MET B 682 0.77 -9.59 -49.79
CA MET B 682 1.05 -9.23 -48.41
C MET B 682 0.43 -7.91 -47.96
N ALA B 683 -0.84 -7.97 -47.54
CA ALA B 683 -1.54 -6.79 -47.07
C ALA B 683 -0.76 -6.20 -45.92
N GLY B 684 -1.01 -4.93 -45.61
CA GLY B 684 -0.31 -4.27 -44.52
C GLY B 684 1.16 -4.07 -44.81
N SER B 685 1.93 -5.15 -44.73
CA SER B 685 3.37 -5.10 -44.99
C SER B 685 3.73 -4.17 -46.13
N ASN B 686 4.72 -3.33 -45.89
CA ASN B 686 5.18 -2.41 -46.91
C ASN B 686 6.66 -2.12 -46.77
N VAL B 687 7.19 -1.43 -47.76
CA VAL B 687 8.60 -1.07 -47.81
C VAL B 687 8.61 0.42 -48.11
N ALA B 688 9.32 1.20 -47.33
CA ALA B 688 9.31 2.63 -47.57
C ALA B 688 10.61 3.35 -47.23
N LEU B 689 10.78 4.50 -47.86
CA LEU B 689 11.94 5.36 -47.63
C LEU B 689 11.45 6.58 -46.87
N HIS B 690 12.16 6.89 -45.81
CA HIS B 690 11.83 8.05 -44.99
C HIS B 690 13.00 8.99 -45.07
N VAL B 691 12.72 10.26 -45.27
CA VAL B 691 13.80 11.21 -45.34
C VAL B 691 13.51 12.39 -44.46
N ASN B 692 14.46 12.69 -43.58
CA ASN B 692 14.35 13.80 -42.64
C ASN B 692 15.40 14.84 -43.05
N ASN B 693 14.93 16.08 -43.21
CA ASN B 693 15.80 17.16 -43.65
C ASN B 693 16.32 16.75 -45.01
N LEU B 694 15.44 16.86 -45.98
CA LEU B 694 15.73 16.50 -47.37
C LEU B 694 16.95 17.22 -47.94
N PHE B 695 16.91 18.55 -47.92
CA PHE B 695 18.00 19.34 -48.48
C PHE B 695 19.21 19.52 -47.56
N ASP B 696 19.44 18.51 -46.72
CA ASP B 696 20.55 18.51 -45.78
C ASP B 696 20.98 19.91 -45.39
N ARG B 697 20.05 20.65 -44.81
CA ARG B 697 20.31 22.01 -44.37
C ARG B 697 21.33 21.91 -43.23
N GLU B 698 22.21 22.89 -43.14
CA GLU B 698 23.22 22.92 -42.08
C GLU B 698 22.75 23.98 -41.11
N TYR B 699 22.15 23.59 -40.00
CA TYR B 699 21.65 24.59 -39.07
C TYR B 699 21.90 24.35 -37.59
N VAL B 700 21.80 25.42 -36.82
CA VAL B 700 21.98 25.34 -35.38
C VAL B 700 20.59 25.39 -34.78
N ALA B 701 20.27 24.38 -33.97
CA ALA B 701 18.97 24.29 -33.33
C ALA B 701 18.79 25.38 -32.28
N SER B 702 19.81 25.57 -31.44
CA SER B 702 19.74 26.59 -30.40
C SER B 702 20.99 26.60 -29.55
N CYS B 703 20.99 27.50 -28.56
CA CYS B 703 22.07 27.61 -27.60
C CYS B 703 21.35 28.02 -26.32
N PHE B 704 21.79 27.51 -25.19
CA PHE B 704 21.14 27.86 -23.94
C PHE B 704 21.97 28.95 -23.28
N ASN B 705 23.11 29.23 -23.90
CA ASN B 705 24.04 30.26 -23.45
C ASN B 705 25.16 30.29 -24.47
N THR B 706 25.81 31.45 -24.57
CA THR B 706 26.91 31.67 -25.51
C THR B 706 27.84 30.50 -25.72
N TYR B 707 27.99 29.67 -24.70
CA TYR B 707 28.89 28.53 -24.76
C TYR B 707 28.23 27.16 -24.89
N GLY B 708 26.91 27.14 -25.03
CA GLY B 708 26.23 25.87 -25.15
C GLY B 708 25.33 25.77 -26.35
N CYS B 709 25.91 25.54 -27.52
CA CYS B 709 25.12 25.42 -28.74
C CYS B 709 25.01 24.00 -29.25
N PHE B 710 24.09 23.78 -30.17
CA PHE B 710 23.85 22.45 -30.69
C PHE B 710 23.50 22.46 -32.18
N TRP B 711 24.14 21.60 -32.95
CA TRP B 711 23.86 21.53 -34.38
C TRP B 711 22.58 20.80 -34.65
N GLY B 712 21.83 21.24 -35.65
CA GLY B 712 20.59 20.56 -35.98
C GLY B 712 20.97 19.29 -36.72
N ALA B 713 20.06 18.34 -36.80
CA ALA B 713 20.33 17.07 -37.47
C ALA B 713 20.61 17.24 -38.95
N GLU B 714 21.62 16.53 -39.46
CA GLU B 714 21.97 16.59 -40.88
C GLU B 714 20.98 15.68 -41.62
N ARG B 715 20.93 15.74 -42.94
CA ARG B 715 20.01 14.88 -43.69
C ARG B 715 20.14 13.46 -43.15
N GLN B 716 19.01 12.81 -42.95
CA GLN B 716 19.01 11.46 -42.42
C GLN B 716 18.04 10.57 -43.18
N VAL B 717 18.55 9.56 -43.87
CA VAL B 717 17.70 8.67 -44.64
C VAL B 717 17.51 7.32 -43.95
N VAL B 718 16.27 6.85 -43.95
CA VAL B 718 15.96 5.57 -43.34
C VAL B 718 15.08 4.76 -44.28
N ALA B 719 15.51 3.54 -44.55
CA ALA B 719 14.73 2.65 -45.42
C ALA B 719 14.18 1.59 -44.49
N THR B 720 12.88 1.34 -44.60
CA THR B 720 12.28 0.35 -43.73
C THR B 720 11.45 -0.69 -44.44
N ALA B 721 11.28 -1.80 -43.73
CA ALA B 721 10.51 -2.92 -44.20
C ALA B 721 9.64 -3.33 -43.03
N THR B 722 8.34 -3.25 -43.21
CA THR B 722 7.40 -3.64 -42.17
C THR B 722 6.67 -4.88 -42.65
N PHE B 723 6.61 -5.90 -41.81
CA PHE B 723 5.94 -7.14 -42.18
C PHE B 723 4.91 -7.52 -41.13
N ARG B 724 3.65 -7.35 -41.45
CA ARG B 724 2.57 -7.72 -40.54
C ARG B 724 2.05 -9.07 -40.99
N PHE B 725 2.93 -10.08 -40.88
CA PHE B 725 2.64 -11.46 -41.26
C PHE B 725 1.16 -11.81 -41.14
N ARG C 148 -45.74 -12.60 6.62
CA ARG C 148 -45.47 -13.20 7.96
C ARG C 148 -44.24 -14.11 7.94
N ASN C 149 -43.10 -13.57 8.35
CA ASN C 149 -41.85 -14.33 8.38
C ASN C 149 -41.82 -15.36 9.48
N GLN C 150 -40.75 -16.14 9.53
CA GLN C 150 -40.60 -17.19 10.54
C GLN C 150 -39.41 -16.89 11.44
N PRO C 151 -39.54 -17.19 12.74
CA PRO C 151 -38.46 -16.93 13.70
C PRO C 151 -37.29 -17.88 13.51
N GLN C 152 -36.07 -17.31 13.53
CA GLN C 152 -34.82 -18.05 13.38
C GLN C 152 -34.57 -19.00 14.57
N TYR C 153 -34.13 -20.21 14.25
CA TYR C 153 -33.86 -21.20 15.27
C TYR C 153 -32.67 -20.77 16.12
N PRO C 154 -32.87 -20.58 17.44
CA PRO C 154 -31.82 -20.16 18.37
C PRO C 154 -30.59 -21.06 18.31
N ALA C 155 -29.42 -20.43 18.19
CA ALA C 155 -28.15 -21.15 18.11
C ALA C 155 -28.04 -22.27 19.17
N ARG C 156 -27.98 -21.87 20.44
CA ARG C 156 -27.86 -22.84 21.52
C ARG C 156 -28.71 -24.07 21.25
N ALA C 157 -29.95 -23.85 20.83
CA ALA C 157 -30.86 -24.95 20.56
C ALA C 157 -30.39 -25.66 19.31
N GLN C 158 -30.26 -24.91 18.24
CA GLN C 158 -29.80 -25.46 16.96
C GLN C 158 -28.55 -26.30 17.17
N ALA C 159 -28.00 -26.29 18.38
CA ALA C 159 -26.77 -27.01 18.66
C ALA C 159 -26.94 -28.20 19.58
N LEU C 160 -27.83 -28.06 20.54
CA LEU C 160 -28.08 -29.14 21.47
C LEU C 160 -29.25 -30.00 21.05
N ARG C 161 -29.64 -29.87 19.78
CA ARG C 161 -30.76 -30.64 19.24
C ARG C 161 -31.94 -30.66 20.20
N ILE C 162 -32.37 -29.48 20.66
CA ILE C 162 -33.51 -29.42 21.58
C ILE C 162 -34.64 -28.60 20.99
N GLU C 163 -35.80 -28.60 21.64
CA GLU C 163 -36.94 -27.86 21.12
C GLU C 163 -37.89 -27.38 22.20
N GLY C 164 -38.89 -26.62 21.77
CA GLY C 164 -39.89 -26.08 22.68
C GLY C 164 -40.96 -25.32 21.93
N GLN C 165 -41.95 -24.82 22.68
CA GLN C 165 -43.05 -24.04 22.10
C GLN C 165 -43.13 -22.68 22.78
N VAL C 166 -43.70 -21.69 22.09
CA VAL C 166 -43.81 -20.34 22.66
C VAL C 166 -45.17 -19.66 22.41
N LYS C 167 -45.80 -19.18 23.47
CA LYS C 167 -47.10 -18.51 23.35
C LYS C 167 -46.96 -16.98 23.36
N VAL C 168 -47.18 -16.35 22.21
CA VAL C 168 -47.08 -14.92 22.11
C VAL C 168 -48.46 -14.28 21.99
N LYS C 169 -48.60 -13.11 22.60
CA LYS C 169 -49.85 -12.35 22.58
C LYS C 169 -49.41 -10.95 22.17
N PHE C 170 -50.12 -10.34 21.22
CA PHE C 170 -49.71 -9.01 20.78
C PHE C 170 -50.78 -8.14 20.13
N ASP C 171 -50.37 -6.94 19.73
CA ASP C 171 -51.27 -5.98 19.10
C ASP C 171 -50.85 -5.66 17.68
N VAL C 172 -51.54 -4.72 17.06
CA VAL C 172 -51.26 -4.31 15.69
C VAL C 172 -51.38 -2.80 15.57
N THR C 173 -50.31 -2.13 15.16
CA THR C 173 -50.37 -0.68 14.99
C THR C 173 -51.03 -0.41 13.64
N PRO C 174 -51.99 0.53 13.60
CA PRO C 174 -52.73 0.90 12.38
C PRO C 174 -51.87 1.23 11.16
N ASP C 175 -51.19 0.22 10.62
CA ASP C 175 -50.34 0.40 9.45
C ASP C 175 -49.64 -0.90 9.03
N GLY C 176 -50.07 -2.01 9.62
CA GLY C 176 -49.48 -3.30 9.27
C GLY C 176 -48.57 -3.89 10.33
N ARG C 177 -47.65 -3.07 10.85
CA ARG C 177 -46.69 -3.48 11.88
C ARG C 177 -47.33 -4.17 13.09
N VAL C 178 -46.53 -4.28 14.16
CA VAL C 178 -46.97 -4.92 15.39
C VAL C 178 -46.54 -4.14 16.63
N ASP C 179 -47.15 -4.46 17.76
CA ASP C 179 -46.86 -3.79 19.03
C ASP C 179 -47.39 -4.63 20.20
N ASN C 180 -47.14 -4.18 21.43
CA ASN C 180 -47.58 -4.88 22.63
C ASN C 180 -47.13 -6.34 22.63
N VAL C 181 -45.83 -6.54 22.39
CA VAL C 181 -45.23 -7.87 22.35
C VAL C 181 -45.23 -8.49 23.75
N GLN C 182 -45.76 -9.71 23.88
CA GLN C 182 -45.80 -10.39 25.17
C GLN C 182 -45.58 -11.89 25.04
N ILE C 183 -44.94 -12.48 26.04
CA ILE C 183 -44.70 -13.94 26.02
C ILE C 183 -45.50 -14.59 27.14
N LEU C 184 -46.56 -15.31 26.75
CA LEU C 184 -47.41 -16.01 27.70
C LEU C 184 -46.59 -17.13 28.34
N SER C 185 -46.68 -18.33 27.75
CA SER C 185 -45.93 -19.47 28.25
C SER C 185 -44.84 -19.82 27.23
N ALA C 186 -43.77 -20.46 27.70
CA ALA C 186 -42.67 -20.83 26.81
C ALA C 186 -41.77 -21.93 27.37
N LYS C 187 -42.15 -23.19 27.15
CA LYS C 187 -41.35 -24.31 27.63
C LYS C 187 -40.41 -24.76 26.51
N PRO C 188 -39.11 -24.84 26.79
CA PRO C 188 -38.45 -24.56 28.06
C PRO C 188 -38.21 -23.06 28.24
N ALA C 189 -37.76 -22.67 29.44
CA ALA C 189 -37.48 -21.27 29.79
C ALA C 189 -36.59 -20.50 28.82
N ASN C 190 -35.88 -19.50 29.33
CA ASN C 190 -35.00 -18.68 28.50
C ASN C 190 -34.28 -19.46 27.41
N MET C 191 -34.78 -19.38 26.17
CA MET C 191 -34.16 -20.09 25.05
C MET C 191 -34.60 -19.60 23.69
N PHE C 192 -35.89 -19.35 23.53
CA PHE C 192 -36.40 -18.87 22.25
C PHE C 192 -37.01 -17.48 22.33
N GLU C 193 -37.33 -17.05 23.55
CA GLU C 193 -37.90 -15.74 23.80
C GLU C 193 -37.37 -14.68 22.81
N ARG C 194 -36.25 -14.07 23.19
CA ARG C 194 -35.64 -13.03 22.36
C ARG C 194 -35.67 -13.40 20.88
N GLU C 195 -35.46 -14.67 20.57
CA GLU C 195 -35.47 -15.07 19.17
C GLU C 195 -36.80 -14.77 18.49
N VAL C 196 -37.89 -14.93 19.22
CA VAL C 196 -39.23 -14.67 18.69
C VAL C 196 -39.49 -13.18 18.61
N LYS C 197 -39.26 -12.46 19.70
CA LYS C 197 -39.47 -11.01 19.72
C LYS C 197 -38.79 -10.40 18.50
N ASN C 198 -37.55 -10.78 18.25
CA ASN C 198 -36.78 -10.25 17.12
C ASN C 198 -37.35 -10.66 15.77
N ALA C 199 -38.11 -11.76 15.75
CA ALA C 199 -38.70 -12.24 14.50
C ALA C 199 -40.02 -11.51 14.18
N MET C 200 -40.73 -11.10 15.23
CA MET C 200 -41.98 -10.38 15.07
C MET C 200 -41.69 -8.90 14.86
N ARG C 201 -40.49 -8.60 14.35
CA ARG C 201 -40.09 -7.22 14.12
C ARG C 201 -40.33 -6.81 12.68
N ARG C 202 -39.94 -7.66 11.74
CA ARG C 202 -40.13 -7.35 10.32
C ARG C 202 -41.47 -7.82 9.78
N TRP C 203 -42.35 -8.26 10.69
CA TRP C 203 -43.67 -8.72 10.29
C TRP C 203 -44.48 -7.56 9.70
N ARG C 204 -45.42 -7.87 8.81
CA ARG C 204 -46.25 -6.86 8.16
C ARG C 204 -47.36 -7.47 7.29
N TYR C 205 -48.58 -6.92 7.41
CA TYR C 205 -49.72 -7.42 6.66
C TYR C 205 -50.77 -6.36 6.23
N GLU C 206 -51.85 -6.25 7.00
CA GLU C 206 -52.96 -5.32 6.69
C GLU C 206 -52.95 -3.95 7.41
N PRO C 207 -52.54 -2.89 6.71
CA PRO C 207 -52.48 -1.52 7.27
C PRO C 207 -53.87 -0.87 7.38
N GLY C 208 -54.22 -0.43 8.58
CA GLY C 208 -55.51 0.22 8.77
C GLY C 208 -56.59 -0.65 9.40
N LYS C 209 -56.30 -1.94 9.58
CA LYS C 209 -57.25 -2.87 10.18
C LYS C 209 -56.64 -3.57 11.39
N PRO C 210 -56.13 -2.80 12.37
CA PRO C 210 -55.51 -3.39 13.56
C PRO C 210 -56.48 -4.13 14.49
N GLY C 211 -55.90 -4.72 15.52
CA GLY C 211 -56.67 -5.47 16.50
C GLY C 211 -55.77 -5.76 17.69
N SER C 212 -56.33 -5.72 18.89
CA SER C 212 -55.54 -5.97 20.09
C SER C 212 -55.88 -7.32 20.73
N GLY C 213 -54.87 -7.94 21.31
CA GLY C 213 -55.06 -9.23 21.95
C GLY C 213 -55.23 -10.40 21.00
N ILE C 214 -54.11 -10.90 20.48
CA ILE C 214 -54.12 -12.04 19.57
C ILE C 214 -52.94 -12.97 19.83
N VAL C 215 -53.26 -14.23 20.13
CA VAL C 215 -52.26 -15.25 20.42
C VAL C 215 -51.86 -16.06 19.21
N VAL C 216 -50.59 -16.43 19.14
CA VAL C 216 -50.05 -17.23 18.04
C VAL C 216 -49.65 -18.63 18.46
N ASN C 217 -48.64 -18.74 19.31
CA ASN C 217 -48.18 -20.05 19.78
C ASN C 217 -47.36 -20.74 18.69
N ILE C 218 -46.04 -20.66 18.81
CA ILE C 218 -45.14 -21.26 17.84
C ILE C 218 -44.20 -22.33 18.40
N LEU C 219 -43.99 -23.39 17.63
CA LEU C 219 -43.14 -24.49 18.06
C LEU C 219 -41.89 -24.65 17.19
N PHE C 220 -40.76 -24.84 17.86
CA PHE C 220 -39.48 -25.04 17.16
C PHE C 220 -39.19 -26.54 17.14
N LYS C 221 -38.83 -27.05 15.97
CA LYS C 221 -38.53 -28.46 15.82
C LYS C 221 -37.25 -28.79 15.05
N ILE C 222 -36.67 -29.94 15.39
CA ILE C 222 -35.45 -30.43 14.76
C ILE C 222 -35.78 -31.66 13.92
N ASN C 223 -35.22 -31.72 12.72
CA ASN C 223 -35.44 -32.85 11.82
C ASN C 223 -35.94 -34.08 12.57
N GLY C 224 -35.01 -34.75 13.26
CA GLY C 224 -35.32 -35.95 14.00
C GLY C 224 -34.33 -37.01 13.56
N THR C 225 -33.78 -36.80 12.37
CA THR C 225 -32.80 -37.70 11.76
C THR C 225 -31.73 -36.84 11.05
N ARG D 148 -20.58 -19.38 -37.05
CA ARG D 148 -20.13 -18.45 -38.13
C ARG D 148 -20.14 -17.00 -37.66
N ASN D 149 -18.96 -16.51 -37.25
CA ASN D 149 -18.82 -15.15 -36.76
C ASN D 149 -18.92 -14.12 -37.89
N GLN D 150 -18.87 -12.84 -37.52
CA GLN D 150 -18.96 -11.75 -38.48
C GLN D 150 -17.67 -10.94 -38.51
N PRO D 151 -17.23 -10.51 -39.70
CA PRO D 151 -16.00 -9.72 -39.83
C PRO D 151 -16.13 -8.32 -39.26
N GLN D 152 -15.11 -7.91 -38.51
CA GLN D 152 -15.06 -6.59 -37.87
C GLN D 152 -14.94 -5.47 -38.89
N TYR D 153 -15.70 -4.40 -38.68
CA TYR D 153 -15.70 -3.26 -39.58
C TYR D 153 -14.35 -2.55 -39.52
N PRO D 154 -13.62 -2.50 -40.65
CA PRO D 154 -12.30 -1.86 -40.73
C PRO D 154 -12.31 -0.42 -40.22
N ALA D 155 -11.36 -0.11 -39.35
CA ALA D 155 -11.24 1.22 -38.77
C ALA D 155 -11.37 2.35 -39.81
N ARG D 156 -10.40 2.44 -40.70
CA ARG D 156 -10.41 3.46 -41.75
C ARG D 156 -11.81 3.69 -42.28
N ALA D 157 -12.52 2.60 -42.58
CA ALA D 157 -13.88 2.69 -43.09
C ALA D 157 -14.80 3.19 -41.99
N GLN D 158 -14.78 2.48 -40.86
CA GLN D 158 -15.59 2.85 -39.71
C GLN D 158 -15.42 4.34 -39.38
N ALA D 159 -14.48 4.99 -40.05
CA ALA D 159 -14.19 6.40 -39.78
C ALA D 159 -14.60 7.35 -40.90
N LEU D 160 -14.45 6.90 -42.14
CA LEU D 160 -14.80 7.73 -43.28
C LEU D 160 -16.21 7.43 -43.76
N ARG D 161 -16.98 6.77 -42.92
CA ARG D 161 -18.36 6.42 -43.25
C ARG D 161 -18.48 5.89 -44.68
N ILE D 162 -17.66 4.90 -45.02
CA ILE D 162 -17.71 4.32 -46.36
C ILE D 162 -18.06 2.83 -46.30
N GLU D 163 -18.28 2.23 -47.45
CA GLU D 163 -18.65 0.82 -47.48
C GLU D 163 -18.23 0.10 -48.75
N GLY D 164 -18.48 -1.21 -48.78
CA GLY D 164 -18.13 -2.01 -49.93
C GLY D 164 -18.56 -3.46 -49.75
N GLN D 165 -18.33 -4.27 -50.77
CA GLN D 165 -18.68 -5.70 -50.73
C GLN D 165 -17.44 -6.53 -51.01
N VAL D 166 -17.43 -7.78 -50.54
CA VAL D 166 -16.28 -8.67 -50.76
C VAL D 166 -16.66 -10.10 -51.13
N LYS D 167 -16.09 -10.60 -52.22
CA LYS D 167 -16.36 -11.97 -52.67
C LYS D 167 -15.25 -12.93 -52.26
N VAL D 168 -15.55 -13.81 -51.32
CA VAL D 168 -14.58 -14.79 -50.84
C VAL D 168 -14.92 -16.18 -51.34
N LYS D 169 -13.87 -16.94 -51.66
CA LYS D 169 -14.00 -18.31 -52.13
C LYS D 169 -13.05 -19.11 -51.25
N PHE D 170 -13.50 -20.24 -50.74
CA PHE D 170 -12.64 -21.02 -49.84
C PHE D 170 -12.95 -22.51 -49.71
N ASP D 171 -12.15 -23.17 -48.89
CA ASP D 171 -12.29 -24.60 -48.64
C ASP D 171 -12.62 -24.90 -47.19
N VAL D 172 -12.67 -26.18 -46.86
CA VAL D 172 -12.97 -26.62 -45.50
C VAL D 172 -12.08 -27.80 -45.12
N THR D 173 -11.30 -27.66 -44.06
CA THR D 173 -10.45 -28.75 -43.62
C THR D 173 -11.31 -29.72 -42.83
N PRO D 174 -11.21 -31.03 -43.11
CA PRO D 174 -11.98 -32.08 -42.44
C PRO D 174 -11.97 -32.05 -40.90
N ASP D 175 -12.58 -31.02 -40.33
CA ASP D 175 -12.65 -30.87 -38.88
C ASP D 175 -13.39 -29.60 -38.46
N GLY D 176 -14.06 -28.95 -39.42
CA GLY D 176 -14.81 -27.74 -39.11
C GLY D 176 -14.18 -26.46 -39.61
N ARG D 177 -12.88 -26.30 -39.35
CA ARG D 177 -12.11 -25.12 -39.75
C ARG D 177 -12.25 -24.74 -41.22
N VAL D 178 -11.36 -23.87 -41.69
CA VAL D 178 -11.36 -23.41 -43.07
C VAL D 178 -9.95 -23.36 -43.66
N ASP D 179 -9.88 -23.27 -44.99
CA ASP D 179 -8.60 -23.22 -45.71
C ASP D 179 -8.82 -22.69 -47.12
N ASN D 180 -7.73 -22.53 -47.88
CA ASN D 180 -7.79 -22.04 -49.25
C ASN D 180 -8.55 -20.72 -49.35
N VAL D 181 -8.15 -19.77 -48.50
CA VAL D 181 -8.75 -18.45 -48.44
C VAL D 181 -8.43 -17.66 -49.71
N GLN D 182 -9.46 -17.14 -50.37
CA GLN D 182 -9.26 -16.36 -51.59
C GLN D 182 -10.23 -15.19 -51.70
N ILE D 183 -9.77 -14.09 -52.30
CA ILE D 183 -10.62 -12.91 -52.50
C ILE D 183 -10.87 -12.71 -53.98
N LEU D 184 -12.11 -13.01 -54.40
CA LEU D 184 -12.51 -12.85 -55.79
C LEU D 184 -12.50 -11.35 -56.11
N SER D 185 -13.67 -10.71 -55.98
CA SER D 185 -13.80 -9.29 -56.23
C SER D 185 -14.02 -8.57 -54.90
N ALA D 186 -13.66 -7.29 -54.84
CA ALA D 186 -13.81 -6.52 -53.60
C ALA D 186 -13.80 -5.01 -53.83
N LYS D 187 -14.95 -4.44 -54.14
CA LYS D 187 -15.06 -2.99 -54.35
C LYS D 187 -15.48 -2.32 -53.04
N PRO D 188 -14.72 -1.32 -52.57
CA PRO D 188 -13.50 -0.78 -53.16
C PRO D 188 -12.26 -1.63 -52.84
N ALA D 189 -11.14 -1.30 -53.48
CA ALA D 189 -9.87 -2.01 -53.31
C ALA D 189 -9.42 -2.21 -51.86
N ASN D 190 -8.11 -2.31 -51.66
CA ASN D 190 -7.54 -2.51 -50.32
C ASN D 190 -8.28 -1.74 -49.22
N MET D 191 -9.13 -2.43 -48.47
CA MET D 191 -9.88 -1.79 -47.40
C MET D 191 -10.51 -2.78 -46.41
N PHE D 192 -11.07 -3.86 -46.92
CA PHE D 192 -11.70 -4.85 -46.05
C PHE D 192 -11.03 -6.21 -46.14
N GLU D 193 -10.25 -6.41 -47.20
CA GLU D 193 -9.53 -7.66 -47.41
C GLU D 193 -9.07 -8.29 -46.10
N ARG D 194 -7.89 -7.89 -45.66
CA ARG D 194 -7.32 -8.41 -44.43
C ARG D 194 -8.38 -8.55 -43.33
N GLU D 195 -9.28 -7.59 -43.24
CA GLU D 195 -10.31 -7.67 -42.21
C GLU D 195 -11.16 -8.93 -42.32
N VAL D 196 -11.42 -9.37 -43.54
CA VAL D 196 -12.22 -10.57 -43.78
C VAL D 196 -11.39 -11.82 -43.49
N LYS D 197 -10.20 -11.89 -44.09
CA LYS D 197 -9.32 -13.03 -43.88
C LYS D 197 -9.22 -13.34 -42.40
N ASN D 198 -8.96 -12.30 -41.61
CA ASN D 198 -8.82 -12.44 -40.16
C ASN D 198 -10.11 -12.88 -39.48
N ALA D 199 -11.24 -12.61 -40.11
CA ALA D 199 -12.54 -12.97 -39.54
C ALA D 199 -12.88 -14.44 -39.83
N MET D 200 -12.40 -14.93 -40.97
CA MET D 200 -12.65 -16.32 -41.35
C MET D 200 -11.60 -17.23 -40.69
N ARG D 201 -11.07 -16.77 -39.57
CA ARG D 201 -10.07 -17.52 -38.83
C ARG D 201 -10.67 -18.33 -37.71
N ARG D 202 -11.55 -17.71 -36.93
CA ARG D 202 -12.19 -18.41 -35.81
C ARG D 202 -13.48 -19.10 -36.21
N TRP D 203 -13.74 -19.16 -37.52
CA TRP D 203 -14.94 -19.82 -38.03
C TRP D 203 -14.88 -21.32 -37.71
N ARG D 204 -16.06 -21.94 -37.58
CA ARG D 204 -16.14 -23.37 -37.28
C ARG D 204 -17.58 -23.90 -37.31
N TYR D 205 -17.77 -25.06 -37.95
CA TYR D 205 -19.10 -25.66 -38.07
C TYR D 205 -19.15 -27.21 -38.04
N GLU D 206 -19.23 -27.83 -39.23
CA GLU D 206 -19.32 -29.29 -39.37
C GLU D 206 -18.01 -30.06 -39.64
N PRO D 207 -17.45 -30.71 -38.59
CA PRO D 207 -16.21 -31.49 -38.71
C PRO D 207 -16.42 -32.84 -39.41
N GLY D 208 -15.66 -33.10 -40.47
CA GLY D 208 -15.78 -34.36 -41.17
C GLY D 208 -16.58 -34.31 -42.47
N LYS D 209 -17.20 -33.17 -42.75
CA LYS D 209 -18.00 -33.00 -43.96
C LYS D 209 -17.52 -31.79 -44.77
N PRO D 210 -16.22 -31.75 -45.10
CA PRO D 210 -15.68 -30.64 -45.87
C PRO D 210 -16.18 -30.52 -47.31
N GLY D 211 -15.72 -29.47 -47.98
CA GLY D 211 -16.10 -29.21 -49.35
C GLY D 211 -15.21 -28.12 -49.89
N SER D 212 -14.81 -28.22 -51.16
CA SER D 212 -13.95 -27.22 -51.76
C SER D 212 -14.69 -26.34 -52.76
N GLY D 213 -14.29 -25.08 -52.83
CA GLY D 213 -14.92 -24.14 -53.75
C GLY D 213 -16.29 -23.66 -53.34
N ILE D 214 -16.33 -22.70 -52.42
CA ILE D 214 -17.61 -22.14 -51.95
C ILE D 214 -17.50 -20.64 -51.74
N VAL D 215 -18.35 -19.89 -52.44
CA VAL D 215 -18.35 -18.43 -52.35
C VAL D 215 -19.35 -17.90 -51.34
N VAL D 216 -18.98 -16.80 -50.69
CA VAL D 216 -19.84 -16.16 -49.69
C VAL D 216 -20.36 -14.80 -50.14
N ASN D 217 -19.46 -13.84 -50.31
CA ASN D 217 -19.86 -12.50 -50.73
C ASN D 217 -20.48 -11.73 -49.56
N ILE D 218 -19.68 -10.88 -48.93
CA ILE D 218 -20.15 -10.09 -47.78
C ILE D 218 -20.08 -8.58 -47.98
N LEU D 219 -21.10 -7.89 -47.48
CA LEU D 219 -21.18 -6.44 -47.60
C LEU D 219 -21.10 -5.72 -46.26
N PHE D 220 -20.30 -4.66 -46.22
CA PHE D 220 -20.15 -3.85 -45.02
C PHE D 220 -21.06 -2.64 -45.21
N LYS D 221 -21.97 -2.44 -44.26
CA LYS D 221 -22.93 -1.35 -44.34
C LYS D 221 -22.84 -0.27 -43.27
N ILE D 222 -23.22 0.94 -43.65
CA ILE D 222 -23.21 2.10 -42.76
C ILE D 222 -24.53 2.87 -42.88
N ASN D 223 -25.07 2.95 -44.10
CA ASN D 223 -26.32 3.64 -44.40
C ASN D 223 -26.71 4.72 -43.39
N GLY D 224 -27.35 4.32 -42.29
CA GLY D 224 -27.77 5.28 -41.28
C GLY D 224 -27.74 4.82 -39.83
N THR D 225 -28.89 4.96 -39.15
CA THR D 225 -29.04 4.58 -37.74
C THR D 225 -28.59 3.15 -37.45
#